data_1RNC
# 
_entry.id   1RNC 
# 
_audit_conform.dict_name       mmcif_pdbx.dic 
_audit_conform.dict_version    5.397 
_audit_conform.dict_location   http://mmcif.pdb.org/dictionaries/ascii/mmcif_pdbx.dic 
# 
loop_
_database_2.database_id 
_database_2.database_code 
_database_2.pdbx_database_accession 
_database_2.pdbx_DOI 
PDB   1RNC         pdb_00001rnc 10.2210/pdb1rnc/pdb 
WWPDB D_1000176133 ?            ?                   
# 
loop_
_pdbx_audit_revision_history.ordinal 
_pdbx_audit_revision_history.data_content_type 
_pdbx_audit_revision_history.major_revision 
_pdbx_audit_revision_history.minor_revision 
_pdbx_audit_revision_history.revision_date 
1 'Structure model' 1 0 1994-01-31 
2 'Structure model' 1 1 2008-03-03 
3 'Structure model' 1 2 2011-07-13 
4 'Structure model' 1 3 2024-10-09 
# 
_pdbx_audit_revision_details.ordinal             1 
_pdbx_audit_revision_details.revision_ordinal    1 
_pdbx_audit_revision_details.data_content_type   'Structure model' 
_pdbx_audit_revision_details.provider            repository 
_pdbx_audit_revision_details.type                'Initial release' 
_pdbx_audit_revision_details.description         ? 
_pdbx_audit_revision_details.details             ? 
# 
loop_
_pdbx_audit_revision_group.ordinal 
_pdbx_audit_revision_group.revision_ordinal 
_pdbx_audit_revision_group.data_content_type 
_pdbx_audit_revision_group.group 
1 2 'Structure model' 'Version format compliance' 
2 3 'Structure model' 'Version format compliance' 
3 4 'Structure model' 'Data collection'           
4 4 'Structure model' 'Database references'       
5 4 'Structure model' 'Derived calculations'      
6 4 'Structure model' 'Structure summary'         
# 
loop_
_pdbx_audit_revision_category.ordinal 
_pdbx_audit_revision_category.revision_ordinal 
_pdbx_audit_revision_category.data_content_type 
_pdbx_audit_revision_category.category 
1 4 'Structure model' chem_comp_atom            
2 4 'Structure model' chem_comp_bond            
3 4 'Structure model' database_2                
4 4 'Structure model' pdbx_entry_details        
5 4 'Structure model' pdbx_modification_feature 
6 4 'Structure model' struct_site               
# 
loop_
_pdbx_audit_revision_item.ordinal 
_pdbx_audit_revision_item.revision_ordinal 
_pdbx_audit_revision_item.data_content_type 
_pdbx_audit_revision_item.item 
1 4 'Structure model' '_database_2.pdbx_DOI'                         
2 4 'Structure model' '_database_2.pdbx_database_accession'          
3 4 'Structure model' '_pdbx_entry_details.has_protein_modification' 
4 4 'Structure model' '_struct_site.pdbx_auth_asym_id'               
5 4 'Structure model' '_struct_site.pdbx_auth_comp_id'               
6 4 'Structure model' '_struct_site.pdbx_auth_seq_id'                
# 
_pdbx_database_status.status_code                     REL 
_pdbx_database_status.entry_id                        1RNC 
_pdbx_database_status.recvd_initial_deposition_date   1991-10-21 
_pdbx_database_status.deposit_site                    ? 
_pdbx_database_status.process_site                    BNL 
_pdbx_database_status.status_code_sf                  REL 
_pdbx_database_status.status_code_mr                  ? 
_pdbx_database_status.SG_entry                        ? 
_pdbx_database_status.pdb_format_compatible           Y 
_pdbx_database_status.status_code_cs                  ? 
_pdbx_database_status.status_code_nmr_data            ? 
_pdbx_database_status.methods_development_category    ? 
# 
loop_
_audit_author.name 
_audit_author.pdbx_ordinal 
'Aguilar, C.F.' 1 
'Thomas, P.J.'  2 
'Mills, A.'     3 
'Moss, D.S.'    4 
'Palmer, R.A.'  5 
# 
loop_
_citation.id 
_citation.title 
_citation.journal_abbrev 
_citation.journal_volume 
_citation.page_first 
_citation.page_last 
_citation.year 
_citation.journal_id_ASTM 
_citation.country 
_citation.journal_id_ISSN 
_citation.journal_id_CSD 
_citation.book_publisher 
_citation.pdbx_database_id_PubMed 
_citation.pdbx_database_id_DOI 
primary 'Newly observed binding mode in pancreatic ribonuclease.' J.Mol.Biol.                  224  265 267 1992 JMOBAK UK 
0022-2836 0070 ? 1548704 '10.1016/0022-2836(92)90589-C' 
1       
;Novel Non-Productively Bound Ribonuclease Inhibitor Complexes-High Resolution X-Ray Refinement Studies on the Binding of Rnase-A to Cytidylyl-2',5'-Guanosine (2',5'Cpg) and Deoxycytidylyl-3',5'-Guanosine (3',5'Dcpdg)
;
Biochim.Biophys.Acta         1118 6   ?   1991 BBACAQ NE 0006-3002 0113 ? ?       ?                              
2       
;X-Ray Refinement Study on the Binding of Cytidylic Acid (2'-Cmp) to Ribonuclease-A
;
J.Mol.Biol.                  196  159 ?   1987 JMOBAK UK 0022-2836 0070 ? ?       ?                              
3       
;An X-Ray Refinement Study on the Binding of Ribonuclease-A to Cytidine-N(3)-Oxide 2'-Phosphate
;
Biochim.Biophys.Acta         785  81  ?   1984 BBACAQ NE 0006-3002 0113 ? ?       ?                              
4       'The Refined Structure of Ribonuclease-A at 1.45 Angstroms Resolution' J.Crystallogr.Spectrosc.Res. 14   467 ?   1984 
JCREDB US 0277-8068 0582 ? ?       ?                              
# 
loop_
_citation_author.citation_id 
_citation_author.name 
_citation_author.ordinal 
_citation_author.identifier_ORCID 
primary 'Aguilar, C.F.'  1  ? 
primary 'Thomas, P.J.'   2  ? 
primary 'Mills, A.'      3  ? 
primary 'Moss, D.S.'     4  ? 
primary 'Palmer, R.A.'   5  ? 
1       'Aguilar, C.F.'  6  ? 
1       'Thomas, P.J.'   7  ? 
1       'Moss, D.S.'     8  ? 
1       'Mills, A.'      9  ? 
1       'Palmer, R.A.'   10 ? 
2       'Howlin, B.'     11 ? 
2       'Harris, G.W.'   12 ? 
2       'Moss, D.S.'     13 ? 
2       'Palmer, R.A.'   14 ? 
3       'Palmer, R.A.'   15 ? 
3       'Moss, D.S.'     16 ? 
3       'Haneef, I.'     17 ? 
3       'Borkakoti, N.'  18 ? 
4       'Borkakoti, N.'  19 ? 
4       'Moss, D.S.'     20 ? 
4       'Stanford, M.J.' 21 ? 
4       'Palmer, R.A.'   22 ? 
# 
loop_
_entity.id 
_entity.type 
_entity.src_method 
_entity.pdbx_description 
_entity.formula_weight 
_entity.pdbx_number_of_molecules 
_entity.pdbx_ec 
_entity.pdbx_mutation 
_entity.pdbx_fragment 
_entity.details 
1 polymer     man 'RIBONUCLEASE A'             13708.326 1  3.1.27.5 ? ? ? 
2 non-polymer syn 'SULFATE ION'                96.063    1  ?        ? ? ? 
3 non-polymer syn "GUANOSINE-5'-MONOPHOSPHATE" 363.221   1  ?        ? ? ? 
4 water       nat water                        18.015    30 ?        ? ? ? 
# 
_entity_poly.entity_id                      1 
_entity_poly.type                           'polypeptide(L)' 
_entity_poly.nstd_linkage                   no 
_entity_poly.nstd_monomer                   no 
_entity_poly.pdbx_seq_one_letter_code       
;KETAAAKFERQHMDSSTSAASSSNYCNQMMKSRNLTKDRCKPVNTFVHESLADVQAVCSQKNVACKNGQTNCYQSYSTMS
ITDCRETGSSKYPNCAYKTTQANKHIIVACEGNPYVPVHFDASV
;
_entity_poly.pdbx_seq_one_letter_code_can   
;KETAAAKFERQHMDSSTSAASSSNYCNQMMKSRNLTKDRCKPVNTFVHESLADVQAVCSQKNVACKNGQTNCYQSYSTMS
ITDCRETGSSKYPNCAYKTTQANKHIIVACEGNPYVPVHFDASV
;
_entity_poly.pdbx_strand_id                 A 
_entity_poly.pdbx_target_identifier         ? 
# 
loop_
_pdbx_entity_nonpoly.entity_id 
_pdbx_entity_nonpoly.name 
_pdbx_entity_nonpoly.comp_id 
2 'SULFATE ION'                SO4 
3 "GUANOSINE-5'-MONOPHOSPHATE" 5GP 
4 water                        HOH 
# 
loop_
_entity_poly_seq.entity_id 
_entity_poly_seq.num 
_entity_poly_seq.mon_id 
_entity_poly_seq.hetero 
1 1   LYS n 
1 2   GLU n 
1 3   THR n 
1 4   ALA n 
1 5   ALA n 
1 6   ALA n 
1 7   LYS n 
1 8   PHE n 
1 9   GLU n 
1 10  ARG n 
1 11  GLN n 
1 12  HIS n 
1 13  MET n 
1 14  ASP n 
1 15  SER n 
1 16  SER n 
1 17  THR n 
1 18  SER n 
1 19  ALA n 
1 20  ALA n 
1 21  SER n 
1 22  SER n 
1 23  SER n 
1 24  ASN n 
1 25  TYR n 
1 26  CYS n 
1 27  ASN n 
1 28  GLN n 
1 29  MET n 
1 30  MET n 
1 31  LYS n 
1 32  SER n 
1 33  ARG n 
1 34  ASN n 
1 35  LEU n 
1 36  THR n 
1 37  LYS n 
1 38  ASP n 
1 39  ARG n 
1 40  CYS n 
1 41  LYS n 
1 42  PRO n 
1 43  VAL n 
1 44  ASN n 
1 45  THR n 
1 46  PHE n 
1 47  VAL n 
1 48  HIS n 
1 49  GLU n 
1 50  SER n 
1 51  LEU n 
1 52  ALA n 
1 53  ASP n 
1 54  VAL n 
1 55  GLN n 
1 56  ALA n 
1 57  VAL n 
1 58  CYS n 
1 59  SER n 
1 60  GLN n 
1 61  LYS n 
1 62  ASN n 
1 63  VAL n 
1 64  ALA n 
1 65  CYS n 
1 66  LYS n 
1 67  ASN n 
1 68  GLY n 
1 69  GLN n 
1 70  THR n 
1 71  ASN n 
1 72  CYS n 
1 73  TYR n 
1 74  GLN n 
1 75  SER n 
1 76  TYR n 
1 77  SER n 
1 78  THR n 
1 79  MET n 
1 80  SER n 
1 81  ILE n 
1 82  THR n 
1 83  ASP n 
1 84  CYS n 
1 85  ARG n 
1 86  GLU n 
1 87  THR n 
1 88  GLY n 
1 89  SER n 
1 90  SER n 
1 91  LYS n 
1 92  TYR n 
1 93  PRO n 
1 94  ASN n 
1 95  CYS n 
1 96  ALA n 
1 97  TYR n 
1 98  LYS n 
1 99  THR n 
1 100 THR n 
1 101 GLN n 
1 102 ALA n 
1 103 ASN n 
1 104 LYS n 
1 105 HIS n 
1 106 ILE n 
1 107 ILE n 
1 108 VAL n 
1 109 ALA n 
1 110 CYS n 
1 111 GLU n 
1 112 GLY n 
1 113 ASN n 
1 114 PRO n 
1 115 TYR n 
1 116 VAL n 
1 117 PRO n 
1 118 VAL n 
1 119 HIS n 
1 120 PHE n 
1 121 ASP n 
1 122 ALA n 
1 123 SER n 
1 124 VAL n 
# 
_entity_src_gen.entity_id                          1 
_entity_src_gen.pdbx_src_id                        1 
_entity_src_gen.pdbx_alt_source_flag               sample 
_entity_src_gen.pdbx_seq_type                      ? 
_entity_src_gen.pdbx_beg_seq_num                   ? 
_entity_src_gen.pdbx_end_seq_num                   ? 
_entity_src_gen.gene_src_common_name               cattle 
_entity_src_gen.gene_src_genus                     Bos 
_entity_src_gen.pdbx_gene_src_gene                 ? 
_entity_src_gen.gene_src_species                   ? 
_entity_src_gen.gene_src_strain                    ? 
_entity_src_gen.gene_src_tissue                    ? 
_entity_src_gen.gene_src_tissue_fraction           ? 
_entity_src_gen.gene_src_details                   ? 
_entity_src_gen.pdbx_gene_src_fragment             ? 
_entity_src_gen.pdbx_gene_src_scientific_name      'Bos taurus' 
_entity_src_gen.pdbx_gene_src_ncbi_taxonomy_id     9913 
_entity_src_gen.pdbx_gene_src_variant              ? 
_entity_src_gen.pdbx_gene_src_cell_line            ? 
_entity_src_gen.pdbx_gene_src_atcc                 ? 
_entity_src_gen.pdbx_gene_src_organ                PANCREAS 
_entity_src_gen.pdbx_gene_src_organelle            ? 
_entity_src_gen.pdbx_gene_src_cell                 ? 
_entity_src_gen.pdbx_gene_src_cellular_location    ? 
_entity_src_gen.host_org_common_name               ? 
_entity_src_gen.pdbx_host_org_scientific_name      ? 
_entity_src_gen.pdbx_host_org_ncbi_taxonomy_id     ? 
_entity_src_gen.host_org_genus                     ? 
_entity_src_gen.pdbx_host_org_gene                 ? 
_entity_src_gen.pdbx_host_org_organ                ? 
_entity_src_gen.host_org_species                   ? 
_entity_src_gen.pdbx_host_org_tissue               ? 
_entity_src_gen.pdbx_host_org_tissue_fraction      ? 
_entity_src_gen.pdbx_host_org_strain               ? 
_entity_src_gen.pdbx_host_org_variant              ? 
_entity_src_gen.pdbx_host_org_cell_line            ? 
_entity_src_gen.pdbx_host_org_atcc                 ? 
_entity_src_gen.pdbx_host_org_culture_collection   ? 
_entity_src_gen.pdbx_host_org_cell                 ? 
_entity_src_gen.pdbx_host_org_organelle            ? 
_entity_src_gen.pdbx_host_org_cellular_location    ? 
_entity_src_gen.pdbx_host_org_vector_type          ? 
_entity_src_gen.pdbx_host_org_vector               ? 
_entity_src_gen.host_org_details                   ? 
_entity_src_gen.expression_system_id               ? 
_entity_src_gen.plasmid_name                       ? 
_entity_src_gen.plasmid_details                    ? 
_entity_src_gen.pdbx_description                   ? 
# 
loop_
_chem_comp.id 
_chem_comp.type 
_chem_comp.mon_nstd_flag 
_chem_comp.name 
_chem_comp.pdbx_synonyms 
_chem_comp.formula 
_chem_comp.formula_weight 
5GP non-polymer         . "GUANOSINE-5'-MONOPHOSPHATE" ? 'C10 H14 N5 O8 P' 363.221 
ALA 'L-peptide linking' y ALANINE                      ? 'C3 H7 N O2'      89.093  
ARG 'L-peptide linking' y ARGININE                     ? 'C6 H15 N4 O2 1'  175.209 
ASN 'L-peptide linking' y ASPARAGINE                   ? 'C4 H8 N2 O3'     132.118 
ASP 'L-peptide linking' y 'ASPARTIC ACID'              ? 'C4 H7 N O4'      133.103 
CYS 'L-peptide linking' y CYSTEINE                     ? 'C3 H7 N O2 S'    121.158 
GLN 'L-peptide linking' y GLUTAMINE                    ? 'C5 H10 N2 O3'    146.144 
GLU 'L-peptide linking' y 'GLUTAMIC ACID'              ? 'C5 H9 N O4'      147.129 
GLY 'peptide linking'   y GLYCINE                      ? 'C2 H5 N O2'      75.067  
HIS 'L-peptide linking' y HISTIDINE                    ? 'C6 H10 N3 O2 1'  156.162 
HOH non-polymer         . WATER                        ? 'H2 O'            18.015  
ILE 'L-peptide linking' y ISOLEUCINE                   ? 'C6 H13 N O2'     131.173 
LEU 'L-peptide linking' y LEUCINE                      ? 'C6 H13 N O2'     131.173 
LYS 'L-peptide linking' y LYSINE                       ? 'C6 H15 N2 O2 1'  147.195 
MET 'L-peptide linking' y METHIONINE                   ? 'C5 H11 N O2 S'   149.211 
PHE 'L-peptide linking' y PHENYLALANINE                ? 'C9 H11 N O2'     165.189 
PRO 'L-peptide linking' y PROLINE                      ? 'C5 H9 N O2'      115.130 
SER 'L-peptide linking' y SERINE                       ? 'C3 H7 N O3'      105.093 
SO4 non-polymer         . 'SULFATE ION'                ? 'O4 S -2'         96.063  
THR 'L-peptide linking' y THREONINE                    ? 'C4 H9 N O3'      119.119 
TYR 'L-peptide linking' y TYROSINE                     ? 'C9 H11 N O3'     181.189 
VAL 'L-peptide linking' y VALINE                       ? 'C5 H11 N O2'     117.146 
# 
loop_
_pdbx_poly_seq_scheme.asym_id 
_pdbx_poly_seq_scheme.entity_id 
_pdbx_poly_seq_scheme.seq_id 
_pdbx_poly_seq_scheme.mon_id 
_pdbx_poly_seq_scheme.ndb_seq_num 
_pdbx_poly_seq_scheme.pdb_seq_num 
_pdbx_poly_seq_scheme.auth_seq_num 
_pdbx_poly_seq_scheme.pdb_mon_id 
_pdbx_poly_seq_scheme.auth_mon_id 
_pdbx_poly_seq_scheme.pdb_strand_id 
_pdbx_poly_seq_scheme.pdb_ins_code 
_pdbx_poly_seq_scheme.hetero 
A 1 1   LYS 1   1   1   LYS LYS A . n 
A 1 2   GLU 2   2   2   GLU GLU A . n 
A 1 3   THR 3   3   3   THR THR A . n 
A 1 4   ALA 4   4   4   ALA ALA A . n 
A 1 5   ALA 5   5   5   ALA ALA A . n 
A 1 6   ALA 6   6   6   ALA ALA A . n 
A 1 7   LYS 7   7   7   LYS LYS A . n 
A 1 8   PHE 8   8   8   PHE PHE A . n 
A 1 9   GLU 9   9   9   GLU GLU A . n 
A 1 10  ARG 10  10  10  ARG ARG A . n 
A 1 11  GLN 11  11  11  GLN GLN A . n 
A 1 12  HIS 12  12  12  HIS HIS A . n 
A 1 13  MET 13  13  13  MET MET A . n 
A 1 14  ASP 14  14  14  ASP ASP A . n 
A 1 15  SER 15  15  15  SER SER A . n 
A 1 16  SER 16  16  16  SER SER A . n 
A 1 17  THR 17  17  17  THR THR A . n 
A 1 18  SER 18  18  18  SER SER A . n 
A 1 19  ALA 19  19  19  ALA ALA A . n 
A 1 20  ALA 20  20  20  ALA ALA A . n 
A 1 21  SER 21  21  21  SER SER A . n 
A 1 22  SER 22  22  22  SER SER A . n 
A 1 23  SER 23  23  23  SER SER A . n 
A 1 24  ASN 24  24  24  ASN ASN A . n 
A 1 25  TYR 25  25  25  TYR TYR A . n 
A 1 26  CYS 26  26  26  CYS CYS A . n 
A 1 27  ASN 27  27  27  ASN ASN A . n 
A 1 28  GLN 28  28  28  GLN GLN A . n 
A 1 29  MET 29  29  29  MET MET A . n 
A 1 30  MET 30  30  30  MET MET A . n 
A 1 31  LYS 31  31  31  LYS LYS A . n 
A 1 32  SER 32  32  32  SER SER A . n 
A 1 33  ARG 33  33  33  ARG ARG A . n 
A 1 34  ASN 34  34  34  ASN ASN A . n 
A 1 35  LEU 35  35  35  LEU LEU A . n 
A 1 36  THR 36  36  36  THR THR A . n 
A 1 37  LYS 37  37  37  LYS LYS A . n 
A 1 38  ASP 38  38  38  ASP ASP A . n 
A 1 39  ARG 39  39  39  ARG ARG A . n 
A 1 40  CYS 40  40  40  CYS CYS A . n 
A 1 41  LYS 41  41  41  LYS LYS A . n 
A 1 42  PRO 42  42  42  PRO PRO A . n 
A 1 43  VAL 43  43  43  VAL VAL A . n 
A 1 44  ASN 44  44  44  ASN ASN A . n 
A 1 45  THR 45  45  45  THR THR A . n 
A 1 46  PHE 46  46  46  PHE PHE A . n 
A 1 47  VAL 47  47  47  VAL VAL A . n 
A 1 48  HIS 48  48  48  HIS HIS A . n 
A 1 49  GLU 49  49  49  GLU GLU A . n 
A 1 50  SER 50  50  50  SER SER A . n 
A 1 51  LEU 51  51  51  LEU LEU A . n 
A 1 52  ALA 52  52  52  ALA ALA A . n 
A 1 53  ASP 53  53  53  ASP ASP A . n 
A 1 54  VAL 54  54  54  VAL VAL A . n 
A 1 55  GLN 55  55  55  GLN GLN A . n 
A 1 56  ALA 56  56  56  ALA ALA A . n 
A 1 57  VAL 57  57  57  VAL VAL A . n 
A 1 58  CYS 58  58  58  CYS CYS A . n 
A 1 59  SER 59  59  59  SER SER A . n 
A 1 60  GLN 60  60  60  GLN GLN A . n 
A 1 61  LYS 61  61  61  LYS LYS A . n 
A 1 62  ASN 62  62  62  ASN ASN A . n 
A 1 63  VAL 63  63  63  VAL VAL A . n 
A 1 64  ALA 64  64  64  ALA ALA A . n 
A 1 65  CYS 65  65  65  CYS CYS A . n 
A 1 66  LYS 66  66  66  LYS LYS A . n 
A 1 67  ASN 67  67  67  ASN ASN A . n 
A 1 68  GLY 68  68  68  GLY GLY A . n 
A 1 69  GLN 69  69  69  GLN GLN A . n 
A 1 70  THR 70  70  70  THR THR A . n 
A 1 71  ASN 71  71  71  ASN ASN A . n 
A 1 72  CYS 72  72  72  CYS CYS A . n 
A 1 73  TYR 73  73  73  TYR TYR A . n 
A 1 74  GLN 74  74  74  GLN GLN A . n 
A 1 75  SER 75  75  75  SER SER A . n 
A 1 76  TYR 76  76  76  TYR TYR A . n 
A 1 77  SER 77  77  77  SER SER A . n 
A 1 78  THR 78  78  78  THR THR A . n 
A 1 79  MET 79  79  79  MET MET A . n 
A 1 80  SER 80  80  80  SER SER A . n 
A 1 81  ILE 81  81  81  ILE ILE A . n 
A 1 82  THR 82  82  82  THR THR A . n 
A 1 83  ASP 83  83  83  ASP ASP A . n 
A 1 84  CYS 84  84  84  CYS CYS A . n 
A 1 85  ARG 85  85  85  ARG ARG A . n 
A 1 86  GLU 86  86  86  GLU GLU A . n 
A 1 87  THR 87  87  87  THR THR A . n 
A 1 88  GLY 88  88  88  GLY GLY A . n 
A 1 89  SER 89  89  89  SER SER A . n 
A 1 90  SER 90  90  90  SER SER A . n 
A 1 91  LYS 91  91  91  LYS LYS A . n 
A 1 92  TYR 92  92  92  TYR TYR A . n 
A 1 93  PRO 93  93  93  PRO PRO A . n 
A 1 94  ASN 94  94  94  ASN ASN A . n 
A 1 95  CYS 95  95  95  CYS CYS A . n 
A 1 96  ALA 96  96  96  ALA ALA A . n 
A 1 97  TYR 97  97  97  TYR TYR A . n 
A 1 98  LYS 98  98  98  LYS LYS A . n 
A 1 99  THR 99  99  99  THR THR A . n 
A 1 100 THR 100 100 100 THR THR A . n 
A 1 101 GLN 101 101 101 GLN GLN A . n 
A 1 102 ALA 102 102 102 ALA ALA A . n 
A 1 103 ASN 103 103 103 ASN ASN A . n 
A 1 104 LYS 104 104 104 LYS LYS A . n 
A 1 105 HIS 105 105 105 HIS HIS A . n 
A 1 106 ILE 106 106 106 ILE ILE A . n 
A 1 107 ILE 107 107 107 ILE ILE A . n 
A 1 108 VAL 108 108 108 VAL VAL A . n 
A 1 109 ALA 109 109 109 ALA ALA A . n 
A 1 110 CYS 110 110 110 CYS CYS A . n 
A 1 111 GLU 111 111 111 GLU GLU A . n 
A 1 112 GLY 112 112 112 GLY GLY A . n 
A 1 113 ASN 113 113 113 ASN ASN A . n 
A 1 114 PRO 114 114 114 PRO PRO A . n 
A 1 115 TYR 115 115 115 TYR TYR A . n 
A 1 116 VAL 116 116 116 VAL VAL A . n 
A 1 117 PRO 117 117 117 PRO PRO A . n 
A 1 118 VAL 118 118 118 VAL VAL A . n 
A 1 119 HIS 119 119 119 HIS HIS A . n 
A 1 120 PHE 120 120 120 PHE PHE A . n 
A 1 121 ASP 121 121 121 ASP ASP A . n 
A 1 122 ALA 122 122 122 ALA ALA A . n 
A 1 123 SER 123 123 123 SER SER A . n 
A 1 124 VAL 124 124 124 VAL VAL A . n 
# 
loop_
_pdbx_nonpoly_scheme.asym_id 
_pdbx_nonpoly_scheme.entity_id 
_pdbx_nonpoly_scheme.mon_id 
_pdbx_nonpoly_scheme.ndb_seq_num 
_pdbx_nonpoly_scheme.pdb_seq_num 
_pdbx_nonpoly_scheme.auth_seq_num 
_pdbx_nonpoly_scheme.pdb_mon_id 
_pdbx_nonpoly_scheme.auth_mon_id 
_pdbx_nonpoly_scheme.pdb_strand_id 
_pdbx_nonpoly_scheme.pdb_ins_code 
B 2 SO4 1  151 151 SO4 SO4 A . 
C 3 5GP 1  161 161 5GP CPG A . 
D 4 HOH 1  162 146 HOH HOH A . 
D 4 HOH 2  163 147 HOH HOH A . 
D 4 HOH 3  164 148 HOH HOH A . 
D 4 HOH 4  165 149 HOH HOH A . 
D 4 HOH 5  166 150 HOH HOH A . 
D 4 HOH 6  167 151 HOH HOH A . 
D 4 HOH 7  168 152 HOH HOH A . 
D 4 HOH 8  169 153 HOH HOH A . 
D 4 HOH 9  170 154 HOH HOH A . 
D 4 HOH 10 171 155 HOH HOH A . 
D 4 HOH 11 172 156 HOH HOH A . 
D 4 HOH 12 173 157 HOH HOH A . 
D 4 HOH 13 174 158 HOH HOH A . 
D 4 HOH 14 175 159 HOH HOH A . 
D 4 HOH 15 176 160 HOH HOH A . 
D 4 HOH 16 177 161 HOH HOH A . 
D 4 HOH 17 178 162 HOH HOH A . 
D 4 HOH 18 179 163 HOH HOH A . 
D 4 HOH 19 180 164 HOH HOH A . 
D 4 HOH 20 181 165 HOH HOH A . 
D 4 HOH 21 182 166 HOH HOH A . 
D 4 HOH 22 183 167 HOH HOH A . 
D 4 HOH 23 184 168 HOH HOH A . 
D 4 HOH 24 185 169 HOH HOH A . 
D 4 HOH 25 186 170 HOH HOH A . 
D 4 HOH 26 187 171 HOH HOH A . 
D 4 HOH 27 188 172 HOH HOH A . 
D 4 HOH 28 189 173 HOH HOH A . 
D 4 HOH 29 190 174 HOH HOH A . 
D 4 HOH 30 191 175 HOH HOH A . 
# 
loop_
_pdbx_unobs_or_zero_occ_atoms.id 
_pdbx_unobs_or_zero_occ_atoms.PDB_model_num 
_pdbx_unobs_or_zero_occ_atoms.polymer_flag 
_pdbx_unobs_or_zero_occ_atoms.occupancy_flag 
_pdbx_unobs_or_zero_occ_atoms.auth_asym_id 
_pdbx_unobs_or_zero_occ_atoms.auth_comp_id 
_pdbx_unobs_or_zero_occ_atoms.auth_seq_id 
_pdbx_unobs_or_zero_occ_atoms.PDB_ins_code 
_pdbx_unobs_or_zero_occ_atoms.auth_atom_id 
_pdbx_unobs_or_zero_occ_atoms.label_alt_id 
_pdbx_unobs_or_zero_occ_atoms.label_asym_id 
_pdbx_unobs_or_zero_occ_atoms.label_comp_id 
_pdbx_unobs_or_zero_occ_atoms.label_seq_id 
_pdbx_unobs_or_zero_occ_atoms.label_atom_id 
1 1 Y 1 A LYS 31 ? CG ? A LYS 31 CG 
2 1 Y 1 A LYS 31 ? CD ? A LYS 31 CD 
3 1 Y 1 A LYS 31 ? CE ? A LYS 31 CE 
4 1 Y 1 A LYS 31 ? NZ ? A LYS 31 NZ 
# 
loop_
_software.name 
_software.classification 
_software.version 
_software.citation_id 
_software.pdbx_ordinal 
RESTRAIN refinement       . ? 1 
FRODO    'model building' . ? 2 
# 
_cell.entry_id           1RNC 
_cell.length_a           30.350 
_cell.length_b           38.290 
_cell.length_c           53.520 
_cell.angle_alpha        90.00 
_cell.angle_beta         105.90 
_cell.angle_gamma        90.00 
_cell.Z_PDB              2 
_cell.pdbx_unique_axis   ? 
# 
_symmetry.entry_id                         1RNC 
_symmetry.space_group_name_H-M             'P 1 21 1' 
_symmetry.pdbx_full_space_group_name_H-M   ? 
_symmetry.cell_setting                     ? 
_symmetry.Int_Tables_number                4 
# 
_exptl.entry_id          1RNC 
_exptl.method            'X-RAY DIFFRACTION' 
_exptl.crystals_number   ? 
# 
_exptl_crystal.id                    1 
_exptl_crystal.density_meas          ? 
_exptl_crystal.density_Matthews      2.18 
_exptl_crystal.density_percent_sol   43.61 
_exptl_crystal.description           ? 
# 
_diffrn.id                     1 
_diffrn.ambient_temp           ? 
_diffrn.ambient_temp_details   ? 
_diffrn.crystal_id             1 
# 
_diffrn_radiation.diffrn_id                        1 
_diffrn_radiation.wavelength_id                    1 
_diffrn_radiation.pdbx_monochromatic_or_laue_m_l   ? 
_diffrn_radiation.monochromator                    ? 
_diffrn_radiation.pdbx_diffrn_protocol             ? 
_diffrn_radiation.pdbx_scattering_type             x-ray 
# 
_diffrn_radiation_wavelength.id           1 
_diffrn_radiation_wavelength.wavelength   . 
_diffrn_radiation_wavelength.wt           1.0 
# 
_refine.entry_id                                 1RNC 
_refine.ls_number_reflns_obs                     17855 
_refine.ls_number_reflns_all                     ? 
_refine.pdbx_ls_sigma_I                          ? 
_refine.pdbx_ls_sigma_F                          ? 
_refine.pdbx_data_cutoff_high_absF               ? 
_refine.pdbx_data_cutoff_low_absF                ? 
_refine.pdbx_data_cutoff_high_rms_absF           ? 
_refine.ls_d_res_low                             ? 
_refine.ls_d_res_high                            1.5 
_refine.ls_percent_reflns_obs                    ? 
_refine.ls_R_factor_obs                          0.21 
_refine.ls_R_factor_all                          ? 
_refine.ls_R_factor_R_work                       ? 
_refine.ls_R_factor_R_free                       ? 
_refine.ls_R_factor_R_free_error                 ? 
_refine.ls_R_factor_R_free_error_details         ? 
_refine.ls_percent_reflns_R_free                 ? 
_refine.ls_number_reflns_R_free                  ? 
_refine.ls_number_parameters                     ? 
_refine.ls_number_restraints                     ? 
_refine.occupancy_min                            ? 
_refine.occupancy_max                            ? 
_refine.B_iso_mean                               ? 
_refine.aniso_B[1][1]                            ? 
_refine.aniso_B[2][2]                            ? 
_refine.aniso_B[3][3]                            ? 
_refine.aniso_B[1][2]                            ? 
_refine.aniso_B[1][3]                            ? 
_refine.aniso_B[2][3]                            ? 
_refine.solvent_model_details                    ? 
_refine.solvent_model_param_ksol                 ? 
_refine.solvent_model_param_bsol                 ? 
_refine.pdbx_ls_cross_valid_method               ? 
_refine.details                                  
;THE INHIBITOR AND SULFATE ANION WERE REFINED USING GROUP
OCCUPANCIES.
;
_refine.pdbx_starting_model                      ? 
_refine.pdbx_method_to_determine_struct          ? 
_refine.pdbx_isotropic_thermal_model             ? 
_refine.pdbx_stereochemistry_target_values       ? 
_refine.pdbx_stereochem_target_val_spec_case     ? 
_refine.pdbx_R_Free_selection_details            ? 
_refine.pdbx_overall_ESU_R                       ? 
_refine.pdbx_overall_ESU_R_Free                  ? 
_refine.overall_SU_ML                            ? 
_refine.overall_SU_B                             ? 
_refine.pdbx_refine_id                           'X-RAY DIFFRACTION' 
_refine.pdbx_diffrn_id                           1 
_refine.pdbx_TLS_residual_ADP_flag               ? 
_refine.correlation_coeff_Fo_to_Fc               ? 
_refine.correlation_coeff_Fo_to_Fc_free          ? 
_refine.pdbx_solvent_vdw_probe_radii             ? 
_refine.pdbx_solvent_ion_probe_radii             ? 
_refine.pdbx_solvent_shrinkage_radii             ? 
_refine.pdbx_overall_phase_error                 ? 
_refine.overall_SU_R_Cruickshank_DPI             ? 
_refine.pdbx_overall_SU_R_free_Cruickshank_DPI   ? 
_refine.pdbx_overall_SU_R_Blow_DPI               ? 
_refine.pdbx_overall_SU_R_free_Blow_DPI          ? 
# 
_refine_hist.pdbx_refine_id                   'X-RAY DIFFRACTION' 
_refine_hist.cycle_id                         LAST 
_refine_hist.pdbx_number_atoms_protein        947 
_refine_hist.pdbx_number_atoms_nucleic_acid   0 
_refine_hist.pdbx_number_atoms_ligand         29 
_refine_hist.number_atoms_solvent             30 
_refine_hist.number_atoms_total               1006 
_refine_hist.d_res_high                       1.5 
_refine_hist.d_res_low                        . 
# 
loop_
_refine_ls_restr.type 
_refine_ls_restr.dev_ideal 
_refine_ls_restr.dev_ideal_target 
_refine_ls_restr.weight 
_refine_ls_restr.number 
_refine_ls_restr.pdbx_refine_id 
_refine_ls_restr.pdbx_restraint_function 
p_bond_d    0.026 ? ? ? 'X-RAY DIFFRACTION' ? 
p_angle_deg 1.23  ? ? ? 'X-RAY DIFFRACTION' ? 
# 
_struct.entry_id                  1RNC 
_struct.title                     'NEWLY OBSERVED BINDING MODE IN PANCREATIC RIBONUCLEASE' 
_struct.pdbx_model_details        ? 
_struct.pdbx_CASP_flag            ? 
_struct.pdbx_model_type_details   ? 
# 
_struct_keywords.entry_id        1RNC 
_struct_keywords.pdbx_keywords   'HYDROLASE(ENDORIBONUCLEASE)' 
_struct_keywords.text            'HYDROLASE(ENDORIBONUCLEASE)' 
# 
loop_
_struct_asym.id 
_struct_asym.pdbx_blank_PDB_chainid_flag 
_struct_asym.pdbx_modified 
_struct_asym.entity_id 
_struct_asym.details 
A N N 1 ? 
B N N 2 ? 
C N N 3 ? 
D N N 4 ? 
# 
_struct_ref.id                         1 
_struct_ref.db_name                    UNP 
_struct_ref.db_code                    RNAS1_BOVIN 
_struct_ref.entity_id                  1 
_struct_ref.pdbx_db_accession          P61823 
_struct_ref.pdbx_align_begin           1 
_struct_ref.pdbx_seq_one_letter_code   
;MALKSLVLLSLLVLVLLLVRVQPSLGKETAAAKFERQHMDSSTSAASSSNYCNQMMKSRNLTKDRCKPVNTFVHESLADV
QAVCSQKNVACKNGQTNCYQSYSTMSITDCRETGSSKYPNCAYKTTQANKHIIVACEGNPYVPVHFDASV
;
_struct_ref.pdbx_db_isoform            ? 
# 
_struct_ref_seq.align_id                      1 
_struct_ref_seq.ref_id                        1 
_struct_ref_seq.pdbx_PDB_id_code              1RNC 
_struct_ref_seq.pdbx_strand_id                A 
_struct_ref_seq.seq_align_beg                 1 
_struct_ref_seq.pdbx_seq_align_beg_ins_code   ? 
_struct_ref_seq.seq_align_end                 124 
_struct_ref_seq.pdbx_seq_align_end_ins_code   ? 
_struct_ref_seq.pdbx_db_accession             P61823 
_struct_ref_seq.db_align_beg                  27 
_struct_ref_seq.pdbx_db_align_beg_ins_code    ? 
_struct_ref_seq.db_align_end                  150 
_struct_ref_seq.pdbx_db_align_end_ins_code    ? 
_struct_ref_seq.pdbx_auth_seq_align_beg       1 
_struct_ref_seq.pdbx_auth_seq_align_end       124 
# 
_pdbx_struct_assembly.id                   1 
_pdbx_struct_assembly.details              author_defined_assembly 
_pdbx_struct_assembly.method_details       ? 
_pdbx_struct_assembly.oligomeric_details   monomeric 
_pdbx_struct_assembly.oligomeric_count     1 
# 
_pdbx_struct_assembly_gen.assembly_id       1 
_pdbx_struct_assembly_gen.oper_expression   1 
_pdbx_struct_assembly_gen.asym_id_list      A,B,C,D 
# 
_pdbx_struct_oper_list.id                   1 
_pdbx_struct_oper_list.type                 'identity operation' 
_pdbx_struct_oper_list.name                 1_555 
_pdbx_struct_oper_list.symmetry_operation   x,y,z 
_pdbx_struct_oper_list.matrix[1][1]         1.0000000000 
_pdbx_struct_oper_list.matrix[1][2]         0.0000000000 
_pdbx_struct_oper_list.matrix[1][3]         0.0000000000 
_pdbx_struct_oper_list.vector[1]            0.0000000000 
_pdbx_struct_oper_list.matrix[2][1]         0.0000000000 
_pdbx_struct_oper_list.matrix[2][2]         1.0000000000 
_pdbx_struct_oper_list.matrix[2][3]         0.0000000000 
_pdbx_struct_oper_list.vector[2]            0.0000000000 
_pdbx_struct_oper_list.matrix[3][1]         0.0000000000 
_pdbx_struct_oper_list.matrix[3][2]         0.0000000000 
_pdbx_struct_oper_list.matrix[3][3]         1.0000000000 
_pdbx_struct_oper_list.vector[3]            0.0000000000 
# 
_struct_biol.id   1 
# 
loop_
_struct_conf.conf_type_id 
_struct_conf.id 
_struct_conf.pdbx_PDB_helix_id 
_struct_conf.beg_label_comp_id 
_struct_conf.beg_label_asym_id 
_struct_conf.beg_label_seq_id 
_struct_conf.pdbx_beg_PDB_ins_code 
_struct_conf.end_label_comp_id 
_struct_conf.end_label_asym_id 
_struct_conf.end_label_seq_id 
_struct_conf.pdbx_end_PDB_ins_code 
_struct_conf.beg_auth_comp_id 
_struct_conf.beg_auth_asym_id 
_struct_conf.beg_auth_seq_id 
_struct_conf.end_auth_comp_id 
_struct_conf.end_auth_asym_id 
_struct_conf.end_auth_seq_id 
_struct_conf.pdbx_PDB_helix_class 
_struct_conf.details 
_struct_conf.pdbx_PDB_helix_length 
HELX_P HELX_P1 H1 THR A 3  ? MET A 13 ? THR A 3  MET A 13 1 ?                     11 
HELX_P HELX_P2 H2 ASN A 24 ? ARG A 33 ? ASN A 24 ARG A 33 1 ?                     10 
HELX_P HELX_P3 H3 SER A 50 ? ALA A 56 ? SER A 50 ALA A 56 1 ?                     7  
HELX_P HELX_P4 H4 VAL A 57 ? GLN A 60 ? VAL A 57 GLN A 60 5 'SINGLE TURN OF 3/10' 4  
# 
_struct_conf_type.id          HELX_P 
_struct_conf_type.criteria    ? 
_struct_conf_type.reference   ? 
# 
loop_
_struct_conn.id 
_struct_conn.conn_type_id 
_struct_conn.pdbx_leaving_atom_flag 
_struct_conn.pdbx_PDB_id 
_struct_conn.ptnr1_label_asym_id 
_struct_conn.ptnr1_label_comp_id 
_struct_conn.ptnr1_label_seq_id 
_struct_conn.ptnr1_label_atom_id 
_struct_conn.pdbx_ptnr1_label_alt_id 
_struct_conn.pdbx_ptnr1_PDB_ins_code 
_struct_conn.pdbx_ptnr1_standard_comp_id 
_struct_conn.ptnr1_symmetry 
_struct_conn.ptnr2_label_asym_id 
_struct_conn.ptnr2_label_comp_id 
_struct_conn.ptnr2_label_seq_id 
_struct_conn.ptnr2_label_atom_id 
_struct_conn.pdbx_ptnr2_label_alt_id 
_struct_conn.pdbx_ptnr2_PDB_ins_code 
_struct_conn.ptnr1_auth_asym_id 
_struct_conn.ptnr1_auth_comp_id 
_struct_conn.ptnr1_auth_seq_id 
_struct_conn.ptnr2_auth_asym_id 
_struct_conn.ptnr2_auth_comp_id 
_struct_conn.ptnr2_auth_seq_id 
_struct_conn.ptnr2_symmetry 
_struct_conn.pdbx_ptnr3_label_atom_id 
_struct_conn.pdbx_ptnr3_label_seq_id 
_struct_conn.pdbx_ptnr3_label_comp_id 
_struct_conn.pdbx_ptnr3_label_asym_id 
_struct_conn.pdbx_ptnr3_label_alt_id 
_struct_conn.pdbx_ptnr3_PDB_ins_code 
_struct_conn.details 
_struct_conn.pdbx_dist_value 
_struct_conn.pdbx_value_order 
_struct_conn.pdbx_role 
disulf1 disulf ? ? A CYS 26 SG ? ? ? 1_555 A CYS 84  SG ? ? A CYS 26 A CYS 84  1_555 ? ? ? ? ? ? ? 2.073 ? ? 
disulf2 disulf ? ? A CYS 40 SG ? ? ? 1_555 A CYS 95  SG ? ? A CYS 40 A CYS 95  1_555 ? ? ? ? ? ? ? 1.963 ? ? 
disulf3 disulf ? ? A CYS 58 SG ? ? ? 1_555 A CYS 110 SG ? ? A CYS 58 A CYS 110 1_555 ? ? ? ? ? ? ? 2.032 ? ? 
disulf4 disulf ? ? A CYS 65 SG ? ? ? 1_555 A CYS 72  SG ? ? A CYS 65 A CYS 72  1_555 ? ? ? ? ? ? ? 2.046 ? ? 
# 
_struct_conn_type.id          disulf 
_struct_conn_type.criteria    ? 
_struct_conn_type.reference   ? 
# 
loop_
_pdbx_modification_feature.ordinal 
_pdbx_modification_feature.label_comp_id 
_pdbx_modification_feature.label_asym_id 
_pdbx_modification_feature.label_seq_id 
_pdbx_modification_feature.label_alt_id 
_pdbx_modification_feature.modified_residue_label_comp_id 
_pdbx_modification_feature.modified_residue_label_asym_id 
_pdbx_modification_feature.modified_residue_label_seq_id 
_pdbx_modification_feature.modified_residue_label_alt_id 
_pdbx_modification_feature.auth_comp_id 
_pdbx_modification_feature.auth_asym_id 
_pdbx_modification_feature.auth_seq_id 
_pdbx_modification_feature.PDB_ins_code 
_pdbx_modification_feature.symmetry 
_pdbx_modification_feature.modified_residue_auth_comp_id 
_pdbx_modification_feature.modified_residue_auth_asym_id 
_pdbx_modification_feature.modified_residue_auth_seq_id 
_pdbx_modification_feature.modified_residue_PDB_ins_code 
_pdbx_modification_feature.modified_residue_symmetry 
_pdbx_modification_feature.comp_id_linking_atom 
_pdbx_modification_feature.modified_residue_id_linking_atom 
_pdbx_modification_feature.modified_residue_id 
_pdbx_modification_feature.ref_pcm_id 
_pdbx_modification_feature.ref_comp_id 
_pdbx_modification_feature.type 
_pdbx_modification_feature.category 
1 CYS A 26 ? CYS A 84  ? CYS A 26 ? 1_555 CYS A 84  ? 1_555 SG SG . . . None 'Disulfide bridge' 
2 CYS A 40 ? CYS A 95  ? CYS A 40 ? 1_555 CYS A 95  ? 1_555 SG SG . . . None 'Disulfide bridge' 
3 CYS A 58 ? CYS A 110 ? CYS A 58 ? 1_555 CYS A 110 ? 1_555 SG SG . . . None 'Disulfide bridge' 
4 CYS A 65 ? CYS A 72  ? CYS A 65 ? 1_555 CYS A 72  ? 1_555 SG SG . . . None 'Disulfide bridge' 
# 
loop_
_struct_mon_prot_cis.pdbx_id 
_struct_mon_prot_cis.label_comp_id 
_struct_mon_prot_cis.label_seq_id 
_struct_mon_prot_cis.label_asym_id 
_struct_mon_prot_cis.label_alt_id 
_struct_mon_prot_cis.pdbx_PDB_ins_code 
_struct_mon_prot_cis.auth_comp_id 
_struct_mon_prot_cis.auth_seq_id 
_struct_mon_prot_cis.auth_asym_id 
_struct_mon_prot_cis.pdbx_label_comp_id_2 
_struct_mon_prot_cis.pdbx_label_seq_id_2 
_struct_mon_prot_cis.pdbx_label_asym_id_2 
_struct_mon_prot_cis.pdbx_PDB_ins_code_2 
_struct_mon_prot_cis.pdbx_auth_comp_id_2 
_struct_mon_prot_cis.pdbx_auth_seq_id_2 
_struct_mon_prot_cis.pdbx_auth_asym_id_2 
_struct_mon_prot_cis.pdbx_PDB_model_num 
_struct_mon_prot_cis.pdbx_omega_angle 
1 TYR 92  A . ? TYR 92  A PRO 93  A ? PRO 93  A 1 9.18  
2 ASN 113 A . ? ASN 113 A PRO 114 A ? PRO 114 A 1 13.50 
# 
loop_
_struct_sheet.id 
_struct_sheet.type 
_struct_sheet.number_strands 
_struct_sheet.details 
S1 ? 3 ? 
S2 ? 4 ? 
# 
loop_
_struct_sheet_order.sheet_id 
_struct_sheet_order.range_id_1 
_struct_sheet_order.range_id_2 
_struct_sheet_order.offset 
_struct_sheet_order.sense 
S1 1 2 ? anti-parallel 
S1 2 3 ? anti-parallel 
S2 1 2 ? anti-parallel 
S2 2 3 ? anti-parallel 
S2 3 4 ? anti-parallel 
# 
loop_
_struct_sheet_range.sheet_id 
_struct_sheet_range.id 
_struct_sheet_range.beg_label_comp_id 
_struct_sheet_range.beg_label_asym_id 
_struct_sheet_range.beg_label_seq_id 
_struct_sheet_range.pdbx_beg_PDB_ins_code 
_struct_sheet_range.end_label_comp_id 
_struct_sheet_range.end_label_asym_id 
_struct_sheet_range.end_label_seq_id 
_struct_sheet_range.pdbx_end_PDB_ins_code 
_struct_sheet_range.beg_auth_comp_id 
_struct_sheet_range.beg_auth_asym_id 
_struct_sheet_range.beg_auth_seq_id 
_struct_sheet_range.end_auth_comp_id 
_struct_sheet_range.end_auth_asym_id 
_struct_sheet_range.end_auth_seq_id 
S1 1 VAL A 43  ? VAL A 47  ? VAL A 43  VAL A 47  
S1 2 MET A 79  ? GLU A 86  ? MET A 79  GLU A 86  
S1 3 TYR A 97  ? LYS A 104 ? TYR A 97  LYS A 104 
S2 1 LYS A 61  ? VAL A 63  ? LYS A 61  VAL A 63  
S2 2 CYS A 72  ? GLN A 74  ? CYS A 72  GLN A 74  
S2 3 LYS A 104 ? GLU A 111 ? LYS A 104 GLU A 111 
S2 4 VAL A 116 ? VAL A 124 ? VAL A 116 VAL A 124 
# 
loop_
_pdbx_struct_sheet_hbond.sheet_id 
_pdbx_struct_sheet_hbond.range_id_1 
_pdbx_struct_sheet_hbond.range_id_2 
_pdbx_struct_sheet_hbond.range_1_label_atom_id 
_pdbx_struct_sheet_hbond.range_1_label_comp_id 
_pdbx_struct_sheet_hbond.range_1_label_asym_id 
_pdbx_struct_sheet_hbond.range_1_label_seq_id 
_pdbx_struct_sheet_hbond.range_1_PDB_ins_code 
_pdbx_struct_sheet_hbond.range_1_auth_atom_id 
_pdbx_struct_sheet_hbond.range_1_auth_comp_id 
_pdbx_struct_sheet_hbond.range_1_auth_asym_id 
_pdbx_struct_sheet_hbond.range_1_auth_seq_id 
_pdbx_struct_sheet_hbond.range_2_label_atom_id 
_pdbx_struct_sheet_hbond.range_2_label_comp_id 
_pdbx_struct_sheet_hbond.range_2_label_asym_id 
_pdbx_struct_sheet_hbond.range_2_label_seq_id 
_pdbx_struct_sheet_hbond.range_2_PDB_ins_code 
_pdbx_struct_sheet_hbond.range_2_auth_atom_id 
_pdbx_struct_sheet_hbond.range_2_auth_comp_id 
_pdbx_struct_sheet_hbond.range_2_auth_asym_id 
_pdbx_struct_sheet_hbond.range_2_auth_seq_id 
S1 1 2 O PHE A 46  ? O PHE A 46  N THR A 82  ? N THR A 82  
S1 2 3 O ILE A 81  ? O ILE A 81  N ALA A 102 ? N ALA A 102 
S2 1 2 O LYS A 61  ? O LYS A 61  N GLN A 74  ? N GLN A 74  
S2 2 3 O TYR A 73  ? O TYR A 73  N VAL A 108 ? N VAL A 108 
S2 3 4 N GLU A 111 ? N GLU A 111 O VAL A 116 ? O VAL A 116 
# 
loop_
_struct_site.id 
_struct_site.pdbx_evidence_code 
_struct_site.pdbx_auth_asym_id 
_struct_site.pdbx_auth_comp_id 
_struct_site.pdbx_auth_seq_id 
_struct_site.pdbx_auth_ins_code 
_struct_site.pdbx_num_residues 
_struct_site.details 
P1  Unknown  ? ?   ?   ? 4 ?                                    
B1  Unknown  ? ?   ?   ? 2 ?                                    
B2  Unknown  ? ?   ?   ? 3 ?                                    
AC1 Software A SO4 151 ? 7 'BINDING SITE FOR RESIDUE SO4 A 151' 
AC2 Software A 5GP 161 ? 8 'BINDING SITE FOR RESIDUE 5GP A 161' 
# 
loop_
_struct_site_gen.id 
_struct_site_gen.site_id 
_struct_site_gen.pdbx_num_res 
_struct_site_gen.label_comp_id 
_struct_site_gen.label_asym_id 
_struct_site_gen.label_seq_id 
_struct_site_gen.pdbx_auth_ins_code 
_struct_site_gen.auth_comp_id 
_struct_site_gen.auth_asym_id 
_struct_site_gen.auth_seq_id 
_struct_site_gen.label_atom_id 
_struct_site_gen.label_alt_id 
_struct_site_gen.symmetry 
_struct_site_gen.details 
1  P1  4 HIS A 119 ? HIS A 119 . ? 1_555 ? 
2  P1  4 HIS A 12  ? HIS A 12  . ? 1_555 ? 
3  P1  4 LYS A 41  ? LYS A 41  . ? 1_555 ? 
4  P1  4 GLN A 11  ? GLN A 11  . ? 1_555 ? 
5  B1  2 THR A 45  ? THR A 45  . ? 1_555 ? 
6  B1  2 PHE A 120 ? PHE A 120 . ? 1_555 ? 
7  B2  3 GLN A 69  ? GLN A 69  . ? 1_555 ? 
8  B2  3 ASN A 71  ? ASN A 71  . ? 1_555 ? 
9  B2  3 GLU A 111 ? GLU A 111 . ? 1_555 ? 
10 AC1 7 GLN A 11  ? GLN A 11  . ? 1_555 ? 
11 AC1 7 HIS A 12  ? HIS A 12  . ? 1_555 ? 
12 AC1 7 LYS A 41  ? LYS A 41  . ? 1_555 ? 
13 AC1 7 HIS A 119 ? HIS A 119 . ? 1_555 ? 
14 AC1 7 PHE A 120 ? PHE A 120 . ? 1_555 ? 
15 AC1 7 5GP C .   ? 5GP A 161 . ? 1_555 ? 
16 AC1 7 HOH D .   ? HOH A 162 . ? 1_555 ? 
17 AC2 8 HIS A 12  ? HIS A 12  . ? 1_555 ? 
18 AC2 8 ASN A 44  ? ASN A 44  . ? 1_555 ? 
19 AC2 8 THR A 45  ? THR A 45  . ? 1_555 ? 
20 AC2 8 LYS A 66  ? LYS A 66  . ? 1_555 ? 
21 AC2 8 ARG A 85  ? ARG A 85  . ? 1_555 ? 
22 AC2 8 PHE A 120 ? PHE A 120 . ? 1_555 ? 
23 AC2 8 ASP A 121 ? ASP A 121 . ? 1_555 ? 
24 AC2 8 SO4 B .   ? SO4 A 151 . ? 1_555 ? 
# 
_pdbx_entry_details.entry_id                   1RNC 
_pdbx_entry_details.compound_details           
;THE MOST INTERESTING FEATURE IN THIS STRUCTURE IS THE MODE
OF BINDING OF THE CPG INHIBITOR TO THE ENZYME.

THE ACTIVE SITE OF THE ENZYME WAS LABELLED B1, P1, B2
(FOLLOWING F.M.RICHARDS AND H.W.WYCKOFF (1973) IN "ATLAS OF
MOLECULAR STRUCTURES IN BIOLOGY - I:  RIBONUCLEASE-S" D.C.
PHILLIPS AND F.M.RICHARDS (EDS.) CLARENDON, OXFORD) WHERE
P1 IS THE SITE AT WHICH THE PHOSPHODIESTER BOND IS CLEAVED
AND IS OCCUPIED BY THE INORGANIC PHOSPHATE (OR SULFATE)
IN THE NATIVE STRUCTURE.  B1 IS THE SITE AT WHICH BASE
IDENTIFICATION IS MADE THROUGH THR 45, BEING A SPECIFIC
BINDING PLACE FOR PYRIMIDINE BASES.  B2 IS THE SECOND
BINDING PLACE FOR EITHER PURINE OR PYRIMIDINES.

IN THIS STRUCTURE THE GUANINE BASE OF CPG BINDS TO THR 45
IN THE B1 SITE AND THE PHOSPHATE/SULFATE IN P1 (WHICH IS
NOT DISPLACED BY THE INHIBITOR), WITH THE CPG MOLECULE
PROTRUDING 'BACKWARDS' AWAY FROM THE ACTIVE SITE TOWARD
THE OUTSIDE OF THE RIBONUCLEASE MOLECULAR SURFACE.
;
_pdbx_entry_details.source_details             ? 
_pdbx_entry_details.nonpolymer_details         ? 
_pdbx_entry_details.sequence_details           ? 
_pdbx_entry_details.has_ligand_of_interest     ? 
_pdbx_entry_details.has_protein_modification   Y 
# 
loop_
_pdbx_validate_rmsd_bond.id 
_pdbx_validate_rmsd_bond.PDB_model_num 
_pdbx_validate_rmsd_bond.auth_atom_id_1 
_pdbx_validate_rmsd_bond.auth_asym_id_1 
_pdbx_validate_rmsd_bond.auth_comp_id_1 
_pdbx_validate_rmsd_bond.auth_seq_id_1 
_pdbx_validate_rmsd_bond.PDB_ins_code_1 
_pdbx_validate_rmsd_bond.label_alt_id_1 
_pdbx_validate_rmsd_bond.auth_atom_id_2 
_pdbx_validate_rmsd_bond.auth_asym_id_2 
_pdbx_validate_rmsd_bond.auth_comp_id_2 
_pdbx_validate_rmsd_bond.auth_seq_id_2 
_pdbx_validate_rmsd_bond.PDB_ins_code_2 
_pdbx_validate_rmsd_bond.label_alt_id_2 
_pdbx_validate_rmsd_bond.bond_value 
_pdbx_validate_rmsd_bond.bond_target_value 
_pdbx_validate_rmsd_bond.bond_deviation 
_pdbx_validate_rmsd_bond.bond_standard_deviation 
_pdbx_validate_rmsd_bond.linker_flag 
1 1 CZ A ARG 33  ? ? NH2 A ARG 33  ? ? 1.417 1.326 0.091 0.013 N 
2 1 CB A TYR 97  ? ? CG  A TYR 97  ? ? 1.608 1.512 0.096 0.015 N 
3 1 CG A HIS 119 ? ? CD2 A HIS 119 ? ? 1.423 1.354 0.069 0.009 N 
# 
loop_
_pdbx_validate_rmsd_angle.id 
_pdbx_validate_rmsd_angle.PDB_model_num 
_pdbx_validate_rmsd_angle.auth_atom_id_1 
_pdbx_validate_rmsd_angle.auth_asym_id_1 
_pdbx_validate_rmsd_angle.auth_comp_id_1 
_pdbx_validate_rmsd_angle.auth_seq_id_1 
_pdbx_validate_rmsd_angle.PDB_ins_code_1 
_pdbx_validate_rmsd_angle.label_alt_id_1 
_pdbx_validate_rmsd_angle.auth_atom_id_2 
_pdbx_validate_rmsd_angle.auth_asym_id_2 
_pdbx_validate_rmsd_angle.auth_comp_id_2 
_pdbx_validate_rmsd_angle.auth_seq_id_2 
_pdbx_validate_rmsd_angle.PDB_ins_code_2 
_pdbx_validate_rmsd_angle.label_alt_id_2 
_pdbx_validate_rmsd_angle.auth_atom_id_3 
_pdbx_validate_rmsd_angle.auth_asym_id_3 
_pdbx_validate_rmsd_angle.auth_comp_id_3 
_pdbx_validate_rmsd_angle.auth_seq_id_3 
_pdbx_validate_rmsd_angle.PDB_ins_code_3 
_pdbx_validate_rmsd_angle.label_alt_id_3 
_pdbx_validate_rmsd_angle.angle_value 
_pdbx_validate_rmsd_angle.angle_target_value 
_pdbx_validate_rmsd_angle.angle_deviation 
_pdbx_validate_rmsd_angle.angle_standard_deviation 
_pdbx_validate_rmsd_angle.linker_flag 
1  1 CA  A LYS 1   ? ? CB  A LYS 1   ? ? CG  A LYS 1   ? ? 134.82 113.40 21.42  2.20 N 
2  1 CG  A LYS 1   ? ? CD  A LYS 1   ? ? CE  A LYS 1   ? ? 129.90 111.90 18.00  3.00 N 
3  1 CD  A LYS 1   ? ? CE  A LYS 1   ? ? NZ  A LYS 1   ? ? 129.11 111.70 17.41  2.30 N 
4  1 OE1 A GLU 2   ? ? CD  A GLU 2   ? ? OE2 A GLU 2   ? ? 114.53 123.30 -8.77  1.20 N 
5  1 CB  A PHE 8   ? ? CG  A PHE 8   ? ? CD2 A PHE 8   ? ? 113.97 120.80 -6.83  0.70 N 
6  1 NE  A ARG 10  ? ? CZ  A ARG 10  ? ? NH1 A ARG 10  ? ? 125.22 120.30 4.92   0.50 N 
7  1 CB  A ASP 14  ? ? CG  A ASP 14  ? ? OD2 A ASP 14  ? ? 112.36 118.30 -5.94  0.90 N 
8  1 O   A ALA 20  ? ? C   A ALA 20  ? ? N   A SER 21  ? ? 136.62 122.70 13.92  1.60 Y 
9  1 C   A ALA 20  ? ? N   A SER 21  ? ? CA  A SER 21  ? ? 105.74 121.70 -15.96 2.50 Y 
10 1 CB  A TYR 25  ? ? CG  A TYR 25  ? ? CD2 A TYR 25  ? ? 113.08 121.00 -7.92  0.60 N 
11 1 CB  A TYR 25  ? ? CG  A TYR 25  ? ? CD1 A TYR 25  ? ? 125.60 121.00 4.60   0.60 N 
12 1 NE  A ARG 33  ? ? CZ  A ARG 33  ? ? NH1 A ARG 33  ? ? 129.97 120.30 9.67   0.50 N 
13 1 NE  A ARG 33  ? ? CZ  A ARG 33  ? ? NH2 A ARG 33  ? ? 111.78 120.30 -8.52  0.50 N 
14 1 O   A ASN 34  ? ? C   A ASN 34  ? ? N   A LEU 35  ? ? 112.99 122.70 -9.71  1.60 Y 
15 1 O   A LYS 37  ? ? C   A LYS 37  ? ? N   A ASP 38  ? ? 132.46 122.70 9.76   1.60 Y 
16 1 NE  A ARG 39  ? ? CZ  A ARG 39  ? ? NH1 A ARG 39  ? ? 131.09 120.30 10.79  0.50 N 
17 1 NE  A ARG 39  ? ? CZ  A ARG 39  ? ? NH2 A ARG 39  ? ? 114.84 120.30 -5.46  0.50 N 
18 1 OE1 A GLU 49  ? ? CD  A GLU 49  ? ? OE2 A GLU 49  ? ? 112.70 123.30 -10.60 1.20 N 
19 1 O   A VAL 54  ? ? C   A VAL 54  ? ? N   A GLN 55  ? ? 133.74 122.70 11.04  1.60 Y 
20 1 CB  A TYR 73  ? ? CG  A TYR 73  ? ? CD2 A TYR 73  ? ? 111.64 121.00 -9.36  0.60 N 
21 1 CD1 A TYR 73  ? ? CG  A TYR 73  ? ? CD2 A TYR 73  ? ? 130.35 117.90 12.45  1.10 N 
22 1 CG  A TYR 73  ? ? CD1 A TYR 73  ? ? CE1 A TYR 73  ? ? 114.11 121.30 -7.19  0.80 N 
23 1 CG  A TYR 73  ? ? CD2 A TYR 73  ? ? CE2 A TYR 73  ? ? 113.71 121.30 -7.59  0.80 N 
24 1 CB  A TYR 76  ? ? CG  A TYR 76  ? ? CD2 A TYR 76  ? ? 113.05 121.00 -7.95  0.60 N 
25 1 CD1 A TYR 76  ? ? CG  A TYR 76  ? ? CD2 A TYR 76  ? ? 125.01 117.90 7.11   1.10 N 
26 1 O   A THR 82  ? ? C   A THR 82  ? ? N   A ASP 83  ? ? 133.48 122.70 10.78  1.60 Y 
27 1 CB  A ASP 83  ? ? CG  A ASP 83  ? ? OD1 A ASP 83  ? ? 109.72 118.30 -8.58  0.90 N 
28 1 CD  A ARG 85  ? ? NE  A ARG 85  ? ? CZ  A ARG 85  ? ? 134.02 123.60 10.42  1.40 N 
29 1 NH1 A ARG 85  ? ? CZ  A ARG 85  ? ? NH2 A ARG 85  ? ? 112.17 119.40 -7.23  1.10 N 
30 1 NE  A ARG 85  ? ? CZ  A ARG 85  ? ? NH1 A ARG 85  ? ? 127.24 120.30 6.94   0.50 N 
31 1 O   A THR 87  ? ? C   A THR 87  ? ? N   A GLY 88  ? ? 134.81 123.20 11.61  1.70 Y 
32 1 CB  A TYR 97  ? ? CG  A TYR 97  ? ? CD2 A TYR 97  ? ? 108.17 121.00 -12.83 0.60 N 
33 1 CD1 A TYR 97  ? ? CG  A TYR 97  ? ? CD2 A TYR 97  ? ? 128.98 117.90 11.08  1.10 N 
34 1 CG  A TYR 97  ? ? CD1 A TYR 97  ? ? CE1 A TYR 97  ? ? 110.81 121.30 -10.49 0.80 N 
35 1 O   A TYR 97  ? ? C   A TYR 97  ? ? N   A LYS 98  ? ? 132.36 122.70 9.66   1.60 Y 
36 1 CE1 A HIS 105 ? ? NE2 A HIS 105 ? ? CD2 A HIS 105 ? ? 114.51 109.00 5.51   0.70 N 
37 1 CB  A TYR 115 ? ? CG  A TYR 115 ? ? CD2 A TYR 115 ? ? 125.76 121.00 4.76   0.60 N 
38 1 CB  A TYR 115 ? ? CG  A TYR 115 ? ? CD1 A TYR 115 ? ? 115.98 121.00 -5.02  0.60 N 
39 1 CB  A HIS 119 ? ? CG  A HIS 119 ? ? CD2 A HIS 119 ? ? 120.06 129.70 -9.64  1.60 N 
40 1 CB  A PHE 120 ? ? CG  A PHE 120 ? ? CD2 A PHE 120 ? ? 113.44 120.80 -7.36  0.70 N 
41 1 CA  A VAL 124 ? ? CB  A VAL 124 ? ? CG2 A VAL 124 ? ? 122.99 110.90 12.09  1.50 N 
# 
loop_
_pdbx_validate_torsion.id 
_pdbx_validate_torsion.PDB_model_num 
_pdbx_validate_torsion.auth_comp_id 
_pdbx_validate_torsion.auth_asym_id 
_pdbx_validate_torsion.auth_seq_id 
_pdbx_validate_torsion.PDB_ins_code 
_pdbx_validate_torsion.label_alt_id 
_pdbx_validate_torsion.phi 
_pdbx_validate_torsion.psi 
1 1 ASN A 34 ? ? 73.79   32.47   
2 1 HIS A 48 ? ? -102.62 59.72   
3 1 GLN A 60 ? ? -105.35 -128.04 
# 
_pdbx_validate_peptide_omega.id               1 
_pdbx_validate_peptide_omega.PDB_model_num    1 
_pdbx_validate_peptide_omega.auth_comp_id_1   GLU 
_pdbx_validate_peptide_omega.auth_asym_id_1   A 
_pdbx_validate_peptide_omega.auth_seq_id_1    111 
_pdbx_validate_peptide_omega.PDB_ins_code_1   ? 
_pdbx_validate_peptide_omega.label_alt_id_1   ? 
_pdbx_validate_peptide_omega.auth_comp_id_2   GLY 
_pdbx_validate_peptide_omega.auth_asym_id_2   A 
_pdbx_validate_peptide_omega.auth_seq_id_2    112 
_pdbx_validate_peptide_omega.PDB_ins_code_2   ? 
_pdbx_validate_peptide_omega.label_alt_id_2   ? 
_pdbx_validate_peptide_omega.omega            149.72 
# 
_pdbx_validate_planes.id              1 
_pdbx_validate_planes.PDB_model_num   1 
_pdbx_validate_planes.auth_comp_id    ARG 
_pdbx_validate_planes.auth_asym_id    A 
_pdbx_validate_planes.auth_seq_id     85 
_pdbx_validate_planes.PDB_ins_code    ? 
_pdbx_validate_planes.label_alt_id    ? 
_pdbx_validate_planes.rmsd            0.123 
_pdbx_validate_planes.type            'SIDE CHAIN' 
# 
loop_
_chem_comp_atom.comp_id 
_chem_comp_atom.atom_id 
_chem_comp_atom.type_symbol 
_chem_comp_atom.pdbx_aromatic_flag 
_chem_comp_atom.pdbx_stereo_config 
_chem_comp_atom.pdbx_ordinal 
5GP P      P N N 1   
5GP O1P    O N N 2   
5GP O2P    O N N 3   
5GP O3P    O N N 4   
5GP "O5'"  O N N 5   
5GP "C5'"  C N N 6   
5GP "C4'"  C N R 7   
5GP "O4'"  O N N 8   
5GP "C3'"  C N S 9   
5GP "O3'"  O N N 10  
5GP "C2'"  C N R 11  
5GP "O2'"  O N N 12  
5GP "C1'"  C N R 13  
5GP N9     N Y N 14  
5GP C8     C Y N 15  
5GP N7     N Y N 16  
5GP C5     C Y N 17  
5GP C6     C N N 18  
5GP O6     O N N 19  
5GP N1     N N N 20  
5GP C2     C N N 21  
5GP N2     N N N 22  
5GP N3     N N N 23  
5GP C4     C Y N 24  
5GP HOP2   H N N 25  
5GP HOP3   H N N 26  
5GP "H5'1" H N N 27  
5GP "H5'2" H N N 28  
5GP "H4'"  H N N 29  
5GP "H3'"  H N N 30  
5GP "HO3'" H N N 31  
5GP "H2'"  H N N 32  
5GP "HO2'" H N N 33  
5GP "H1'"  H N N 34  
5GP H8     H N N 35  
5GP HN1    H N N 36  
5GP HN21   H N N 37  
5GP HN22   H N N 38  
ALA N      N N N 39  
ALA CA     C N S 40  
ALA C      C N N 41  
ALA O      O N N 42  
ALA CB     C N N 43  
ALA OXT    O N N 44  
ALA H      H N N 45  
ALA H2     H N N 46  
ALA HA     H N N 47  
ALA HB1    H N N 48  
ALA HB2    H N N 49  
ALA HB3    H N N 50  
ALA HXT    H N N 51  
ARG N      N N N 52  
ARG CA     C N S 53  
ARG C      C N N 54  
ARG O      O N N 55  
ARG CB     C N N 56  
ARG CG     C N N 57  
ARG CD     C N N 58  
ARG NE     N N N 59  
ARG CZ     C N N 60  
ARG NH1    N N N 61  
ARG NH2    N N N 62  
ARG OXT    O N N 63  
ARG H      H N N 64  
ARG H2     H N N 65  
ARG HA     H N N 66  
ARG HB2    H N N 67  
ARG HB3    H N N 68  
ARG HG2    H N N 69  
ARG HG3    H N N 70  
ARG HD2    H N N 71  
ARG HD3    H N N 72  
ARG HE     H N N 73  
ARG HH11   H N N 74  
ARG HH12   H N N 75  
ARG HH21   H N N 76  
ARG HH22   H N N 77  
ARG HXT    H N N 78  
ASN N      N N N 79  
ASN CA     C N S 80  
ASN C      C N N 81  
ASN O      O N N 82  
ASN CB     C N N 83  
ASN CG     C N N 84  
ASN OD1    O N N 85  
ASN ND2    N N N 86  
ASN OXT    O N N 87  
ASN H      H N N 88  
ASN H2     H N N 89  
ASN HA     H N N 90  
ASN HB2    H N N 91  
ASN HB3    H N N 92  
ASN HD21   H N N 93  
ASN HD22   H N N 94  
ASN HXT    H N N 95  
ASP N      N N N 96  
ASP CA     C N S 97  
ASP C      C N N 98  
ASP O      O N N 99  
ASP CB     C N N 100 
ASP CG     C N N 101 
ASP OD1    O N N 102 
ASP OD2    O N N 103 
ASP OXT    O N N 104 
ASP H      H N N 105 
ASP H2     H N N 106 
ASP HA     H N N 107 
ASP HB2    H N N 108 
ASP HB3    H N N 109 
ASP HD2    H N N 110 
ASP HXT    H N N 111 
CYS N      N N N 112 
CYS CA     C N R 113 
CYS C      C N N 114 
CYS O      O N N 115 
CYS CB     C N N 116 
CYS SG     S N N 117 
CYS OXT    O N N 118 
CYS H      H N N 119 
CYS H2     H N N 120 
CYS HA     H N N 121 
CYS HB2    H N N 122 
CYS HB3    H N N 123 
CYS HG     H N N 124 
CYS HXT    H N N 125 
GLN N      N N N 126 
GLN CA     C N S 127 
GLN C      C N N 128 
GLN O      O N N 129 
GLN CB     C N N 130 
GLN CG     C N N 131 
GLN CD     C N N 132 
GLN OE1    O N N 133 
GLN NE2    N N N 134 
GLN OXT    O N N 135 
GLN H      H N N 136 
GLN H2     H N N 137 
GLN HA     H N N 138 
GLN HB2    H N N 139 
GLN HB3    H N N 140 
GLN HG2    H N N 141 
GLN HG3    H N N 142 
GLN HE21   H N N 143 
GLN HE22   H N N 144 
GLN HXT    H N N 145 
GLU N      N N N 146 
GLU CA     C N S 147 
GLU C      C N N 148 
GLU O      O N N 149 
GLU CB     C N N 150 
GLU CG     C N N 151 
GLU CD     C N N 152 
GLU OE1    O N N 153 
GLU OE2    O N N 154 
GLU OXT    O N N 155 
GLU H      H N N 156 
GLU H2     H N N 157 
GLU HA     H N N 158 
GLU HB2    H N N 159 
GLU HB3    H N N 160 
GLU HG2    H N N 161 
GLU HG3    H N N 162 
GLU HE2    H N N 163 
GLU HXT    H N N 164 
GLY N      N N N 165 
GLY CA     C N N 166 
GLY C      C N N 167 
GLY O      O N N 168 
GLY OXT    O N N 169 
GLY H      H N N 170 
GLY H2     H N N 171 
GLY HA2    H N N 172 
GLY HA3    H N N 173 
GLY HXT    H N N 174 
HIS N      N N N 175 
HIS CA     C N S 176 
HIS C      C N N 177 
HIS O      O N N 178 
HIS CB     C N N 179 
HIS CG     C Y N 180 
HIS ND1    N Y N 181 
HIS CD2    C Y N 182 
HIS CE1    C Y N 183 
HIS NE2    N Y N 184 
HIS OXT    O N N 185 
HIS H      H N N 186 
HIS H2     H N N 187 
HIS HA     H N N 188 
HIS HB2    H N N 189 
HIS HB3    H N N 190 
HIS HD1    H N N 191 
HIS HD2    H N N 192 
HIS HE1    H N N 193 
HIS HE2    H N N 194 
HIS HXT    H N N 195 
HOH O      O N N 196 
HOH H1     H N N 197 
HOH H2     H N N 198 
ILE N      N N N 199 
ILE CA     C N S 200 
ILE C      C N N 201 
ILE O      O N N 202 
ILE CB     C N S 203 
ILE CG1    C N N 204 
ILE CG2    C N N 205 
ILE CD1    C N N 206 
ILE OXT    O N N 207 
ILE H      H N N 208 
ILE H2     H N N 209 
ILE HA     H N N 210 
ILE HB     H N N 211 
ILE HG12   H N N 212 
ILE HG13   H N N 213 
ILE HG21   H N N 214 
ILE HG22   H N N 215 
ILE HG23   H N N 216 
ILE HD11   H N N 217 
ILE HD12   H N N 218 
ILE HD13   H N N 219 
ILE HXT    H N N 220 
LEU N      N N N 221 
LEU CA     C N S 222 
LEU C      C N N 223 
LEU O      O N N 224 
LEU CB     C N N 225 
LEU CG     C N N 226 
LEU CD1    C N N 227 
LEU CD2    C N N 228 
LEU OXT    O N N 229 
LEU H      H N N 230 
LEU H2     H N N 231 
LEU HA     H N N 232 
LEU HB2    H N N 233 
LEU HB3    H N N 234 
LEU HG     H N N 235 
LEU HD11   H N N 236 
LEU HD12   H N N 237 
LEU HD13   H N N 238 
LEU HD21   H N N 239 
LEU HD22   H N N 240 
LEU HD23   H N N 241 
LEU HXT    H N N 242 
LYS N      N N N 243 
LYS CA     C N S 244 
LYS C      C N N 245 
LYS O      O N N 246 
LYS CB     C N N 247 
LYS CG     C N N 248 
LYS CD     C N N 249 
LYS CE     C N N 250 
LYS NZ     N N N 251 
LYS OXT    O N N 252 
LYS H      H N N 253 
LYS H2     H N N 254 
LYS HA     H N N 255 
LYS HB2    H N N 256 
LYS HB3    H N N 257 
LYS HG2    H N N 258 
LYS HG3    H N N 259 
LYS HD2    H N N 260 
LYS HD3    H N N 261 
LYS HE2    H N N 262 
LYS HE3    H N N 263 
LYS HZ1    H N N 264 
LYS HZ2    H N N 265 
LYS HZ3    H N N 266 
LYS HXT    H N N 267 
MET N      N N N 268 
MET CA     C N S 269 
MET C      C N N 270 
MET O      O N N 271 
MET CB     C N N 272 
MET CG     C N N 273 
MET SD     S N N 274 
MET CE     C N N 275 
MET OXT    O N N 276 
MET H      H N N 277 
MET H2     H N N 278 
MET HA     H N N 279 
MET HB2    H N N 280 
MET HB3    H N N 281 
MET HG2    H N N 282 
MET HG3    H N N 283 
MET HE1    H N N 284 
MET HE2    H N N 285 
MET HE3    H N N 286 
MET HXT    H N N 287 
PHE N      N N N 288 
PHE CA     C N S 289 
PHE C      C N N 290 
PHE O      O N N 291 
PHE CB     C N N 292 
PHE CG     C Y N 293 
PHE CD1    C Y N 294 
PHE CD2    C Y N 295 
PHE CE1    C Y N 296 
PHE CE2    C Y N 297 
PHE CZ     C Y N 298 
PHE OXT    O N N 299 
PHE H      H N N 300 
PHE H2     H N N 301 
PHE HA     H N N 302 
PHE HB2    H N N 303 
PHE HB3    H N N 304 
PHE HD1    H N N 305 
PHE HD2    H N N 306 
PHE HE1    H N N 307 
PHE HE2    H N N 308 
PHE HZ     H N N 309 
PHE HXT    H N N 310 
PRO N      N N N 311 
PRO CA     C N S 312 
PRO C      C N N 313 
PRO O      O N N 314 
PRO CB     C N N 315 
PRO CG     C N N 316 
PRO CD     C N N 317 
PRO OXT    O N N 318 
PRO H      H N N 319 
PRO HA     H N N 320 
PRO HB2    H N N 321 
PRO HB3    H N N 322 
PRO HG2    H N N 323 
PRO HG3    H N N 324 
PRO HD2    H N N 325 
PRO HD3    H N N 326 
PRO HXT    H N N 327 
SER N      N N N 328 
SER CA     C N S 329 
SER C      C N N 330 
SER O      O N N 331 
SER CB     C N N 332 
SER OG     O N N 333 
SER OXT    O N N 334 
SER H      H N N 335 
SER H2     H N N 336 
SER HA     H N N 337 
SER HB2    H N N 338 
SER HB3    H N N 339 
SER HG     H N N 340 
SER HXT    H N N 341 
SO4 S      S N N 342 
SO4 O1     O N N 343 
SO4 O2     O N N 344 
SO4 O3     O N N 345 
SO4 O4     O N N 346 
THR N      N N N 347 
THR CA     C N S 348 
THR C      C N N 349 
THR O      O N N 350 
THR CB     C N R 351 
THR OG1    O N N 352 
THR CG2    C N N 353 
THR OXT    O N N 354 
THR H      H N N 355 
THR H2     H N N 356 
THR HA     H N N 357 
THR HB     H N N 358 
THR HG1    H N N 359 
THR HG21   H N N 360 
THR HG22   H N N 361 
THR HG23   H N N 362 
THR HXT    H N N 363 
TYR N      N N N 364 
TYR CA     C N S 365 
TYR C      C N N 366 
TYR O      O N N 367 
TYR CB     C N N 368 
TYR CG     C Y N 369 
TYR CD1    C Y N 370 
TYR CD2    C Y N 371 
TYR CE1    C Y N 372 
TYR CE2    C Y N 373 
TYR CZ     C Y N 374 
TYR OH     O N N 375 
TYR OXT    O N N 376 
TYR H      H N N 377 
TYR H2     H N N 378 
TYR HA     H N N 379 
TYR HB2    H N N 380 
TYR HB3    H N N 381 
TYR HD1    H N N 382 
TYR HD2    H N N 383 
TYR HE1    H N N 384 
TYR HE2    H N N 385 
TYR HH     H N N 386 
TYR HXT    H N N 387 
VAL N      N N N 388 
VAL CA     C N S 389 
VAL C      C N N 390 
VAL O      O N N 391 
VAL CB     C N N 392 
VAL CG1    C N N 393 
VAL CG2    C N N 394 
VAL OXT    O N N 395 
VAL H      H N N 396 
VAL H2     H N N 397 
VAL HA     H N N 398 
VAL HB     H N N 399 
VAL HG11   H N N 400 
VAL HG12   H N N 401 
VAL HG13   H N N 402 
VAL HG21   H N N 403 
VAL HG22   H N N 404 
VAL HG23   H N N 405 
VAL HXT    H N N 406 
# 
loop_
_chem_comp_bond.comp_id 
_chem_comp_bond.atom_id_1 
_chem_comp_bond.atom_id_2 
_chem_comp_bond.value_order 
_chem_comp_bond.pdbx_aromatic_flag 
_chem_comp_bond.pdbx_stereo_config 
_chem_comp_bond.pdbx_ordinal 
5GP P     O1P    doub N N 1   
5GP P     O2P    sing N N 2   
5GP P     O3P    sing N N 3   
5GP P     "O5'"  sing N N 4   
5GP O2P   HOP2   sing N N 5   
5GP O3P   HOP3   sing N N 6   
5GP "O5'" "C5'"  sing N N 7   
5GP "C5'" "C4'"  sing N N 8   
5GP "C5'" "H5'1" sing N N 9   
5GP "C5'" "H5'2" sing N N 10  
5GP "C4'" "O4'"  sing N N 11  
5GP "C4'" "C3'"  sing N N 12  
5GP "C4'" "H4'"  sing N N 13  
5GP "O4'" "C1'"  sing N N 14  
5GP "C3'" "O3'"  sing N N 15  
5GP "C3'" "C2'"  sing N N 16  
5GP "C3'" "H3'"  sing N N 17  
5GP "O3'" "HO3'" sing N N 18  
5GP "C2'" "O2'"  sing N N 19  
5GP "C2'" "C1'"  sing N N 20  
5GP "C2'" "H2'"  sing N N 21  
5GP "O2'" "HO2'" sing N N 22  
5GP "C1'" N9     sing N N 23  
5GP "C1'" "H1'"  sing N N 24  
5GP N9    C8     sing Y N 25  
5GP N9    C4     sing Y N 26  
5GP C8    N7     doub Y N 27  
5GP C8    H8     sing N N 28  
5GP N7    C5     sing Y N 29  
5GP C5    C6     sing N N 30  
5GP C5    C4     doub Y N 31  
5GP C6    O6     doub N N 32  
5GP C6    N1     sing N N 33  
5GP N1    C2     sing N N 34  
5GP N1    HN1    sing N N 35  
5GP C2    N2     sing N N 36  
5GP C2    N3     doub N N 37  
5GP N2    HN21   sing N N 38  
5GP N2    HN22   sing N N 39  
5GP N3    C4     sing N N 40  
ALA N     CA     sing N N 41  
ALA N     H      sing N N 42  
ALA N     H2     sing N N 43  
ALA CA    C      sing N N 44  
ALA CA    CB     sing N N 45  
ALA CA    HA     sing N N 46  
ALA C     O      doub N N 47  
ALA C     OXT    sing N N 48  
ALA CB    HB1    sing N N 49  
ALA CB    HB2    sing N N 50  
ALA CB    HB3    sing N N 51  
ALA OXT   HXT    sing N N 52  
ARG N     CA     sing N N 53  
ARG N     H      sing N N 54  
ARG N     H2     sing N N 55  
ARG CA    C      sing N N 56  
ARG CA    CB     sing N N 57  
ARG CA    HA     sing N N 58  
ARG C     O      doub N N 59  
ARG C     OXT    sing N N 60  
ARG CB    CG     sing N N 61  
ARG CB    HB2    sing N N 62  
ARG CB    HB3    sing N N 63  
ARG CG    CD     sing N N 64  
ARG CG    HG2    sing N N 65  
ARG CG    HG3    sing N N 66  
ARG CD    NE     sing N N 67  
ARG CD    HD2    sing N N 68  
ARG CD    HD3    sing N N 69  
ARG NE    CZ     sing N N 70  
ARG NE    HE     sing N N 71  
ARG CZ    NH1    sing N N 72  
ARG CZ    NH2    doub N N 73  
ARG NH1   HH11   sing N N 74  
ARG NH1   HH12   sing N N 75  
ARG NH2   HH21   sing N N 76  
ARG NH2   HH22   sing N N 77  
ARG OXT   HXT    sing N N 78  
ASN N     CA     sing N N 79  
ASN N     H      sing N N 80  
ASN N     H2     sing N N 81  
ASN CA    C      sing N N 82  
ASN CA    CB     sing N N 83  
ASN CA    HA     sing N N 84  
ASN C     O      doub N N 85  
ASN C     OXT    sing N N 86  
ASN CB    CG     sing N N 87  
ASN CB    HB2    sing N N 88  
ASN CB    HB3    sing N N 89  
ASN CG    OD1    doub N N 90  
ASN CG    ND2    sing N N 91  
ASN ND2   HD21   sing N N 92  
ASN ND2   HD22   sing N N 93  
ASN OXT   HXT    sing N N 94  
ASP N     CA     sing N N 95  
ASP N     H      sing N N 96  
ASP N     H2     sing N N 97  
ASP CA    C      sing N N 98  
ASP CA    CB     sing N N 99  
ASP CA    HA     sing N N 100 
ASP C     O      doub N N 101 
ASP C     OXT    sing N N 102 
ASP CB    CG     sing N N 103 
ASP CB    HB2    sing N N 104 
ASP CB    HB3    sing N N 105 
ASP CG    OD1    doub N N 106 
ASP CG    OD2    sing N N 107 
ASP OD2   HD2    sing N N 108 
ASP OXT   HXT    sing N N 109 
CYS N     CA     sing N N 110 
CYS N     H      sing N N 111 
CYS N     H2     sing N N 112 
CYS CA    C      sing N N 113 
CYS CA    CB     sing N N 114 
CYS CA    HA     sing N N 115 
CYS C     O      doub N N 116 
CYS C     OXT    sing N N 117 
CYS CB    SG     sing N N 118 
CYS CB    HB2    sing N N 119 
CYS CB    HB3    sing N N 120 
CYS SG    HG     sing N N 121 
CYS OXT   HXT    sing N N 122 
GLN N     CA     sing N N 123 
GLN N     H      sing N N 124 
GLN N     H2     sing N N 125 
GLN CA    C      sing N N 126 
GLN CA    CB     sing N N 127 
GLN CA    HA     sing N N 128 
GLN C     O      doub N N 129 
GLN C     OXT    sing N N 130 
GLN CB    CG     sing N N 131 
GLN CB    HB2    sing N N 132 
GLN CB    HB3    sing N N 133 
GLN CG    CD     sing N N 134 
GLN CG    HG2    sing N N 135 
GLN CG    HG3    sing N N 136 
GLN CD    OE1    doub N N 137 
GLN CD    NE2    sing N N 138 
GLN NE2   HE21   sing N N 139 
GLN NE2   HE22   sing N N 140 
GLN OXT   HXT    sing N N 141 
GLU N     CA     sing N N 142 
GLU N     H      sing N N 143 
GLU N     H2     sing N N 144 
GLU CA    C      sing N N 145 
GLU CA    CB     sing N N 146 
GLU CA    HA     sing N N 147 
GLU C     O      doub N N 148 
GLU C     OXT    sing N N 149 
GLU CB    CG     sing N N 150 
GLU CB    HB2    sing N N 151 
GLU CB    HB3    sing N N 152 
GLU CG    CD     sing N N 153 
GLU CG    HG2    sing N N 154 
GLU CG    HG3    sing N N 155 
GLU CD    OE1    doub N N 156 
GLU CD    OE2    sing N N 157 
GLU OE2   HE2    sing N N 158 
GLU OXT   HXT    sing N N 159 
GLY N     CA     sing N N 160 
GLY N     H      sing N N 161 
GLY N     H2     sing N N 162 
GLY CA    C      sing N N 163 
GLY CA    HA2    sing N N 164 
GLY CA    HA3    sing N N 165 
GLY C     O      doub N N 166 
GLY C     OXT    sing N N 167 
GLY OXT   HXT    sing N N 168 
HIS N     CA     sing N N 169 
HIS N     H      sing N N 170 
HIS N     H2     sing N N 171 
HIS CA    C      sing N N 172 
HIS CA    CB     sing N N 173 
HIS CA    HA     sing N N 174 
HIS C     O      doub N N 175 
HIS C     OXT    sing N N 176 
HIS CB    CG     sing N N 177 
HIS CB    HB2    sing N N 178 
HIS CB    HB3    sing N N 179 
HIS CG    ND1    sing Y N 180 
HIS CG    CD2    doub Y N 181 
HIS ND1   CE1    doub Y N 182 
HIS ND1   HD1    sing N N 183 
HIS CD2   NE2    sing Y N 184 
HIS CD2   HD2    sing N N 185 
HIS CE1   NE2    sing Y N 186 
HIS CE1   HE1    sing N N 187 
HIS NE2   HE2    sing N N 188 
HIS OXT   HXT    sing N N 189 
HOH O     H1     sing N N 190 
HOH O     H2     sing N N 191 
ILE N     CA     sing N N 192 
ILE N     H      sing N N 193 
ILE N     H2     sing N N 194 
ILE CA    C      sing N N 195 
ILE CA    CB     sing N N 196 
ILE CA    HA     sing N N 197 
ILE C     O      doub N N 198 
ILE C     OXT    sing N N 199 
ILE CB    CG1    sing N N 200 
ILE CB    CG2    sing N N 201 
ILE CB    HB     sing N N 202 
ILE CG1   CD1    sing N N 203 
ILE CG1   HG12   sing N N 204 
ILE CG1   HG13   sing N N 205 
ILE CG2   HG21   sing N N 206 
ILE CG2   HG22   sing N N 207 
ILE CG2   HG23   sing N N 208 
ILE CD1   HD11   sing N N 209 
ILE CD1   HD12   sing N N 210 
ILE CD1   HD13   sing N N 211 
ILE OXT   HXT    sing N N 212 
LEU N     CA     sing N N 213 
LEU N     H      sing N N 214 
LEU N     H2     sing N N 215 
LEU CA    C      sing N N 216 
LEU CA    CB     sing N N 217 
LEU CA    HA     sing N N 218 
LEU C     O      doub N N 219 
LEU C     OXT    sing N N 220 
LEU CB    CG     sing N N 221 
LEU CB    HB2    sing N N 222 
LEU CB    HB3    sing N N 223 
LEU CG    CD1    sing N N 224 
LEU CG    CD2    sing N N 225 
LEU CG    HG     sing N N 226 
LEU CD1   HD11   sing N N 227 
LEU CD1   HD12   sing N N 228 
LEU CD1   HD13   sing N N 229 
LEU CD2   HD21   sing N N 230 
LEU CD2   HD22   sing N N 231 
LEU CD2   HD23   sing N N 232 
LEU OXT   HXT    sing N N 233 
LYS N     CA     sing N N 234 
LYS N     H      sing N N 235 
LYS N     H2     sing N N 236 
LYS CA    C      sing N N 237 
LYS CA    CB     sing N N 238 
LYS CA    HA     sing N N 239 
LYS C     O      doub N N 240 
LYS C     OXT    sing N N 241 
LYS CB    CG     sing N N 242 
LYS CB    HB2    sing N N 243 
LYS CB    HB3    sing N N 244 
LYS CG    CD     sing N N 245 
LYS CG    HG2    sing N N 246 
LYS CG    HG3    sing N N 247 
LYS CD    CE     sing N N 248 
LYS CD    HD2    sing N N 249 
LYS CD    HD3    sing N N 250 
LYS CE    NZ     sing N N 251 
LYS CE    HE2    sing N N 252 
LYS CE    HE3    sing N N 253 
LYS NZ    HZ1    sing N N 254 
LYS NZ    HZ2    sing N N 255 
LYS NZ    HZ3    sing N N 256 
LYS OXT   HXT    sing N N 257 
MET N     CA     sing N N 258 
MET N     H      sing N N 259 
MET N     H2     sing N N 260 
MET CA    C      sing N N 261 
MET CA    CB     sing N N 262 
MET CA    HA     sing N N 263 
MET C     O      doub N N 264 
MET C     OXT    sing N N 265 
MET CB    CG     sing N N 266 
MET CB    HB2    sing N N 267 
MET CB    HB3    sing N N 268 
MET CG    SD     sing N N 269 
MET CG    HG2    sing N N 270 
MET CG    HG3    sing N N 271 
MET SD    CE     sing N N 272 
MET CE    HE1    sing N N 273 
MET CE    HE2    sing N N 274 
MET CE    HE3    sing N N 275 
MET OXT   HXT    sing N N 276 
PHE N     CA     sing N N 277 
PHE N     H      sing N N 278 
PHE N     H2     sing N N 279 
PHE CA    C      sing N N 280 
PHE CA    CB     sing N N 281 
PHE CA    HA     sing N N 282 
PHE C     O      doub N N 283 
PHE C     OXT    sing N N 284 
PHE CB    CG     sing N N 285 
PHE CB    HB2    sing N N 286 
PHE CB    HB3    sing N N 287 
PHE CG    CD1    doub Y N 288 
PHE CG    CD2    sing Y N 289 
PHE CD1   CE1    sing Y N 290 
PHE CD1   HD1    sing N N 291 
PHE CD2   CE2    doub Y N 292 
PHE CD2   HD2    sing N N 293 
PHE CE1   CZ     doub Y N 294 
PHE CE1   HE1    sing N N 295 
PHE CE2   CZ     sing Y N 296 
PHE CE2   HE2    sing N N 297 
PHE CZ    HZ     sing N N 298 
PHE OXT   HXT    sing N N 299 
PRO N     CA     sing N N 300 
PRO N     CD     sing N N 301 
PRO N     H      sing N N 302 
PRO CA    C      sing N N 303 
PRO CA    CB     sing N N 304 
PRO CA    HA     sing N N 305 
PRO C     O      doub N N 306 
PRO C     OXT    sing N N 307 
PRO CB    CG     sing N N 308 
PRO CB    HB2    sing N N 309 
PRO CB    HB3    sing N N 310 
PRO CG    CD     sing N N 311 
PRO CG    HG2    sing N N 312 
PRO CG    HG3    sing N N 313 
PRO CD    HD2    sing N N 314 
PRO CD    HD3    sing N N 315 
PRO OXT   HXT    sing N N 316 
SER N     CA     sing N N 317 
SER N     H      sing N N 318 
SER N     H2     sing N N 319 
SER CA    C      sing N N 320 
SER CA    CB     sing N N 321 
SER CA    HA     sing N N 322 
SER C     O      doub N N 323 
SER C     OXT    sing N N 324 
SER CB    OG     sing N N 325 
SER CB    HB2    sing N N 326 
SER CB    HB3    sing N N 327 
SER OG    HG     sing N N 328 
SER OXT   HXT    sing N N 329 
SO4 S     O1     doub N N 330 
SO4 S     O2     doub N N 331 
SO4 S     O3     sing N N 332 
SO4 S     O4     sing N N 333 
THR N     CA     sing N N 334 
THR N     H      sing N N 335 
THR N     H2     sing N N 336 
THR CA    C      sing N N 337 
THR CA    CB     sing N N 338 
THR CA    HA     sing N N 339 
THR C     O      doub N N 340 
THR C     OXT    sing N N 341 
THR CB    OG1    sing N N 342 
THR CB    CG2    sing N N 343 
THR CB    HB     sing N N 344 
THR OG1   HG1    sing N N 345 
THR CG2   HG21   sing N N 346 
THR CG2   HG22   sing N N 347 
THR CG2   HG23   sing N N 348 
THR OXT   HXT    sing N N 349 
TYR N     CA     sing N N 350 
TYR N     H      sing N N 351 
TYR N     H2     sing N N 352 
TYR CA    C      sing N N 353 
TYR CA    CB     sing N N 354 
TYR CA    HA     sing N N 355 
TYR C     O      doub N N 356 
TYR C     OXT    sing N N 357 
TYR CB    CG     sing N N 358 
TYR CB    HB2    sing N N 359 
TYR CB    HB3    sing N N 360 
TYR CG    CD1    doub Y N 361 
TYR CG    CD2    sing Y N 362 
TYR CD1   CE1    sing Y N 363 
TYR CD1   HD1    sing N N 364 
TYR CD2   CE2    doub Y N 365 
TYR CD2   HD2    sing N N 366 
TYR CE1   CZ     doub Y N 367 
TYR CE1   HE1    sing N N 368 
TYR CE2   CZ     sing Y N 369 
TYR CE2   HE2    sing N N 370 
TYR CZ    OH     sing N N 371 
TYR OH    HH     sing N N 372 
TYR OXT   HXT    sing N N 373 
VAL N     CA     sing N N 374 
VAL N     H      sing N N 375 
VAL N     H2     sing N N 376 
VAL CA    C      sing N N 377 
VAL CA    CB     sing N N 378 
VAL CA    HA     sing N N 379 
VAL C     O      doub N N 380 
VAL C     OXT    sing N N 381 
VAL CB    CG1    sing N N 382 
VAL CB    CG2    sing N N 383 
VAL CB    HB     sing N N 384 
VAL CG1   HG11   sing N N 385 
VAL CG1   HG12   sing N N 386 
VAL CG1   HG13   sing N N 387 
VAL CG2   HG21   sing N N 388 
VAL CG2   HG22   sing N N 389 
VAL CG2   HG23   sing N N 390 
VAL OXT   HXT    sing N N 391 
# 
_atom_sites.entry_id                    1RNC 
_atom_sites.fract_transf_matrix[1][1]   0.02806748 
_atom_sites.fract_transf_matrix[1][2]   -0.01841145 
_atom_sites.fract_transf_matrix[1][3]   0.00685338 
_atom_sites.fract_transf_matrix[2][1]   0.01410933 
_atom_sites.fract_transf_matrix[2][2]   0.01583764 
_atom_sites.fract_transf_matrix[2][3]   -0.01523619 
_atom_sites.fract_transf_matrix[3][1]   0.00795201 
_atom_sites.fract_transf_matrix[3][2]   0.00808938 
_atom_sites.fract_transf_matrix[3][3]   0.01577259 
_atom_sites.fract_transf_vector[1]      1.094821 
_atom_sites.fract_transf_vector[2]      0.452912 
_atom_sites.fract_transf_vector[3]      0.253240 
# 
loop_
_atom_sites_footnote.id 
_atom_sites_footnote.text 
1 'RESIDUES PRO 93 AND PRO 114 ARE CIS PROLINES.'                                          
2 'PEPTIDE BOND DEVIATES SIGNIFICANTLY FROM TRANS CONFORMATION GLU 111 - GLY 112: 149.724' 
# 
loop_
_atom_type.symbol 
C 
N 
O 
P 
S 
# 
loop_
_atom_site.group_PDB 
_atom_site.id 
_atom_site.type_symbol 
_atom_site.label_atom_id 
_atom_site.label_alt_id 
_atom_site.label_comp_id 
_atom_site.label_asym_id 
_atom_site.label_entity_id 
_atom_site.label_seq_id 
_atom_site.pdbx_PDB_ins_code 
_atom_site.Cartn_x 
_atom_site.Cartn_y 
_atom_site.Cartn_z 
_atom_site.occupancy 
_atom_site.B_iso_or_equiv 
_atom_site.pdbx_formal_charge 
_atom_site.auth_seq_id 
_atom_site.auth_comp_id 
_atom_site.auth_asym_id 
_atom_site.auth_atom_id 
_atom_site.pdbx_PDB_model_num 
ATOM   1    N N     . LYS A 1 1   ? -10.115 7.354   -17.356 1.00 0.26 ? 1   LYS A N     1 
ATOM   2    C CA    . LYS A 1 1   ? -10.413 6.883   -16.032 1.00 0.30 ? 1   LYS A CA    1 
ATOM   3    C C     . LYS A 1 1   ? -9.150  7.033   -15.151 1.00 0.19 ? 1   LYS A C     1 
ATOM   4    O O     . LYS A 1 1   ? -8.159  7.509   -15.657 1.00 0.22 ? 1   LYS A O     1 
ATOM   5    C CB    . LYS A 1 1   ? -10.980 5.544   -15.884 1.00 0.39 ? 1   LYS A CB    1 
ATOM   6    C CG    . LYS A 1 1   ? -10.894 4.270   -16.663 1.00 0.43 ? 1   LYS A CG    1 
ATOM   7    C CD    . LYS A 1 1   ? -12.167 3.501   -16.393 1.00 0.50 ? 1   LYS A CD    1 
ATOM   8    C CE    . LYS A 1 1   ? -12.356 2.091   -15.956 1.00 0.58 ? 1   LYS A CE    1 
ATOM   9    N NZ    . LYS A 1 1   ? -11.508 1.274   -15.109 1.00 0.52 ? 1   LYS A NZ    1 
ATOM   10   N N     . GLU A 1 2   ? -9.295  6.579   -13.923 1.00 0.18 ? 2   GLU A N     1 
ATOM   11   C CA    . GLU A 1 2   ? -8.079  6.864   -13.033 1.00 0.19 ? 2   GLU A CA    1 
ATOM   12   C C     . GLU A 1 2   ? -6.919  6.065   -13.529 1.00 0.12 ? 2   GLU A C     1 
ATOM   13   O O     . GLU A 1 2   ? -7.115  4.881   -13.794 1.00 0.17 ? 2   GLU A O     1 
ATOM   14   C CB    . GLU A 1 2   ? -8.467  6.226   -11.698 1.00 0.17 ? 2   GLU A CB    1 
ATOM   15   C CG    . GLU A 1 2   ? -7.480  6.448   -10.583 1.00 0.18 ? 2   GLU A CG    1 
ATOM   16   C CD    . GLU A 1 2   ? -8.023  5.814   -9.301  1.00 0.13 ? 2   GLU A CD    1 
ATOM   17   O OE1   . GLU A 1 2   ? -8.636  4.739   -9.195  1.00 0.15 ? 2   GLU A OE1   1 
ATOM   18   O OE2   . GLU A 1 2   ? -7.790  6.383   -8.221  1.00 0.11 ? 2   GLU A OE2   1 
ATOM   19   N N     . THR A 1 3   ? -5.765  6.728   -13.490 1.00 0.12 ? 3   THR A N     1 
ATOM   20   C CA    . THR A 1 3   ? -4.650  5.895   -13.896 1.00 0.13 ? 3   THR A CA    1 
ATOM   21   C C     . THR A 1 3   ? -4.051  4.907   -12.842 1.00 0.11 ? 3   THR A C     1 
ATOM   22   O O     . THR A 1 3   ? -4.503  5.047   -11.734 1.00 0.12 ? 3   THR A O     1 
ATOM   23   C CB    . THR A 1 3   ? -3.457  6.780   -14.311 1.00 0.18 ? 3   THR A CB    1 
ATOM   24   O OG1   . THR A 1 3   ? -3.045  7.555   -13.148 1.00 0.20 ? 3   THR A OG1   1 
ATOM   25   C CG2   . THR A 1 3   ? -3.907  7.720   -15.388 1.00 0.34 ? 3   THR A CG2   1 
ATOM   26   N N     . ALA A 1 4   ? -3.226  4.002   -13.304 1.00 0.15 ? 4   ALA A N     1 
ATOM   27   C CA    . ALA A 1 4   ? -2.727  3.027   -12.309 1.00 0.10 ? 4   ALA A CA    1 
ATOM   28   C C     . ALA A 1 4   ? -1.802  3.767   -11.337 1.00 0.14 ? 4   ALA A C     1 
ATOM   29   O O     . ALA A 1 4   ? -1.874  3.330   -10.187 1.00 0.10 ? 4   ALA A O     1 
ATOM   30   C CB    . ALA A 1 4   ? -1.776  2.039   -13.050 1.00 0.15 ? 4   ALA A CB    1 
ATOM   31   N N     . ALA A 1 5   ? -1.038  4.744   -11.783 1.00 0.11 ? 5   ALA A N     1 
ATOM   32   C CA    . ALA A 1 5   ? -0.251  5.524   -10.862 1.00 0.14 ? 5   ALA A CA    1 
ATOM   33   C C     . ALA A 1 5   ? -1.154  6.275   -9.854  1.00 0.15 ? 5   ALA A C     1 
ATOM   34   O O     . ALA A 1 5   ? -0.780  6.212   -8.658  1.00 0.16 ? 5   ALA A O     1 
ATOM   35   C CB    . ALA A 1 5   ? 0.567   6.604   -11.561 1.00 0.16 ? 5   ALA A CB    1 
ATOM   36   N N     . ALA A 1 6   ? -2.283  6.859   -10.234 1.00 0.11 ? 6   ALA A N     1 
ATOM   37   C CA    . ALA A 1 6   ? -3.149  7.611   -9.262  1.00 0.12 ? 6   ALA A CA    1 
ATOM   38   C C     . ALA A 1 6   ? -3.757  6.583   -8.322  1.00 0.07 ? 6   ALA A C     1 
ATOM   39   O O     . ALA A 1 6   ? -4.068  6.911   -7.167  1.00 0.09 ? 6   ALA A O     1 
ATOM   40   C CB    . ALA A 1 6   ? -4.242  8.331   -10.044 1.00 0.13 ? 6   ALA A CB    1 
ATOM   41   N N     . LYS A 1 7   ? -4.064  5.399   -8.842  1.00 0.08 ? 7   LYS A N     1 
ATOM   42   C CA    . LYS A 1 7   ? -4.740  4.320   -8.047  1.00 0.10 ? 7   LYS A CA    1 
ATOM   43   C C     . LYS A 1 7   ? -3.711  3.888   -6.985  1.00 0.06 ? 7   LYS A C     1 
ATOM   44   O O     . LYS A 1 7   ? -4.174  3.730   -5.851  1.00 0.10 ? 7   LYS A O     1 
ATOM   45   C CB    . LYS A 1 7   ? -5.194  3.136   -8.929  1.00 0.09 ? 7   LYS A CB    1 
ATOM   46   C CG    . LYS A 1 7   ? -5.885  2.089   -8.011  1.00 0.16 ? 7   LYS A CG    1 
ATOM   47   C CD    . LYS A 1 7   ? -6.222  0.862   -8.977  1.00 0.24 ? 7   LYS A CD    1 
ATOM   48   C CE    . LYS A 1 7   ? -7.057  -0.126  -8.164  1.00 0.45 ? 7   LYS A CE    1 
ATOM   49   N NZ    . LYS A 1 7   ? -7.264  -1.444  -8.773  1.00 0.49 ? 7   LYS A NZ    1 
ATOM   50   N N     . PHE A 1 8   ? -2.431  3.744   -7.379  1.00 0.08 ? 8   PHE A N     1 
ATOM   51   C CA    . PHE A 1 8   ? -1.509  3.324   -6.254  1.00 0.05 ? 8   PHE A CA    1 
ATOM   52   C C     . PHE A 1 8   ? -1.490  4.470   -5.240  1.00 0.09 ? 8   PHE A C     1 
ATOM   53   O O     . PHE A 1 8   ? -1.440  4.143   -4.001  1.00 0.09 ? 8   PHE A O     1 
ATOM   54   C CB    . PHE A 1 8   ? -0.172  3.253   -6.898  1.00 0.07 ? 8   PHE A CB    1 
ATOM   55   C CG    . PHE A 1 8   ? 0.938   2.885   -5.895  1.00 0.07 ? 8   PHE A CG    1 
ATOM   56   C CD1   . PHE A 1 8   ? 1.232   1.563   -5.642  1.00 0.07 ? 8   PHE A CD1   1 
ATOM   57   C CD2   . PHE A 1 8   ? 1.566   3.964   -5.342  1.00 0.11 ? 8   PHE A CD2   1 
ATOM   58   C CE1   . PHE A 1 8   ? 2.279   1.302   -4.731  1.00 0.07 ? 8   PHE A CE1   1 
ATOM   59   C CE2   . PHE A 1 8   ? 2.549   3.642   -4.443  1.00 0.10 ? 8   PHE A CE2   1 
ATOM   60   C CZ    . PHE A 1 8   ? 2.934   2.363   -4.108  1.00 0.07 ? 8   PHE A CZ    1 
ATOM   61   N N     . GLU A 1 9   ? -1.444  5.721   -5.588  1.00 0.06 ? 9   GLU A N     1 
ATOM   62   C CA    . GLU A 1 9   ? -1.397  6.761   -4.558  1.00 0.06 ? 9   GLU A CA    1 
ATOM   63   C C     . GLU A 1 9   ? -2.652  6.650   -3.707  1.00 0.10 ? 9   GLU A C     1 
ATOM   64   O O     . GLU A 1 9   ? -2.627  6.778   -2.444  1.00 0.07 ? 9   GLU A O     1 
ATOM   65   C CB    . GLU A 1 9   ? -1.372  8.164   -5.177  1.00 0.08 ? 9   GLU A CB    1 
ATOM   66   C CG    . GLU A 1 9   ? -0.149  8.409   -5.951  1.00 0.07 ? 9   GLU A CG    1 
ATOM   67   C CD    . GLU A 1 9   ? 0.071   9.780   -6.536  1.00 0.35 ? 9   GLU A CD    1 
ATOM   68   O OE1   . GLU A 1 9   ? -0.594  10.681  -6.006  1.00 0.16 ? 9   GLU A OE1   1 
ATOM   69   O OE2   . GLU A 1 9   ? 0.876   9.945   -7.469  1.00 0.27 ? 9   GLU A OE2   1 
ATOM   70   N N     . ARG A 1 10  ? -3.869  6.547   -4.221  1.00 0.04 ? 10  ARG A N     1 
ATOM   71   C CA    . ARG A 1 10  ? -5.123  6.494   -3.481  1.00 0.08 ? 10  ARG A CA    1 
ATOM   72   C C     . ARG A 1 10  ? -5.125  5.285   -2.556  1.00 0.07 ? 10  ARG A C     1 
ATOM   73   O O     . ARG A 1 10  ? -5.581  5.326   -1.442  1.00 0.09 ? 10  ARG A O     1 
ATOM   74   C CB    . ARG A 1 10  ? -6.292  6.336   -4.454  1.00 0.08 ? 10  ARG A CB    1 
ATOM   75   C CG    . ARG A 1 10  ? -7.584  6.189   -3.721  1.00 0.06 ? 10  ARG A CG    1 
ATOM   76   C CD    . ARG A 1 10  ? -8.793  6.411   -4.610  1.00 0.12 ? 10  ARG A CD    1 
ATOM   77   N NE    . ARG A 1 10  ? -8.823  5.504   -5.761  1.00 0.12 ? 10  ARG A NE    1 
ATOM   78   C CZ    . ARG A 1 10  ? -9.247  4.253   -5.698  1.00 0.16 ? 10  ARG A CZ    1 
ATOM   79   N NH1   . ARG A 1 10  ? -9.862  3.699   -4.645  1.00 0.16 ? 10  ARG A NH1   1 
ATOM   80   N NH2   . ARG A 1 10  ? -9.147  3.422   -6.774  1.00 0.22 ? 10  ARG A NH2   1 
ATOM   81   N N     . GLN A 1 11  ? -4.654  4.130   -3.040  1.00 0.07 ? 11  GLN A N     1 
ATOM   82   C CA    . GLN A 1 11  ? -4.731  2.894   -2.251  1.00 0.06 ? 11  GLN A CA    1 
ATOM   83   C C     . GLN A 1 11  ? -3.644  2.759   -1.224  1.00 0.08 ? 11  GLN A C     1 
ATOM   84   O O     . GLN A 1 11  ? -3.833  2.099   -0.190  1.00 0.09 ? 11  GLN A O     1 
ATOM   85   C CB    . GLN A 1 11  ? -4.512  1.658   -3.170  1.00 0.08 ? 11  GLN A CB    1 
ATOM   86   C CG    . GLN A 1 11  ? -5.769  1.525   -4.058  1.00 0.11 ? 11  GLN A CG    1 
ATOM   87   C CD    . GLN A 1 11  ? -5.779  0.062   -4.569  1.00 0.10 ? 11  GLN A CD    1 
ATOM   88   O OE1   . GLN A 1 11  ? -6.708  -0.815  -4.226  1.00 0.19 ? 11  GLN A OE1   1 
ATOM   89   N NE2   . GLN A 1 11  ? -4.894  -0.406  -5.368  1.00 0.13 ? 11  GLN A NE2   1 
ATOM   90   N N     . HIS A 1 12  ? -2.523  3.361   -1.428  1.00 0.06 ? 12  HIS A N     1 
ATOM   91   C CA    . HIS A 1 12  ? -1.327  2.998   -0.625  1.00 0.06 ? 12  HIS A CA    1 
ATOM   92   C C     . HIS A 1 12  ? -0.603  4.184   0.017   1.00 0.09 ? 12  HIS A C     1 
ATOM   93   O O     . HIS A 1 12  ? 0.294   3.798   0.812   1.00 0.13 ? 12  HIS A O     1 
ATOM   94   C CB    . HIS A 1 12  ? -0.295  2.311   -1.524  1.00 0.10 ? 12  HIS A CB    1 
ATOM   95   C CG    . HIS A 1 12  ? -0.878  0.946   -1.972  1.00 0.07 ? 12  HIS A CG    1 
ATOM   96   N ND1   . HIS A 1 12  ? -1.298  -0.009  -1.134  1.00 0.06 ? 12  HIS A ND1   1 
ATOM   97   C CD2   . HIS A 1 12  ? -1.104  0.529   -3.281  1.00 0.09 ? 12  HIS A CD2   1 
ATOM   98   C CE1   . HIS A 1 12  ? -1.783  -1.122  -1.906  1.00 0.05 ? 12  HIS A CE1   1 
ATOM   99   N NE2   . HIS A 1 12  ? -1.674  -0.744  -3.200  1.00 0.04 ? 12  HIS A NE2   1 
ATOM   100  N N     . MET A 1 13  ? -0.882  5.384   -0.377  1.00 0.06 ? 13  MET A N     1 
ATOM   101  C CA    . MET A 1 13  ? -0.008  6.499   0.177   1.00 0.05 ? 13  MET A CA    1 
ATOM   102  C C     . MET A 1 13  ? -0.798  7.216   1.268   1.00 0.05 ? 13  MET A C     1 
ATOM   103  O O     . MET A 1 13  ? -1.950  7.685   1.173   1.00 0.08 ? 13  MET A O     1 
ATOM   104  C CB    . MET A 1 13  ? 0.358   7.508   -0.869  1.00 0.08 ? 13  MET A CB    1 
ATOM   105  C CG    . MET A 1 13  ? 1.320   6.881   -1.904  1.00 0.12 ? 13  MET A CG    1 
ATOM   106  S SD    . MET A 1 13  ? 2.970   6.423   -1.240  1.00 0.12 ? 13  MET A SD    1 
ATOM   107  C CE    . MET A 1 13  ? 3.467   7.945   -0.331  1.00 0.15 ? 13  MET A CE    1 
ATOM   108  N N     . ASP A 1 14  ? -0.020  7.383   2.430   1.00 0.06 ? 14  ASP A N     1 
ATOM   109  C CA    . ASP A 1 14  ? -0.551  8.255   3.483   1.00 0.08 ? 14  ASP A CA    1 
ATOM   110  C C     . ASP A 1 14  ? 0.565   9.159   4.043   1.00 0.11 ? 14  ASP A C     1 
ATOM   111  O O     . ASP A 1 14  ? 1.030   8.714   5.112   1.00 0.12 ? 14  ASP A O     1 
ATOM   112  C CB    . ASP A 1 14  ? -1.310  7.482   4.605   1.00 0.13 ? 14  ASP A CB    1 
ATOM   113  C CG    . ASP A 1 14  ? -1.871  8.509   5.600   1.00 0.16 ? 14  ASP A CG    1 
ATOM   114  O OD1   . ASP A 1 14  ? -1.962  9.678   5.237   1.00 0.12 ? 14  ASP A OD1   1 
ATOM   115  O OD2   . ASP A 1 14  ? -2.244  7.999   6.622   1.00 0.16 ? 14  ASP A OD2   1 
ATOM   116  N N     . SER A 1 15  ? 0.936   10.173  3.294   1.00 0.05 ? 15  SER A N     1 
ATOM   117  C CA    . SER A 1 15  ? 2.187   10.936  3.817   1.00 0.06 ? 15  SER A CA    1 
ATOM   118  C C     . SER A 1 15  ? 1.564   11.877  4.832   1.00 0.10 ? 15  SER A C     1 
ATOM   119  O O     . SER A 1 15  ? 2.365   12.654  5.355   1.00 0.19 ? 15  SER A O     1 
ATOM   120  C CB    . SER A 1 15  ? 2.706   11.719  2.663   1.00 0.15 ? 15  SER A CB    1 
ATOM   121  O OG    . SER A 1 15  ? 2.676   10.982  1.465   1.00 0.20 ? 15  SER A OG    1 
ATOM   122  N N     . SER A 1 16  ? 0.341   11.959  5.210   1.00 0.13 ? 16  SER A N     1 
ATOM   123  C CA    . SER A 1 16  ? -0.238  12.840  6.211   1.00 0.16 ? 16  SER A CA    1 
ATOM   124  C C     . SER A 1 16  ? -0.055  12.479  7.655   1.00 0.12 ? 16  SER A C     1 
ATOM   125  O O     . SER A 1 16  ? -0.317  13.313  8.573   1.00 0.14 ? 16  SER A O     1 
ATOM   126  C CB    . SER A 1 16  ? -1.774  12.977  5.980   1.00 0.16 ? 16  SER A CB    1 
ATOM   127  O OG    . SER A 1 16  ? -1.835  13.725  4.752   1.00 0.40 ? 16  SER A OG    1 
ATOM   128  N N     . THR A 1 17  ? 0.304   11.248  7.872   1.00 0.09 ? 17  THR A N     1 
ATOM   129  C CA    . THR A 1 17  ? 0.544   10.697  9.176   1.00 0.08 ? 17  THR A CA    1 
ATOM   130  C C     . THR A 1 17  ? 1.815   9.936   9.141   1.00 0.13 ? 17  THR A C     1 
ATOM   131  O O     . THR A 1 17  ? 2.225   9.303   8.143   1.00 0.16 ? 17  THR A O     1 
ATOM   132  C CB    . THR A 1 17  ? -0.571  9.780   9.689   1.00 0.20 ? 17  THR A CB    1 
ATOM   133  O OG1   . THR A 1 17  ? -0.609  8.620   8.829   1.00 0.17 ? 17  THR A OG1   1 
ATOM   134  C CG2   . THR A 1 17  ? -1.873  10.489  9.690   1.00 0.21 ? 17  THR A CG2   1 
ATOM   135  N N     . SER A 1 18  ? 2.514   9.867   10.310  1.00 0.14 ? 18  SER A N     1 
ATOM   136  C CA    . SER A 1 18  ? 3.737   9.080   10.425  1.00 0.12 ? 18  SER A CA    1 
ATOM   137  C C     . SER A 1 18  ? 3.751   7.599   10.641  1.00 0.06 ? 18  SER A C     1 
ATOM   138  O O     . SER A 1 18  ? 4.654   6.790   10.436  1.00 0.16 ? 18  SER A O     1 
ATOM   139  C CB    . SER A 1 18  ? 4.666   9.646   11.548  1.00 0.26 ? 18  SER A CB    1 
ATOM   140  O OG    . SER A 1 18  ? 4.859   11.035  11.130  1.00 0.43 ? 18  SER A OG    1 
ATOM   141  N N     . ALA A 1 19  ? 2.549   7.260   11.106  1.00 0.15 ? 19  ALA A N     1 
ATOM   142  C CA    . ALA A 1 19  ? 2.226   5.896   11.573  1.00 0.09 ? 19  ALA A CA    1 
ATOM   143  C C     . ALA A 1 19  ? 0.691   5.885   11.885  1.00 0.11 ? 19  ALA A C     1 
ATOM   144  O O     . ALA A 1 19  ? 0.079   6.955   12.069  1.00 0.14 ? 19  ALA A O     1 
ATOM   145  C CB    . ALA A 1 19  ? 2.959   5.590   12.890  1.00 0.13 ? 19  ALA A CB    1 
ATOM   146  N N     . ALA A 1 20  ? 0.042   4.718   12.019  1.00 0.08 ? 20  ALA A N     1 
ATOM   147  C CA    . ALA A 1 20  ? -1.348  4.536   12.457  1.00 0.08 ? 20  ALA A CA    1 
ATOM   148  C C     . ALA A 1 20  ? -1.409  5.004   13.966  1.00 0.11 ? 20  ALA A C     1 
ATOM   149  O O     . ALA A 1 20  ? -0.542  4.489   14.616  1.00 0.17 ? 20  ALA A O     1 
ATOM   150  C CB    . ALA A 1 20  ? -1.553  3.032   12.351  1.00 0.11 ? 20  ALA A CB    1 
ATOM   151  N N     . SER A 1 21  ? -2.452  5.773   14.200  1.00 0.17 ? 21  SER A N     1 
ATOM   152  C CA    . SER A 1 21  ? -2.338  6.187   15.636  1.00 0.40 ? 21  SER A CA    1 
ATOM   153  C C     . SER A 1 21  ? -3.420  5.507   16.495  1.00 0.48 ? 21  SER A C     1 
ATOM   154  O O     . SER A 1 21  ? -3.453  5.856   17.696  1.00 0.25 ? 21  SER A O     1 
ATOM   155  C CB    . SER A 1 21  ? -2.634  7.666   15.762  1.00 0.25 ? 21  SER A CB    1 
ATOM   156  O OG    . SER A 1 21  ? -3.727  7.983   14.918  1.00 0.33 ? 21  SER A OG    1 
ATOM   157  N N     . SER A 1 22  ? -4.232  4.626   15.938  1.00 0.16 ? 22  SER A N     1 
ATOM   158  C CA    . SER A 1 22  ? -5.219  3.901   16.798  1.00 0.17 ? 22  SER A CA    1 
ATOM   159  C C     . SER A 1 22  ? -5.618  2.611   16.065  1.00 0.14 ? 22  SER A C     1 
ATOM   160  O O     . SER A 1 22  ? -5.274  2.553   14.879  1.00 0.12 ? 22  SER A O     1 
ATOM   161  C CB    . SER A 1 22  ? -6.481  4.671   17.103  1.00 0.19 ? 22  SER A CB    1 
ATOM   162  O OG    . SER A 1 22  ? -7.435  4.692   16.005  1.00 0.21 ? 22  SER A OG    1 
ATOM   163  N N     . SER A 1 23  ? -6.300  1.772   16.829  1.00 0.12 ? 23  SER A N     1 
ATOM   164  C CA    . SER A 1 23  ? -6.791  0.500   16.229  1.00 0.10 ? 23  SER A CA    1 
ATOM   165  C C     . SER A 1 23  ? -7.841  0.878   15.203  1.00 0.07 ? 23  SER A C     1 
ATOM   166  O O     . SER A 1 23  ? -8.052  -0.096  14.359  1.00 0.21 ? 23  SER A O     1 
ATOM   167  C CB    . SER A 1 23  ? -7.447  -0.374  17.341  1.00 0.15 ? 23  SER A CB    1 
ATOM   168  O OG    . SER A 1 23  ? -8.627  0.247   17.765  1.00 0.26 ? 23  SER A OG    1 
ATOM   169  N N     . ASN A 1 24  ? -8.402  1.995   15.008  1.00 0.09 ? 24  ASN A N     1 
ATOM   170  C CA    . ASN A 1 24  ? -9.438  2.250   14.017  1.00 0.07 ? 24  ASN A CA    1 
ATOM   171  C C     . ASN A 1 24  ? -8.876  2.751   12.672  1.00 0.08 ? 24  ASN A C     1 
ATOM   172  O O     . ASN A 1 24  ? -9.599  3.113   11.764  1.00 0.11 ? 24  ASN A O     1 
ATOM   173  C CB    . ASN A 1 24  ? -10.362 3.366   14.509  1.00 0.19 ? 24  ASN A CB    1 
ATOM   174  C CG    . ASN A 1 24  ? -11.602 2.683   15.091  1.00 0.43 ? 24  ASN A CG    1 
ATOM   175  O OD1   . ASN A 1 24  ? -12.105 1.787   14.282  1.00 0.48 ? 24  ASN A OD1   1 
ATOM   176  N ND2   . ASN A 1 24  ? -11.945 3.128   16.300  1.00 0.38 ? 24  ASN A ND2   1 
ATOM   177  N N     . TYR A 1 25  ? -7.510  2.899   12.596  1.00 0.08 ? 25  TYR A N     1 
ATOM   178  C CA    . TYR A 1 25  ? -6.835  3.498   11.438  1.00 0.07 ? 25  TYR A CA    1 
ATOM   179  C C     . TYR A 1 25  ? -7.323  2.835   10.115  1.00 0.10 ? 25  TYR A C     1 
ATOM   180  O O     . TYR A 1 25  ? -7.768  3.481   9.182   1.00 0.09 ? 25  TYR A O     1 
ATOM   181  C CB    . TYR A 1 25  ? -5.344  3.351   11.505  1.00 0.09 ? 25  TYR A CB    1 
ATOM   182  C CG    . TYR A 1 25  ? -4.650  4.015   10.318  1.00 0.10 ? 25  TYR A CG    1 
ATOM   183  C CD1   . TYR A 1 25  ? -4.313  5.378   10.224  1.00 0.11 ? 25  TYR A CD1   1 
ATOM   184  C CD2   . TYR A 1 25  ? -4.371  3.139   9.300   1.00 0.09 ? 25  TYR A CD2   1 
ATOM   185  C CE1   . TYR A 1 25  ? -3.696  5.804   9.058   1.00 0.15 ? 25  TYR A CE1   1 
ATOM   186  C CE2   . TYR A 1 25  ? -3.774  3.577   8.144   1.00 0.06 ? 25  TYR A CE2   1 
ATOM   187  C CZ    . TYR A 1 25  ? -3.416  4.898   8.048   1.00 0.08 ? 25  TYR A CZ    1 
ATOM   188  O OH    . TYR A 1 25  ? -2.789  5.436   6.927   1.00 0.14 ? 25  TYR A OH    1 
ATOM   189  N N     . CYS A 1 26  ? -7.121  1.536   10.154  1.00 0.07 ? 26  CYS A N     1 
ATOM   190  C CA    . CYS A 1 26  ? -7.492  0.864   8.815   1.00 0.08 ? 26  CYS A CA    1 
ATOM   191  C C     . CYS A 1 26  ? -8.963  0.949   8.623   1.00 0.04 ? 26  CYS A C     1 
ATOM   192  O O     . CYS A 1 26  ? -9.364  1.151   7.412   1.00 0.08 ? 26  CYS A O     1 
ATOM   193  C CB    . CYS A 1 26  ? -7.061  -0.612  9.024   1.00 0.11 ? 26  CYS A CB    1 
ATOM   194  S SG    . CYS A 1 26  ? -5.293  -0.894  8.888   1.00 0.10 ? 26  CYS A SG    1 
ATOM   195  N N     . ASN A 1 27  ? -9.868  0.785   9.569   1.00 0.06 ? 27  ASN A N     1 
ATOM   196  C CA    . ASN A 1 27  ? -11.315 0.910   9.198   1.00 0.07 ? 27  ASN A CA    1 
ATOM   197  C C     . ASN A 1 27  ? -11.621 2.277   8.584   1.00 0.15 ? 27  ASN A C     1 
ATOM   198  O O     . ASN A 1 27  ? -12.398 2.338   7.625   1.00 0.15 ? 27  ASN A O     1 
ATOM   199  C CB    . ASN A 1 27  ? -12.182 0.854   10.455  1.00 0.09 ? 27  ASN A CB    1 
ATOM   200  C CG    . ASN A 1 27  ? -12.228 -0.548  11.008  1.00 0.18 ? 27  ASN A CG    1 
ATOM   201  O OD1   . ASN A 1 27  ? -12.001 -1.604  10.226  1.00 0.23 ? 27  ASN A OD1   1 
ATOM   202  N ND2   . ASN A 1 27  ? -12.534 -0.840  12.258  1.00 0.10 ? 27  ASN A ND2   1 
ATOM   203  N N     . GLN A 1 28  ? -11.029 3.356   9.052   1.00 0.10 ? 28  GLN A N     1 
ATOM   204  C CA    . GLN A 1 28  ? -11.418 4.714   8.602   1.00 0.11 ? 28  GLN A CA    1 
ATOM   205  C C     . GLN A 1 28  ? -10.719 4.897   7.228   1.00 0.10 ? 28  GLN A C     1 
ATOM   206  O O     . GLN A 1 28  ? -11.426 5.445   6.343   1.00 0.12 ? 28  GLN A O     1 
ATOM   207  C CB    . GLN A 1 28  ? -10.787 5.743   9.563   1.00 0.14 ? 28  GLN A CB    1 
ATOM   208  C CG    . GLN A 1 28  ? -11.665 5.706   10.822  1.00 0.35 ? 28  GLN A CG    1 
ATOM   209  C CD    . GLN A 1 28  ? -11.056 6.413   12.033  1.00 0.53 ? 28  GLN A CD    1 
ATOM   210  O OE1   . GLN A 1 28  ? -9.865  7.039   12.036  1.00 0.58 ? 28  GLN A OE1   1 
ATOM   211  N NE2   . GLN A 1 28  ? -11.758 6.421   13.148  1.00 0.34 ? 28  GLN A NE2   1 
ATOM   212  N N     . MET A 1 29  ? -9.481  4.424   7.088   1.00 0.06 ? 29  MET A N     1 
ATOM   213  C CA    . MET A 1 29  ? -8.757  4.736   5.842   1.00 0.07 ? 29  MET A CA    1 
ATOM   214  C C     . MET A 1 29  ? -9.243  3.792   4.734   1.00 0.12 ? 29  MET A C     1 
ATOM   215  O O     . MET A 1 29  ? -9.253  4.293   3.596   1.00 0.10 ? 29  MET A O     1 
ATOM   216  C CB    . MET A 1 29  ? -7.257  4.596   6.024   1.00 0.08 ? 29  MET A CB    1 
ATOM   217  C CG    . MET A 1 29  ? -6.451  5.543   6.962   1.00 0.14 ? 29  MET A CG    1 
ATOM   218  S SD    . MET A 1 29  ? -6.613  7.220   6.129   1.00 0.19 ? 29  MET A SD    1 
ATOM   219  C CE    . MET A 1 29  ? -5.483  7.085   4.725   1.00 0.34 ? 29  MET A CE    1 
ATOM   220  N N     . MET A 1 30  ? -9.589  2.578   4.995   1.00 0.08 ? 30  MET A N     1 
ATOM   221  C CA    . MET A 1 30  ? -10.105 1.662   3.893   1.00 0.06 ? 30  MET A CA    1 
ATOM   222  C C     . MET A 1 30  ? -11.405 2.288   3.493   1.00 0.04 ? 30  MET A C     1 
ATOM   223  O O     . MET A 1 30  ? -11.698 2.218   2.272   1.00 0.12 ? 30  MET A O     1 
ATOM   224  C CB    . MET A 1 30  ? -10.297 0.278   4.452   1.00 0.07 ? 30  MET A CB    1 
ATOM   225  C CG    . MET A 1 30  ? -8.984  -0.346  4.794   1.00 0.08 ? 30  MET A CG    1 
ATOM   226  S SD    . MET A 1 30  ? -7.876  -0.739  3.379   1.00 0.10 ? 30  MET A SD    1 
ATOM   227  C CE    . MET A 1 30  ? -8.537  -2.183  2.522   1.00 0.13 ? 30  MET A CE    1 
ATOM   228  N N     . LYS A 1 31  ? -12.320 2.854   4.254   1.00 0.05 ? 31  LYS A N     1 
ATOM   229  C CA    . LYS A 1 31  ? -13.630 3.372   3.866   1.00 0.08 ? 31  LYS A CA    1 
ATOM   230  C C     . LYS A 1 31  ? -13.324 4.662   3.118   1.00 0.16 ? 31  LYS A C     1 
ATOM   231  O O     . LYS A 1 31  ? -13.802 4.827   1.970   1.00 0.15 ? 31  LYS A O     1 
ATOM   232  C CB    . LYS A 1 31  ? -14.455 3.652   5.119   1.00 0.13 ? 31  LYS A CB    1 
ATOM   233  N N     . SER A 1 32  ? -12.499 5.581   3.638   1.00 0.10 ? 32  SER A N     1 
ATOM   234  C CA    . SER A 1 32  ? -12.319 6.964   3.058   1.00 0.13 ? 32  SER A CA    1 
ATOM   235  C C     . SER A 1 32  ? -11.583 6.915   1.694   1.00 0.12 ? 32  SER A C     1 
ATOM   236  O O     . SER A 1 32  ? -11.925 7.864   0.954   1.00 0.12 ? 32  SER A O     1 
ATOM   237  C CB    . SER A 1 32  ? -11.299 7.766   3.928   1.00 0.16 ? 32  SER A CB    1 
ATOM   238  O OG    . SER A 1 32  ? -12.076 8.183   5.045   1.00 0.27 ? 32  SER A OG    1 
ATOM   239  N N     . ARG A 1 33  ? -10.739 5.898   1.495   1.00 0.06 ? 33  ARG A N     1 
ATOM   240  C CA    . ARG A 1 33  ? -10.005 5.825   0.186   1.00 0.08 ? 33  ARG A CA    1 
ATOM   241  C C     . ARG A 1 33  ? -10.858 5.044   -0.835  1.00 0.08 ? 33  ARG A C     1 
ATOM   242  O O     . ARG A 1 33  ? -10.320 4.756   -1.918  1.00 0.12 ? 33  ARG A O     1 
ATOM   243  C CB    . ARG A 1 33  ? -8.665  5.223   0.412   1.00 0.11 ? 33  ARG A CB    1 
ATOM   244  C CG    . ARG A 1 33  ? -7.739  6.163   1.251   1.00 0.12 ? 33  ARG A CG    1 
ATOM   245  C CD    . ARG A 1 33  ? -7.484  7.413   0.331   1.00 0.10 ? 33  ARG A CD    1 
ATOM   246  N NE    . ARG A 1 33  ? -6.522  8.246   1.159   1.00 0.12 ? 33  ARG A NE    1 
ATOM   247  C CZ    . ARG A 1 33  ? -5.203  8.069   1.048   1.00 0.11 ? 33  ARG A CZ    1 
ATOM   248  N NH1   . ARG A 1 33  ? -4.546  7.235   0.345   1.00 0.08 ? 33  ARG A NH1   1 
ATOM   249  N NH2   . ARG A 1 33  ? -4.478  9.038   1.786   1.00 0.18 ? 33  ARG A NH2   1 
ATOM   250  N N     . ASN A 1 34  ? -12.044 4.656   -0.431  1.00 0.09 ? 34  ASN A N     1 
ATOM   251  C CA    . ASN A 1 34  ? -12.985 4.012   -1.373  1.00 0.14 ? 34  ASN A CA    1 
ATOM   252  C C     . ASN A 1 34  ? -12.564 2.599   -1.687  1.00 0.12 ? 34  ASN A C     1 
ATOM   253  O O     . ASN A 1 34  ? -12.796 1.957   -2.724  1.00 0.16 ? 34  ASN A O     1 
ATOM   254  C CB    . ASN A 1 34  ? -13.326 4.886   -2.588  1.00 0.04 ? 34  ASN A CB    1 
ATOM   255  C CG    . ASN A 1 34  ? -14.017 6.167   -2.210  1.00 0.19 ? 34  ASN A CG    1 
ATOM   256  O OD1   . ASN A 1 34  ? -13.427 7.232   -2.770  1.00 0.39 ? 34  ASN A OD1   1 
ATOM   257  N ND2   . ASN A 1 34  ? -15.109 6.276   -1.464  1.00 0.48 ? 34  ASN A ND2   1 
ATOM   258  N N     . LEU A 1 35  ? -11.929 1.858   -0.733  1.00 0.10 ? 35  LEU A N     1 
ATOM   259  C CA    . LEU A 1 35  ? -11.385 0.542   -1.110  1.00 0.15 ? 35  LEU A CA    1 
ATOM   260  C C     . LEU A 1 35  ? -12.469 -0.485  -0.594  1.00 0.18 ? 35  LEU A C     1 
ATOM   261  O O     . LEU A 1 35  ? -12.229 -1.727  -0.701  1.00 0.21 ? 35  LEU A O     1 
ATOM   262  C CB    . LEU A 1 35  ? -10.124 0.241   -0.250  1.00 0.05 ? 35  LEU A CB    1 
ATOM   263  C CG    . LEU A 1 35  ? -9.172  1.381   -0.661  1.00 0.10 ? 35  LEU A CG    1 
ATOM   264  C CD1   . LEU A 1 35  ? -7.827  1.228   0.098   1.00 0.19 ? 35  LEU A CD1   1 
ATOM   265  C CD2   . LEU A 1 35  ? -8.842  1.321   -2.154  1.00 0.27 ? 35  LEU A CD2   1 
ATOM   266  N N     . THR A 1 36  ? -13.601 -0.026  -0.054  1.00 0.09 ? 36  THR A N     1 
ATOM   267  C CA    . THR A 1 36  ? -14.634 -1.032  0.394   1.00 0.08 ? 36  THR A CA    1 
ATOM   268  C C     . THR A 1 36  ? -15.922 -0.691  -0.429  1.00 0.16 ? 36  THR A C     1 
ATOM   269  O O     . THR A 1 36  ? -16.980 -1.113  0.055   1.00 0.22 ? 36  THR A O     1 
ATOM   270  C CB    . THR A 1 36  ? -14.915 -0.868  1.867   1.00 0.16 ? 36  THR A CB    1 
ATOM   271  O OG1   . THR A 1 36  ? -15.403 0.421   2.225   1.00 0.17 ? 36  THR A OG1   1 
ATOM   272  C CG2   . THR A 1 36  ? -13.685 -1.166  2.684   1.00 0.27 ? 36  THR A CG2   1 
ATOM   273  N N     . LYS A 1 37  ? -15.768 0.004   -1.562  1.00 0.24 ? 37  LYS A N     1 
ATOM   274  C CA    . LYS A 1 37  ? -16.994 0.439   -2.305  1.00 0.27 ? 37  LYS A CA    1 
ATOM   275  C C     . LYS A 1 37  ? -17.759 -0.804  -2.810  1.00 0.14 ? 37  LYS A C     1 
ATOM   276  O O     . LYS A 1 37  ? -18.965 -0.668  -2.651  1.00 0.22 ? 37  LYS A O     1 
ATOM   277  C CB    . LYS A 1 37  ? -16.751 1.461   -3.390  1.00 0.28 ? 37  LYS A CB    1 
ATOM   278  C CG    . LYS A 1 37  ? -17.933 1.874   -4.250  1.00 0.40 ? 37  LYS A CG    1 
ATOM   279  C CD    . LYS A 1 37  ? -17.498 2.625   -5.491  1.00 0.43 ? 37  LYS A CD    1 
ATOM   280  C CE    . LYS A 1 37  ? -16.656 1.852   -6.495  1.00 0.41 ? 37  LYS A CE    1 
ATOM   281  N NZ    . LYS A 1 37  ? -17.409 1.470   -7.704  1.00 0.42 ? 37  LYS A NZ    1 
ATOM   282  N N     . ASP A 1 38  ? -17.064 -1.714  -3.356  1.00 0.12 ? 38  ASP A N     1 
ATOM   283  C CA    . ASP A 1 38  ? -17.792 -2.784  -4.103  1.00 0.18 ? 38  ASP A CA    1 
ATOM   284  C C     . ASP A 1 38  ? -17.756 -4.066  -3.273  1.00 0.15 ? 38  ASP A C     1 
ATOM   285  O O     . ASP A 1 38  ? -18.589 -4.967  -3.369  1.00 0.16 ? 38  ASP A O     1 
ATOM   286  C CB    . ASP A 1 38  ? -17.185 -3.143  -5.446  1.00 0.19 ? 38  ASP A CB    1 
ATOM   287  C CG    . ASP A 1 38  ? -17.498 -2.089  -6.501  1.00 0.36 ? 38  ASP A CG    1 
ATOM   288  O OD1   . ASP A 1 38  ? -18.674 -1.807  -6.807  1.00 0.38 ? 38  ASP A OD1   1 
ATOM   289  O OD2   . ASP A 1 38  ? -16.514 -1.500  -6.962  1.00 0.31 ? 38  ASP A OD2   1 
ATOM   290  N N     . ARG A 1 39  ? -16.704 -4.244  -2.494  1.00 0.11 ? 39  ARG A N     1 
ATOM   291  C CA    . ARG A 1 39  ? -16.430 -5.435  -1.722  1.00 0.06 ? 39  ARG A CA    1 
ATOM   292  C C     . ARG A 1 39  ? -15.367 -5.032  -0.642  1.00 0.07 ? 39  ARG A C     1 
ATOM   293  O O     . ARG A 1 39  ? -14.714 -3.991  -0.800  1.00 0.12 ? 39  ARG A O     1 
ATOM   294  C CB    . ARG A 1 39  ? -15.931 -6.524  -2.624  1.00 0.11 ? 39  ARG A CB    1 
ATOM   295  C CG    . ARG A 1 39  ? -14.542 -6.142  -3.220  1.00 0.24 ? 39  ARG A CG    1 
ATOM   296  C CD    . ARG A 1 39  ? -13.990 -6.820  -4.454  1.00 0.53 ? 39  ARG A CD    1 
ATOM   297  N NE    . ARG A 1 39  ? -12.543 -7.087  -4.337  1.00 0.59 ? 39  ARG A NE    1 
ATOM   298  C CZ    . ARG A 1 39  ? -12.098 -8.097  -3.531  1.00 0.52 ? 39  ARG A CZ    1 
ATOM   299  N NH1   . ARG A 1 39  ? -12.726 -8.814  -2.588  1.00 0.47 ? 39  ARG A NH1   1 
ATOM   300  N NH2   . ARG A 1 39  ? -10.820 -8.435  -3.710  1.00 0.51 ? 39  ARG A NH2   1 
ATOM   301  N N     . CYS A 1 40  ? -15.289 -5.802  0.420   1.00 0.09 ? 40  CYS A N     1 
ATOM   302  C CA    . CYS A 1 40  ? -14.153 -5.545  1.373   1.00 0.08 ? 40  CYS A CA    1 
ATOM   303  C C     . CYS A 1 40  ? -12.844 -5.975  0.717   1.00 0.05 ? 40  CYS A C     1 
ATOM   304  O O     . CYS A 1 40  ? -12.616 -7.212  0.645   1.00 0.14 ? 40  CYS A O     1 
ATOM   305  C CB    . CYS A 1 40  ? -14.413 -6.369  2.637   1.00 0.13 ? 40  CYS A CB    1 
ATOM   306  S SG    . CYS A 1 40  ? -15.990 -5.972  3.407   1.00 0.12 ? 40  CYS A SG    1 
ATOM   307  N N     . LYS A 1 41  ? -11.882 -5.107  0.398   1.00 0.12 ? 41  LYS A N     1 
ATOM   308  C CA    . LYS A 1 41  ? -10.560 -5.599  -0.055  1.00 0.08 ? 41  LYS A CA    1 
ATOM   309  C C     . LYS A 1 41  ? -9.921  -6.322  1.068   1.00 0.10 ? 41  LYS A C     1 
ATOM   310  O O     . LYS A 1 41  ? -9.888  -5.764  2.194   1.00 0.11 ? 41  LYS A O     1 
ATOM   311  C CB    . LYS A 1 41  ? -9.657  -4.462  -0.425  1.00 0.13 ? 41  LYS A CB    1 
ATOM   312  C CG    . LYS A 1 41  ? -8.424  -4.739  -1.181  1.00 0.18 ? 41  LYS A CG    1 
ATOM   313  C CD    . LYS A 1 41  ? -7.651  -3.524  -1.646  1.00 0.15 ? 41  LYS A CD    1 
ATOM   314  C CE    . LYS A 1 41  ? -6.258  -3.976  -2.154  1.00 0.16 ? 41  LYS A CE    1 
ATOM   315  N NZ    . LYS A 1 41  ? -5.438  -2.766  -2.610  1.00 0.18 ? 41  LYS A NZ    1 
ATOM   316  N N     . PRO A 1 42  ? -9.343  -7.486  1.017   1.00 0.10 ? 42  PRO A N     1 
ATOM   317  C CA    . PRO A 1 42  ? -8.991  -8.179  2.252   1.00 0.13 ? 42  PRO A CA    1 
ATOM   318  C C     . PRO A 1 42  ? -7.688  -7.793  2.897   1.00 0.12 ? 42  PRO A C     1 
ATOM   319  O O     . PRO A 1 42  ? -7.559  -8.041  4.128   1.00 0.14 ? 42  PRO A O     1 
ATOM   320  C CB    . PRO A 1 42  ? -8.856  -9.640  1.832   1.00 0.22 ? 42  PRO A CB    1 
ATOM   321  C CG    . PRO A 1 42  ? -8.800  -9.626  0.337   1.00 0.34 ? 42  PRO A CG    1 
ATOM   322  C CD    . PRO A 1 42  ? -9.629  -8.426  -0.132  1.00 0.21 ? 42  PRO A CD    1 
ATOM   323  N N     . VAL A 1 43  ? -6.764  -7.331  2.105   1.00 0.12 ? 43  VAL A N     1 
ATOM   324  C CA    . VAL A 1 43  ? -5.476  -6.895  2.653   1.00 0.13 ? 43  VAL A CA    1 
ATOM   325  C C     . VAL A 1 43  ? -5.028  -5.657  1.920   1.00 0.12 ? 43  VAL A C     1 
ATOM   326  O O     . VAL A 1 43  ? -5.144  -5.630  0.690   1.00 0.11 ? 43  VAL A O     1 
ATOM   327  C CB    . VAL A 1 43  ? -4.376  -7.938  2.339   1.00 0.15 ? 43  VAL A CB    1 
ATOM   328  C CG1   . VAL A 1 43  ? -3.129  -7.386  3.063   1.00 0.16 ? 43  VAL A CG1   1 
ATOM   329  C CG2   . VAL A 1 43  ? -4.671  -9.310  3.033   1.00 0.26 ? 43  VAL A CG2   1 
ATOM   330  N N     . ASN A 1 44  ? -4.404  -4.710  2.564   1.00 0.08 ? 44  ASN A N     1 
ATOM   331  C CA    . ASN A 1 44  ? -4.059  -3.464  1.900   1.00 0.07 ? 44  ASN A CA    1 
ATOM   332  C C     . ASN A 1 44  ? -2.978  -2.790  2.795   1.00 0.10 ? 44  ASN A C     1 
ATOM   333  O O     . ASN A 1 44  ? -3.229  -2.803  4.003   1.00 0.12 ? 44  ASN A O     1 
ATOM   334  C CB    . ASN A 1 44  ? -5.247  -2.547  1.671   1.00 0.08 ? 44  ASN A CB    1 
ATOM   335  C CG    . ASN A 1 44  ? -4.771  -1.394  0.806   1.00 0.08 ? 44  ASN A CG    1 
ATOM   336  O OD1   . ASN A 1 44  ? -4.602  -0.169  1.343   1.00 0.12 ? 44  ASN A OD1   1 
ATOM   337  N ND2   . ASN A 1 44  ? -4.443  -1.445  -0.422  1.00 0.09 ? 44  ASN A ND2   1 
ATOM   338  N N     . THR A 1 45  ? -1.922  -2.306  2.166   1.00 0.06 ? 45  THR A N     1 
ATOM   339  C CA    . THR A 1 45  ? -0.819  -1.695  2.993   1.00 0.04 ? 45  THR A CA    1 
ATOM   340  C C     . THR A 1 45  ? -0.777  -0.227  2.624   1.00 0.13 ? 45  THR A C     1 
ATOM   341  O O     . THR A 1 45  ? -0.831  0.204   1.502   1.00 0.09 ? 45  THR A O     1 
ATOM   342  C CB    . THR A 1 45  ? 0.515   -2.317  2.579   1.00 0.05 ? 45  THR A CB    1 
ATOM   343  O OG1   . THR A 1 45  ? 0.504   -3.698  3.065   1.00 0.10 ? 45  THR A OG1   1 
ATOM   344  C CG2   . THR A 1 45  ? 1.591   -1.604  3.394   1.00 0.16 ? 45  THR A CG2   1 
ATOM   345  N N     . PHE A 1 46  ? -0.724  0.588   3.709   1.00 0.04 ? 46  PHE A N     1 
ATOM   346  C CA    . PHE A 1 46  ? -0.417  2.018   3.486   1.00 0.04 ? 46  PHE A CA    1 
ATOM   347  C C     . PHE A 1 46  ? 0.994   2.471   3.860   1.00 0.11 ? 46  PHE A C     1 
ATOM   348  O O     . PHE A 1 46  ? 1.484   1.879   4.828   1.00 0.11 ? 46  PHE A O     1 
ATOM   349  C CB    . PHE A 1 46  ? -1.348  2.831   4.427   1.00 0.04 ? 46  PHE A CB    1 
ATOM   350  C CG    . PHE A 1 46  ? -2.857  2.817   3.977   1.00 0.02 ? 46  PHE A CG    1 
ATOM   351  C CD1   . PHE A 1 46  ? -3.266  3.700   2.980   1.00 0.07 ? 46  PHE A CD1   1 
ATOM   352  C CD2   . PHE A 1 46  ? -3.760  1.932   4.539   1.00 0.05 ? 46  PHE A CD2   1 
ATOM   353  C CE1   . PHE A 1 46  ? -4.641  3.673   2.517   1.00 0.13 ? 46  PHE A CE1   1 
ATOM   354  C CE2   . PHE A 1 46  ? -5.084  1.946   4.079   1.00 0.11 ? 46  PHE A CE2   1 
ATOM   355  C CZ    . PHE A 1 46  ? -5.578  2.825   3.099   1.00 0.13 ? 46  PHE A CZ    1 
ATOM   356  N N     . VAL A 1 47  ? 1.530   3.396   3.088   1.00 0.06 ? 47  VAL A N     1 
ATOM   357  C CA    . VAL A 1 47  ? 2.978   3.694   3.410   1.00 0.06 ? 47  VAL A CA    1 
ATOM   358  C C     . VAL A 1 47  ? 2.975   5.148   3.789   1.00 0.06 ? 47  VAL A C     1 
ATOM   359  O O     . VAL A 1 47  ? 2.383   6.068   3.193   1.00 0.09 ? 47  VAL A O     1 
ATOM   360  C CB    . VAL A 1 47  ? 3.684   3.637   1.995   1.00 0.10 ? 47  VAL A CB    1 
ATOM   361  C CG1   . VAL A 1 47  ? 5.206   3.906   2.291   1.00 0.15 ? 47  VAL A CG1   1 
ATOM   362  C CG2   . VAL A 1 47  ? 3.683   2.173   1.499   1.00 0.10 ? 47  VAL A CG2   1 
ATOM   363  N N     . HIS A 1 48  ? 3.630   5.432   4.928   1.00 0.08 ? 48  HIS A N     1 
ATOM   364  C CA    . HIS A 1 48  ? 3.688   6.748   5.590   1.00 0.06 ? 48  HIS A CA    1 
ATOM   365  C C     . HIS A 1 48  ? 5.032   7.396   5.302   1.00 0.15 ? 48  HIS A C     1 
ATOM   366  O O     . HIS A 1 48  ? 5.889   7.492   6.216   1.00 0.16 ? 48  HIS A O     1 
ATOM   367  C CB    . HIS A 1 48  ? 3.719   6.456   7.134   1.00 0.07 ? 48  HIS A CB    1 
ATOM   368  C CG    . HIS A 1 48  ? 2.344   5.920   7.555   1.00 0.09 ? 48  HIS A CG    1 
ATOM   369  N ND1   . HIS A 1 48  ? 1.167   6.650   7.713   1.00 0.15 ? 48  HIS A ND1   1 
ATOM   370  C CD2   . HIS A 1 48  ? 2.137   4.576   7.881   1.00 0.16 ? 48  HIS A CD2   1 
ATOM   371  C CE1   . HIS A 1 48  ? 0.219   5.688   8.130   1.00 0.13 ? 48  HIS A CE1   1 
ATOM   372  N NE2   . HIS A 1 48  ? 0.777   4.485   8.234   1.00 0.10 ? 48  HIS A NE2   1 
ATOM   373  N N     . GLU A 1 49  ? 5.329   7.612   4.051   1.00 0.10 ? 49  GLU A N     1 
ATOM   374  C CA    . GLU A 1 49  ? 6.435   8.430   3.587   1.00 0.10 ? 49  GLU A CA    1 
ATOM   375  C C     . GLU A 1 49  ? 6.098   9.380   2.493   1.00 0.10 ? 49  GLU A C     1 
ATOM   376  O O     . GLU A 1 49  ? 5.007   9.282   2.026   1.00 0.14 ? 49  GLU A O     1 
ATOM   377  C CB    . GLU A 1 49  ? 7.453   7.432   3.003   1.00 0.14 ? 49  GLU A CB    1 
ATOM   378  C CG    . GLU A 1 49  ? 7.774   6.277   3.904   1.00 0.16 ? 49  GLU A CG    1 
ATOM   379  C CD    . GLU A 1 49  ? 8.762   6.611   5.024   1.00 0.21 ? 49  GLU A CD    1 
ATOM   380  O OE1   . GLU A 1 49  ? 9.518   7.588   4.998   1.00 0.20 ? 49  GLU A OE1   1 
ATOM   381  O OE2   . GLU A 1 49  ? 8.919   5.895   6.070   1.00 0.18 ? 49  GLU A OE2   1 
ATOM   382  N N     . SER A 1 50  ? 7.138   10.181  2.156   1.00 0.07 ? 50  SER A N     1 
ATOM   383  C CA    . SER A 1 50  ? 6.743   11.150  1.061   1.00 0.09 ? 50  SER A CA    1 
ATOM   384  C C     . SER A 1 50  ? 6.559   10.372  -0.290  1.00 0.12 ? 50  SER A C     1 
ATOM   385  O O     . SER A 1 50  ? 7.129   9.334   -0.446  1.00 0.13 ? 50  SER A O     1 
ATOM   386  C CB    . SER A 1 50  ? 7.869   12.181  0.899   1.00 0.15 ? 50  SER A CB    1 
ATOM   387  O OG    . SER A 1 50  ? 8.960   11.531  0.347   1.00 0.18 ? 50  SER A OG    1 
ATOM   388  N N     . LEU A 1 51  ? 5.815   10.989  -1.156  1.00 0.12 ? 51  LEU A N     1 
ATOM   389  C CA    . LEU A 1 51  ? 5.508   10.325  -2.449  1.00 0.09 ? 51  LEU A CA    1 
ATOM   390  C C     . LEU A 1 51  ? 6.813   10.215  -3.208  1.00 0.11 ? 51  LEU A C     1 
ATOM   391  O O     . LEU A 1 51  ? 7.145   9.211   -3.834  1.00 0.14 ? 51  LEU A O     1 
ATOM   392  C CB    . LEU A 1 51  ? 4.487   11.130  -3.233  1.00 0.19 ? 51  LEU A CB    1 
ATOM   393  C CG    . LEU A 1 51  ? 4.189   10.539  -4.633  1.00 0.25 ? 51  LEU A CG    1 
ATOM   394  C CD1   . LEU A 1 51  ? 3.584   9.135   -4.424  1.00 0.18 ? 51  LEU A CD1   1 
ATOM   395  C CD2   . LEU A 1 51  ? 3.097   11.481  -5.176  1.00 0.30 ? 51  LEU A CD2   1 
ATOM   396  N N     . ALA A 1 52  ? 7.659   11.263  -3.172  1.00 0.10 ? 52  ALA A N     1 
ATOM   397  C CA    . ALA A 1 52  ? 8.957   11.156  -3.779  1.00 0.14 ? 52  ALA A CA    1 
ATOM   398  C C     . ALA A 1 52  ? 9.807   10.006  -3.349  1.00 0.08 ? 52  ALA A C     1 
ATOM   399  O O     . ALA A 1 52  ? 10.496  9.316   -4.161  1.00 0.15 ? 52  ALA A O     1 
ATOM   400  C CB    . ALA A 1 52  ? 9.705   12.495  -3.557  1.00 0.17 ? 52  ALA A CB    1 
ATOM   401  N N     . ASP A 1 53  ? 9.890   9.687   -2.057  1.00 0.11 ? 53  ASP A N     1 
ATOM   402  C CA    . ASP A 1 53  ? 10.698  8.591   -1.559  1.00 0.12 ? 53  ASP A CA    1 
ATOM   403  C C     . ASP A 1 53  ? 10.085  7.229   -2.073  1.00 0.11 ? 53  ASP A C     1 
ATOM   404  O O     . ASP A 1 53  ? 10.942  6.363   -2.224  1.00 0.12 ? 53  ASP A O     1 
ATOM   405  C CB    . ASP A 1 53  ? 10.665  8.542   -0.018  1.00 0.15 ? 53  ASP A CB    1 
ATOM   406  C CG    . ASP A 1 53  ? 11.669  9.567   0.509   1.00 0.31 ? 53  ASP A CG    1 
ATOM   407  O OD1   . ASP A 1 53  ? 12.479  10.135  -0.196  1.00 0.29 ? 53  ASP A OD1   1 
ATOM   408  O OD2   . ASP A 1 53  ? 11.647  9.847   1.709   1.00 0.22 ? 53  ASP A OD2   1 
ATOM   409  N N     . VAL A 1 54  ? 8.772   7.114   -2.159  1.00 0.09 ? 54  VAL A N     1 
ATOM   410  C CA    . VAL A 1 54  ? 8.205   5.848   -2.725  1.00 0.10 ? 54  VAL A CA    1 
ATOM   411  C C     . VAL A 1 54  ? 8.362   5.793   -4.281  1.00 0.04 ? 54  VAL A C     1 
ATOM   412  O O     . VAL A 1 54  ? 8.775   4.697   -4.590  1.00 0.09 ? 54  VAL A O     1 
ATOM   413  C CB    . VAL A 1 54  ? 6.742   5.769   -2.321  1.00 0.08 ? 54  VAL A CB    1 
ATOM   414  C CG1   . VAL A 1 54  ? 6.099   4.477   -2.888  1.00 0.14 ? 54  VAL A CG1   1 
ATOM   415  C CG2   . VAL A 1 54  ? 6.437   5.898   -0.812  1.00 0.17 ? 54  VAL A CG2   1 
ATOM   416  N N     . GLN A 1 55  ? 8.112   6.879   -4.949  1.00 0.08 ? 55  GLN A N     1 
ATOM   417  C CA    . GLN A 1 55  ? 8.522   6.835   -6.378  1.00 0.09 ? 55  GLN A CA    1 
ATOM   418  C C     . GLN A 1 55  ? 9.973   6.544   -6.524  1.00 0.14 ? 55  GLN A C     1 
ATOM   419  O O     . GLN A 1 55  ? 10.392  5.856   -7.500  1.00 0.16 ? 55  GLN A O     1 
ATOM   420  C CB    . GLN A 1 55  ? 8.199   8.218   -7.019  1.00 0.10 ? 55  GLN A CB    1 
ATOM   421  C CG    . GLN A 1 55  ? 6.701   8.432   -7.065  1.00 0.18 ? 55  GLN A CG    1 
ATOM   422  C CD    . GLN A 1 55  ? 6.486   9.935   -7.465  1.00 0.19 ? 55  GLN A CD    1 
ATOM   423  O OE1   . GLN A 1 55  ? 7.381   10.900  -7.218  1.00 0.25 ? 55  GLN A OE1   1 
ATOM   424  N NE2   . GLN A 1 55  ? 5.343   10.137  -7.981  1.00 0.17 ? 55  GLN A NE2   1 
ATOM   425  N N     . ALA A 1 56  ? 10.934  6.895   -5.679  1.00 0.10 ? 56  ALA A N     1 
ATOM   426  C CA    . ALA A 1 56  ? 12.278  6.489   -5.872  1.00 0.12 ? 56  ALA A CA    1 
ATOM   427  C C     . ALA A 1 56  ? 12.662  5.011   -5.848  1.00 0.18 ? 56  ALA A C     1 
ATOM   428  O O     . ALA A 1 56  ? 13.705  4.620   -6.329  1.00 0.14 ? 56  ALA A O     1 
ATOM   429  C CB    . ALA A 1 56  ? 13.207  7.179   -4.880  1.00 0.15 ? 56  ALA A CB    1 
ATOM   430  N N     . VAL A 1 57  ? 11.749  4.233   -5.265  1.00 0.10 ? 57  VAL A N     1 
ATOM   431  C CA    . VAL A 1 57  ? 11.936  2.774   -5.240  1.00 0.08 ? 57  VAL A CA    1 
ATOM   432  C C     . VAL A 1 57  ? 12.113  2.145   -6.629  1.00 0.09 ? 57  VAL A C     1 
ATOM   433  O O     . VAL A 1 57  ? 12.859  1.153   -6.705  1.00 0.13 ? 57  VAL A O     1 
ATOM   434  C CB    . VAL A 1 57  ? 10.958  2.144   -4.290  1.00 0.08 ? 57  VAL A CB    1 
ATOM   435  C CG1   . VAL A 1 57  ? 11.159  0.620   -4.158  1.00 0.14 ? 57  VAL A CG1   1 
ATOM   436  C CG2   . VAL A 1 57  ? 11.057  2.613   -2.835  1.00 0.10 ? 57  VAL A CG2   1 
ATOM   437  N N     . CYS A 1 58  ? 11.492  2.834   -7.574  1.00 0.13 ? 58  CYS A N     1 
ATOM   438  C CA    . CYS A 1 58  ? 11.604  2.227   -8.941  1.00 0.09 ? 58  CYS A CA    1 
ATOM   439  C C     . CYS A 1 58  ? 13.006  2.378   -9.529  1.00 0.17 ? 58  CYS A C     1 
ATOM   440  O O     . CYS A 1 58  ? 13.145  1.825   -10.616 1.00 0.15 ? 58  CYS A O     1 
ATOM   441  C CB    . CYS A 1 58  ? 10.644  2.922   -9.854  1.00 0.08 ? 58  CYS A CB    1 
ATOM   442  S SG    . CYS A 1 58  ? 8.907   2.788   -9.383  1.00 0.15 ? 58  CYS A SG    1 
ATOM   443  N N     . SER A 1 59  ? 13.882  3.075   -8.844  1.00 0.11 ? 59  SER A N     1 
ATOM   444  C CA    . SER A 1 59  ? 15.356  3.099   -9.257  1.00 0.17 ? 59  SER A CA    1 
ATOM   445  C C     . SER A 1 59  ? 16.223  2.345   -8.235  1.00 0.22 ? 59  SER A C     1 
ATOM   446  O O     . SER A 1 59  ? 17.492  2.548   -8.238  1.00 0.19 ? 59  SER A O     1 
ATOM   447  C CB    . SER A 1 59  ? 15.794  4.557   -8.989  1.00 0.26 ? 59  SER A CB    1 
ATOM   448  O OG    . SER A 1 59  ? 15.159  5.416   -9.940  1.00 0.49 ? 59  SER A OG    1 
ATOM   449  N N     . GLN A 1 60  ? 15.668  1.547   -7.332  1.00 0.16 ? 60  GLN A N     1 
ATOM   450  C CA    . GLN A 1 60  ? 16.578  0.883   -6.362  1.00 0.11 ? 60  GLN A CA    1 
ATOM   451  C C     . GLN A 1 60  ? 16.725  -0.595  -6.737  1.00 0.12 ? 60  GLN A C     1 
ATOM   452  O O     . GLN A 1 60  ? 16.977  -0.915  -7.896  1.00 0.20 ? 60  GLN A O     1 
ATOM   453  C CB    . GLN A 1 60  ? 15.878  1.063   -4.976  1.00 0.18 ? 60  GLN A CB    1 
ATOM   454  C CG    . GLN A 1 60  ? 15.917  2.595   -4.717  1.00 0.18 ? 60  GLN A CG    1 
ATOM   455  C CD    . GLN A 1 60  ? 15.316  3.031   -3.389  1.00 0.11 ? 60  GLN A CD    1 
ATOM   456  O OE1   . GLN A 1 60  ? 14.959  2.255   -2.418  1.00 0.20 ? 60  GLN A OE1   1 
ATOM   457  N NE2   . GLN A 1 60  ? 15.177  4.391   -3.264  1.00 0.18 ? 60  GLN A NE2   1 
ATOM   458  N N     . LYS A 1 61  ? 16.523  -1.511  -5.856  1.00 0.12 ? 61  LYS A N     1 
ATOM   459  C CA    . LYS A 1 61  ? 16.887  -2.916  -6.211  1.00 0.20 ? 61  LYS A CA    1 
ATOM   460  C C     . LYS A 1 61  ? 15.879  -3.678  -7.000  1.00 0.13 ? 61  LYS A C     1 
ATOM   461  O O     . LYS A 1 61  ? 14.809  -3.917  -6.437  1.00 0.15 ? 61  LYS A O     1 
ATOM   462  C CB    . LYS A 1 61  ? 17.249  -3.688  -4.941  1.00 0.16 ? 61  LYS A CB    1 
ATOM   463  C CG    . LYS A 1 61  ? 17.742  -5.040  -5.441  1.00 0.29 ? 61  LYS A CG    1 
ATOM   464  C CD    . LYS A 1 61  ? 18.639  -5.850  -4.547  1.00 0.54 ? 61  LYS A CD    1 
ATOM   465  C CE    . LYS A 1 61  ? 19.109  -7.142  -5.227  1.00 0.35 ? 61  LYS A CE    1 
ATOM   466  N NZ    . LYS A 1 61  ? 19.925  -7.010  -6.424  1.00 0.56 ? 61  LYS A NZ    1 
ATOM   467  N N     . ASN A 1 62  ? 16.279  -4.063  -8.208  1.00 0.17 ? 62  ASN A N     1 
ATOM   468  C CA    . ASN A 1 62  ? 15.254  -4.857  -8.956  1.00 0.11 ? 62  ASN A CA    1 
ATOM   469  C C     . ASN A 1 62  ? 15.212  -6.295  -8.439  1.00 0.15 ? 62  ASN A C     1 
ATOM   470  O O     . ASN A 1 62  ? 16.287  -6.957  -8.283  1.00 0.17 ? 62  ASN A O     1 
ATOM   471  C CB    . ASN A 1 62  ? 15.824  -4.836  -10.388 1.00 0.22 ? 62  ASN A CB    1 
ATOM   472  C CG    . ASN A 1 62  ? 14.935  -5.423  -11.453 1.00 0.21 ? 62  ASN A CG    1 
ATOM   473  O OD1   . ASN A 1 62  ? 15.522  -5.986  -12.499 1.00 0.26 ? 62  ASN A OD1   1 
ATOM   474  N ND2   . ASN A 1 62  ? 13.595  -5.393  -11.443 1.00 0.14 ? 62  ASN A ND2   1 
ATOM   475  N N     . VAL A 1 63  ? 13.970  -6.755  -8.309  1.00 0.09 ? 63  VAL A N     1 
ATOM   476  C CA    . VAL A 1 63  ? 13.734  -8.116  -7.793  1.00 0.07 ? 63  VAL A CA    1 
ATOM   477  C C     . VAL A 1 63  ? 12.502  -8.658  -8.574  1.00 0.08 ? 63  VAL A C     1 
ATOM   478  O O     . VAL A 1 63  ? 11.738  -7.851  -9.161  1.00 0.13 ? 63  VAL A O     1 
ATOM   479  C CB    . VAL A 1 63  ? 13.449  -8.020  -6.269  1.00 0.14 ? 63  VAL A CB    1 
ATOM   480  C CG1   . VAL A 1 63  ? 14.674  -7.598  -5.440  1.00 0.16 ? 63  VAL A CG1   1 
ATOM   481  C CG2   . VAL A 1 63  ? 12.274  -7.087  -5.851  1.00 0.15 ? 63  VAL A CG2   1 
ATOM   482  N N     . ALA A 1 64  ? 12.381  -9.971  -8.422  1.00 0.12 ? 64  ALA A N     1 
ATOM   483  C CA    . ALA A 1 64  ? 11.201  -10.566 -9.046  1.00 0.11 ? 64  ALA A CA    1 
ATOM   484  C C     . ALA A 1 64  ? 10.009  -10.304 -8.159  1.00 0.11 ? 64  ALA A C     1 
ATOM   485  O O     . ALA A 1 64  ? 10.036  -10.495 -6.954  1.00 0.16 ? 64  ALA A O     1 
ATOM   486  C CB    . ALA A 1 64  ? 11.341  -12.051 -9.250  1.00 0.18 ? 64  ALA A CB    1 
ATOM   487  N N     . CYS A 1 65  ? 8.909   -10.044 -8.780  1.00 0.10 ? 65  CYS A N     1 
ATOM   488  C CA    . CYS A 1 65  ? 7.633   -9.916  -7.997  1.00 0.08 ? 65  CYS A CA    1 
ATOM   489  C C     . CYS A 1 65  ? 7.185   -11.320 -7.507  1.00 0.09 ? 65  CYS A C     1 
ATOM   490  O O     . CYS A 1 65  ? 7.705   -12.352 -8.018  1.00 0.11 ? 65  CYS A O     1 
ATOM   491  C CB    . CYS A 1 65  ? 6.476   -9.363  -8.839  1.00 0.09 ? 65  CYS A CB    1 
ATOM   492  S SG    . CYS A 1 65  ? 6.972   -7.839  -9.781  1.00 0.15 ? 65  CYS A SG    1 
ATOM   493  N N     . LYS A 1 66  ? 6.212   -11.375 -6.562  1.00 0.08 ? 66  LYS A N     1 
ATOM   494  C CA    . LYS A 1 66  ? 5.675   -12.694 -6.162  1.00 0.11 ? 66  LYS A CA    1 
ATOM   495  C C     . LYS A 1 66  ? 5.232   -13.577 -7.305  1.00 0.15 ? 66  LYS A C     1 
ATOM   496  O O     . LYS A 1 66  ? 5.522   -14.797 -7.215  1.00 0.21 ? 66  LYS A O     1 
ATOM   497  C CB    . LYS A 1 66  ? 4.661   -12.610 -5.048  1.00 0.22 ? 66  LYS A CB    1 
ATOM   498  C CG    . LYS A 1 66  ? 5.329   -12.220 -3.726  1.00 0.37 ? 66  LYS A CG    1 
ATOM   499  C CD    . LYS A 1 66  ? 4.187   -12.025 -2.703  1.00 0.33 ? 66  LYS A CD    1 
ATOM   500  C CE    . LYS A 1 66  ? 3.352   -13.313 -2.786  1.00 0.31 ? 66  LYS A CE    1 
ATOM   501  N NZ    . LYS A 1 66  ? 1.914   -12.975 -2.758  1.00 0.57 ? 66  LYS A NZ    1 
ATOM   502  N N     . ASN A 1 67  ? 4.692   -12.920 -8.315  1.00 0.08 ? 67  ASN A N     1 
ATOM   503  C CA    . ASN A 1 67  ? 4.076   -13.725 -9.416  1.00 0.13 ? 67  ASN A CA    1 
ATOM   504  C C     . ASN A 1 67  ? 5.092   -13.949 -10.488 1.00 0.15 ? 67  ASN A C     1 
ATOM   505  O O     . ASN A 1 67  ? 4.757   -14.467 -11.579 1.00 0.19 ? 67  ASN A O     1 
ATOM   506  C CB    . ASN A 1 67  ? 2.867   -12.884 -9.891  1.00 0.20 ? 67  ASN A CB    1 
ATOM   507  C CG    . ASN A 1 67  ? 3.317   -11.796 -10.909 1.00 0.17 ? 67  ASN A CG    1 
ATOM   508  O OD1   . ASN A 1 67  ? 4.601   -11.390 -10.753 1.00 0.27 ? 67  ASN A OD1   1 
ATOM   509  N ND2   . ASN A 1 67  ? 2.600   -11.303 -11.897 1.00 0.11 ? 67  ASN A ND2   1 
ATOM   510  N N     . GLY A 1 68  ? 6.401   -13.649 -10.372 1.00 0.11 ? 68  GLY A N     1 
ATOM   511  C CA    . GLY A 1 68  ? 7.495   -13.956 -11.340 1.00 0.11 ? 68  GLY A CA    1 
ATOM   512  C C     . GLY A 1 68  ? 7.830   -12.733 -12.205 1.00 0.12 ? 68  GLY A C     1 
ATOM   513  O O     . GLY A 1 68  ? 8.923   -12.751 -12.864 1.00 0.14 ? 68  GLY A O     1 
ATOM   514  N N     . GLN A 1 69  ? 6.977   -11.678 -12.278 1.00 0.13 ? 69  GLN A N     1 
ATOM   515  C CA    . GLN A 1 69  ? 7.342   -10.612 -13.232 1.00 0.10 ? 69  GLN A CA    1 
ATOM   516  C C     . GLN A 1 69  ? 8.617   -9.981  -12.734 1.00 0.13 ? 69  GLN A C     1 
ATOM   517  O O     . GLN A 1 69  ? 8.944   -9.919  -11.515 1.00 0.19 ? 69  GLN A O     1 
ATOM   518  C CB    . GLN A 1 69  ? 6.274   -9.465  -13.204 1.00 0.12 ? 69  GLN A CB    1 
ATOM   519  C CG    . GLN A 1 69  ? 4.956   -9.886  -13.820 1.00 0.21 ? 69  GLN A CG    1 
ATOM   520  C CD    . GLN A 1 69  ? 3.900   -8.758  -13.634 1.00 0.19 ? 69  GLN A CD    1 
ATOM   521  O OE1   . GLN A 1 69  ? 2.569   -8.933  -13.689 1.00 0.23 ? 69  GLN A OE1   1 
ATOM   522  N NE2   . GLN A 1 69  ? 4.480   -7.621  -13.484 1.00 0.20 ? 69  GLN A NE2   1 
ATOM   523  N N     . THR A 1 70  ? 9.383   -9.262  -13.561 1.00 0.10 ? 70  THR A N     1 
ATOM   524  C CA    . THR A 1 70  ? 10.673  -8.759  -13.188 1.00 0.08 ? 70  THR A CA    1 
ATOM   525  C C     . THR A 1 70  ? 10.639  -7.239  -13.224 1.00 0.08 ? 70  THR A C     1 
ATOM   526  O O     . THR A 1 70  ? 11.716  -6.667  -13.324 1.00 0.14 ? 70  THR A O     1 
ATOM   527  C CB    . THR A 1 70  ? 11.884  -9.266  -14.002 1.00 0.14 ? 70  THR A CB    1 
ATOM   528  O OG1   . THR A 1 70  ? 11.540  -9.139  -15.392 1.00 0.16 ? 70  THR A OG1   1 
ATOM   529  C CG2   . THR A 1 70  ? 11.977  -10.773 -13.713 1.00 0.19 ? 70  THR A CG2   1 
ATOM   530  N N     . ASN A 1 71  ? 9.497   -6.575  -13.113 1.00 0.09 ? 71  ASN A N     1 
ATOM   531  C CA    . ASN A 1 71  ? 9.468   -5.111  -12.904 1.00 0.10 ? 71  ASN A CA    1 
ATOM   532  C C     . ASN A 1 71  ? 9.157   -4.777  -11.420 1.00 0.12 ? 71  ASN A C     1 
ATOM   533  O O     . ASN A 1 71  ? 8.569   -3.706  -11.247 1.00 0.14 ? 71  ASN A O     1 
ATOM   534  C CB    . ASN A 1 71  ? 8.515   -4.479  -13.907 1.00 0.14 ? 71  ASN A CB    1 
ATOM   535  C CG    . ASN A 1 71  ? 7.059   -4.906  -13.631 1.00 0.26 ? 71  ASN A CG    1 
ATOM   536  O OD1   . ASN A 1 71  ? 6.832   -6.184  -13.270 1.00 0.23 ? 71  ASN A OD1   1 
ATOM   537  N ND2   . ASN A 1 71  ? 6.008   -4.115  -13.751 1.00 0.16 ? 71  ASN A ND2   1 
ATOM   538  N N     . CYS A 1 72  ? 9.618   -5.576  -10.454 1.00 0.09 ? 72  CYS A N     1 
ATOM   539  C CA    . CYS A 1 72  ? 9.476   -5.142  -9.065  1.00 0.07 ? 72  CYS A CA    1 
ATOM   540  C C     . CYS A 1 72  ? 10.837  -4.646  -8.499  1.00 0.12 ? 72  CYS A C     1 
ATOM   541  O O     . CYS A 1 72  ? 11.878  -4.900  -9.072  1.00 0.11 ? 72  CYS A O     1 
ATOM   542  C CB    . CYS A 1 72  ? 9.039   -6.421  -8.316  1.00 0.09 ? 72  CYS A CB    1 
ATOM   543  S SG    . CYS A 1 72  ? 7.225   -6.519  -8.237  1.00 0.14 ? 72  CYS A SG    1 
ATOM   544  N N     . TYR A 1 73  ? 10.642  -3.827  -7.466  1.00 0.09 ? 73  TYR A N     1 
ATOM   545  C CA    . TYR A 1 73  ? 11.863  -3.130  -6.897  1.00 0.10 ? 73  TYR A CA    1 
ATOM   546  C C     . TYR A 1 73  ? 11.624  -3.188  -5.418  1.00 0.10 ? 73  TYR A C     1 
ATOM   547  O O     . TYR A 1 73  ? 10.506  -2.964  -4.937  1.00 0.12 ? 73  TYR A O     1 
ATOM   548  C CB    . TYR A 1 73  ? 11.879  -1.659  -7.332  1.00 0.09 ? 73  TYR A CB    1 
ATOM   549  C CG    . TYR A 1 73  ? 12.247  -1.696  -8.873  1.00 0.10 ? 73  TYR A CG    1 
ATOM   550  C CD1   . TYR A 1 73  ? 13.571  -1.674  -9.218  1.00 0.15 ? 73  TYR A CD1   1 
ATOM   551  C CD2   . TYR A 1 73  ? 11.106  -1.735  -9.673  1.00 0.13 ? 73  TYR A CD2   1 
ATOM   552  C CE1   . TYR A 1 73  ? 13.806  -1.730  -10.609 1.00 0.24 ? 73  TYR A CE1   1 
ATOM   553  C CE2   . TYR A 1 73  ? 11.381  -1.810  -11.036 1.00 0.18 ? 73  TYR A CE2   1 
ATOM   554  C CZ    . TYR A 1 73  ? 12.682  -1.816  -11.441 1.00 0.18 ? 73  TYR A CZ    1 
ATOM   555  O OH    . TYR A 1 73  ? 13.013  -1.849  -12.809 1.00 0.31 ? 73  TYR A OH    1 
ATOM   556  N N     . GLN A 1 74  ? 12.725  -3.471  -4.730  1.00 0.11 ? 74  GLN A N     1 
ATOM   557  C CA    . GLN A 1 74  ? 12.677  -3.500  -3.258  1.00 0.11 ? 74  GLN A CA    1 
ATOM   558  C C     . GLN A 1 74  ? 13.380  -2.278  -2.653  1.00 0.14 ? 74  GLN A C     1 
ATOM   559  O O     . GLN A 1 74  ? 14.456  -1.897  -3.183  1.00 0.15 ? 74  GLN A O     1 
ATOM   560  C CB    . GLN A 1 74  ? 13.411  -4.691  -2.723  1.00 0.15 ? 74  GLN A CB    1 
ATOM   561  C CG    . GLN A 1 74  ? 13.265  -4.667  -1.194  1.00 0.14 ? 74  GLN A CG    1 
ATOM   562  C CD    . GLN A 1 74  ? 13.736  -6.006  -0.667  1.00 0.46 ? 74  GLN A CD    1 
ATOM   563  O OE1   . GLN A 1 74  ? 13.340  -7.188  -1.116  1.00 0.34 ? 74  GLN A OE1   1 
ATOM   564  N NE2   . GLN A 1 74  ? 14.593  -5.852  0.336   1.00 0.40 ? 74  GLN A NE2   1 
ATOM   565  N N     . SER A 1 75  ? 12.767  -1.620  -1.675  1.00 0.11 ? 75  SER A N     1 
ATOM   566  C CA    . SER A 1 75  ? 13.399  -0.415  -1.105  1.00 0.13 ? 75  SER A CA    1 
ATOM   567  C C     . SER A 1 75  ? 14.746  -0.733  -0.429  1.00 0.11 ? 75  SER A C     1 
ATOM   568  O O     . SER A 1 75  ? 14.822  -1.751  0.226   1.00 0.15 ? 75  SER A O     1 
ATOM   569  C CB    . SER A 1 75  ? 12.452  0.340   -0.235  1.00 0.11 ? 75  SER A CB    1 
ATOM   570  O OG    . SER A 1 75  ? 12.107  -0.504  0.899   1.00 0.10 ? 75  SER A OG    1 
ATOM   571  N N     . TYR A 1 76  ? 15.706  0.218   -0.585  1.00 0.18 ? 76  TYR A N     1 
ATOM   572  C CA    . TYR A 1 76  ? 16.936  -0.057  0.190   1.00 0.13 ? 76  TYR A CA    1 
ATOM   573  C C     . TYR A 1 76  ? 16.697  0.156   1.690   1.00 0.25 ? 76  TYR A C     1 
ATOM   574  O O     . TYR A 1 76  ? 17.344  -0.505  2.553   1.00 0.28 ? 76  TYR A O     1 
ATOM   575  C CB    . TYR A 1 76  ? 17.974  0.935   -0.277  1.00 0.16 ? 76  TYR A CB    1 
ATOM   576  C CG    . TYR A 1 76  ? 18.517  0.642   -1.688  1.00 0.16 ? 76  TYR A CG    1 
ATOM   577  C CD1   . TYR A 1 76  ? 18.697  -0.641  -2.145  1.00 0.33 ? 76  TYR A CD1   1 
ATOM   578  C CD2   . TYR A 1 76  ? 18.791  1.786   -2.410  1.00 0.21 ? 76  TYR A CD2   1 
ATOM   579  C CE1   . TYR A 1 76  ? 19.213  -0.815  -3.438  1.00 0.35 ? 76  TYR A CE1   1 
ATOM   580  C CE2   . TYR A 1 76  ? 19.302  1.626   -3.703  1.00 0.25 ? 76  TYR A CE2   1 
ATOM   581  C CZ    . TYR A 1 76  ? 19.482  0.343   -4.151  1.00 0.22 ? 76  TYR A CZ    1 
ATOM   582  O OH    . TYR A 1 76  ? 19.982  0.214   -5.464  1.00 0.51 ? 76  TYR A OH    1 
ATOM   583  N N     . SER A 1 77  ? 15.803  1.065   2.034   1.00 0.17 ? 77  SER A N     1 
ATOM   584  C CA    . SER A 1 77  ? 15.580  1.419   3.464   1.00 0.27 ? 77  SER A CA    1 
ATOM   585  C C     . SER A 1 77  ? 14.276  0.782   3.921   1.00 0.22 ? 77  SER A C     1 
ATOM   586  O O     . SER A 1 77  ? 13.471  0.459   3.060   1.00 0.16 ? 77  SER A O     1 
ATOM   587  C CB    . SER A 1 77  ? 15.333  2.898   3.711   1.00 0.26 ? 77  SER A CB    1 
ATOM   588  O OG    . SER A 1 77  ? 16.238  3.619   2.887   1.00 0.51 ? 77  SER A OG    1 
ATOM   589  N N     . THR A 1 78  ? 14.144  0.641   5.229   1.00 0.15 ? 78  THR A N     1 
ATOM   590  C CA    . THR A 1 78  ? 12.825  0.243   5.726   1.00 0.10 ? 78  THR A CA    1 
ATOM   591  C C     . THR A 1 78  ? 12.002  1.553   5.659   1.00 0.15 ? 78  THR A C     1 
ATOM   592  O O     . THR A 1 78  ? 12.481  2.693   5.587   1.00 0.15 ? 78  THR A O     1 
ATOM   593  C CB    . THR A 1 78  ? 12.828  -0.308  7.130   1.00 0.18 ? 78  THR A CB    1 
ATOM   594  O OG1   . THR A 1 78  ? 13.266  0.640   8.067   1.00 0.29 ? 78  THR A OG1   1 
ATOM   595  C CG2   . THR A 1 78  ? 13.673  -1.551  7.219   1.00 0.19 ? 78  THR A CG2   1 
ATOM   596  N N     . MET A 1 79  ? 10.683  1.325   5.623   1.00 0.10 ? 79  MET A N     1 
ATOM   597  C CA    . MET A 1 79  ? 9.691   2.412   5.588   1.00 0.11 ? 79  MET A CA    1 
ATOM   598  C C     . MET A 1 79  ? 8.610   2.216   6.647   1.00 0.15 ? 79  MET A C     1 
ATOM   599  O O     . MET A 1 79  ? 8.423   1.048   7.041   1.00 0.11 ? 79  MET A O     1 
ATOM   600  C CB    . MET A 1 79  ? 8.938   2.473   4.234   1.00 0.10 ? 79  MET A CB    1 
ATOM   601  C CG    . MET A 1 79  ? 10.038  2.924   3.227   1.00 0.14 ? 79  MET A CG    1 
ATOM   602  S SD    . MET A 1 79  ? 9.268   3.340   1.610   1.00 0.17 ? 79  MET A SD    1 
ATOM   603  C CE    . MET A 1 79  ? 10.547  4.212   0.635   1.00 0.27 ? 79  MET A CE    1 
ATOM   604  N N     . SER A 1 80  ? 8.000   3.334   7.052   1.00 0.09 ? 80  SER A N     1 
ATOM   605  C CA    . SER A 1 80  ? 6.863   3.135   8.009   1.00 0.08 ? 80  SER A CA    1 
ATOM   606  C C     . SER A 1 80  ? 5.565   2.732   7.201   1.00 0.10 ? 80  SER A C     1 
ATOM   607  O O     . SER A 1 80  ? 5.202   3.496   6.294   1.00 0.11 ? 80  SER A O     1 
ATOM   608  C CB    . SER A 1 80  ? 6.696   4.495   8.681   1.00 0.10 ? 80  SER A CB    1 
ATOM   609  O OG    . SER A 1 80  ? 5.499   4.438   9.404   1.00 0.13 ? 80  SER A OG    1 
ATOM   610  N N     . ILE A 1 81  ? 5.109   1.526   7.588   1.00 0.07 ? 81  ILE A N     1 
ATOM   611  C CA    . ILE A 1 81  ? 3.837   1.083   6.878   1.00 0.10 ? 81  ILE A CA    1 
ATOM   612  C C     . ILE A 1 81  ? 2.821   0.598   7.876   1.00 0.13 ? 81  ILE A C     1 
ATOM   613  O O     . ILE A 1 81  ? 3.006   0.249   9.062   1.00 0.14 ? 81  ILE A O     1 
ATOM   614  C CB    . ILE A 1 81  ? 4.306   -0.076  6.015   1.00 0.09 ? 81  ILE A CB    1 
ATOM   615  C CG1   . ILE A 1 81  ? 4.765   -1.239  6.827   1.00 0.15 ? 81  ILE A CG1   1 
ATOM   616  C CG2   . ILE A 1 81  ? 5.330   0.415   4.995   1.00 0.09 ? 81  ILE A CG2   1 
ATOM   617  C CD1   . ILE A 1 81  ? 4.808   -2.562  6.046   1.00 0.31 ? 81  ILE A CD1   1 
ATOM   618  N N     . THR A 1 82  ? 1.529   0.605   7.393   1.00 0.08 ? 82  THR A N     1 
ATOM   619  C CA    . THR A 1 82  ? 0.457   -0.038  8.156   1.00 0.09 ? 82  THR A CA    1 
ATOM   620  C C     . THR A 1 82  ? -0.226  -1.117  7.274   1.00 0.14 ? 82  THR A C     1 
ATOM   621  O O     . THR A 1 82  ? -0.638  -0.746  6.207   1.00 0.11 ? 82  THR A O     1 
ATOM   622  C CB    . THR A 1 82  ? -0.624  0.949   8.374   1.00 0.06 ? 82  THR A CB    1 
ATOM   623  O OG1   . THR A 1 82  ? -0.019  2.091   9.222   1.00 0.08 ? 82  THR A OG1   1 
ATOM   624  C CG2   . THR A 1 82  ? -1.696  0.451   9.317   1.00 0.17 ? 82  THR A CG2   1 
ATOM   625  N N     . ASP A 1 83  ? -0.214  -2.254  7.867   1.00 0.06 ? 83  ASP A N     1 
ATOM   626  C CA    . ASP A 1 83  ? -0.859  -3.429  7.160   1.00 0.08 ? 83  ASP A CA    1 
ATOM   627  C C     . ASP A 1 83  ? -2.254  -3.468  7.664   1.00 0.12 ? 83  ASP A C     1 
ATOM   628  O O     . ASP A 1 83  ? -2.600  -3.463  8.868   1.00 0.12 ? 83  ASP A O     1 
ATOM   629  C CB    . ASP A 1 83  ? 0.003   -4.590  7.524   1.00 0.13 ? 83  ASP A CB    1 
ATOM   630  C CG    . ASP A 1 83  ? -0.621  -5.898  6.999   1.00 0.22 ? 83  ASP A CG    1 
ATOM   631  O OD1   . ASP A 1 83  ? -1.630  -6.180  7.669   1.00 0.24 ? 83  ASP A OD1   1 
ATOM   632  O OD2   . ASP A 1 83  ? -0.028  -6.537  6.150   1.00 0.28 ? 83  ASP A OD2   1 
ATOM   633  N N     . CYS A 1 84  ? -3.234  -3.530  6.779   1.00 0.06 ? 84  CYS A N     1 
ATOM   634  C CA    . CYS A 1 84  ? -4.657  -3.648  7.185   1.00 0.04 ? 84  CYS A CA    1 
ATOM   635  C C     . CYS A 1 84  ? -5.144  -5.018  6.648   1.00 0.15 ? 84  CYS A C     1 
ATOM   636  O O     . CYS A 1 84  ? -5.034  -5.264  5.428   1.00 0.12 ? 84  CYS A O     1 
ATOM   637  C CB    . CYS A 1 84  ? -5.505  -2.604  6.413   1.00 0.10 ? 84  CYS A CB    1 
ATOM   638  S SG    . CYS A 1 84  ? -4.992  -0.863  6.837   1.00 0.10 ? 84  CYS A SG    1 
ATOM   639  N N     . ARG A 1 85  ? -5.676  -5.806  7.552   1.00 0.10 ? 85  ARG A N     1 
ATOM   640  C CA    . ARG A 1 85  ? -6.377  -6.972  6.949   1.00 0.19 ? 85  ARG A CA    1 
ATOM   641  C C     . ARG A 1 85  ? -7.657  -7.375  7.626   1.00 0.09 ? 85  ARG A C     1 
ATOM   642  O O     . ARG A 1 85  ? -7.906  -7.045  8.784   1.00 0.12 ? 85  ARG A O     1 
ATOM   643  C CB    . ARG A 1 85  ? -5.427  -8.137  6.659   1.00 0.34 ? 85  ARG A CB    1 
ATOM   644  C CG    . ARG A 1 85  ? -4.850  -8.534  8.015   1.00 0.27 ? 85  ARG A CG    1 
ATOM   645  C CD    . ARG A 1 85  ? -3.793  -9.645  7.820   1.00 0.48 ? 85  ARG A CD    1 
ATOM   646  N NE    . ARG A 1 85  ? -2.491  -9.183  7.379   1.00 0.34 ? 85  ARG A NE    1 
ATOM   647  C CZ    . ARG A 1 85  ? -1.822  -9.250  6.217   1.00 0.41 ? 85  ARG A CZ    1 
ATOM   648  N NH1   . ARG A 1 85  ? -2.344  -9.273  4.979   1.00 0.57 ? 85  ARG A NH1   1 
ATOM   649  N NH2   . ARG A 1 85  ? -0.478  -9.300  6.203   1.00 0.50 ? 85  ARG A NH2   1 
ATOM   650  N N     . GLU A 1 86  ? -8.575  -7.889  6.815   1.00 0.09 ? 86  GLU A N     1 
ATOM   651  C CA    . GLU A 1 86  ? -9.920  -8.059  7.306   1.00 0.06 ? 86  GLU A CA    1 
ATOM   652  C C     . GLU A 1 86  ? -10.026 -8.982  8.510   1.00 0.13 ? 86  GLU A C     1 
ATOM   653  O O     . GLU A 1 86  ? -9.315  -9.999  8.529   1.00 0.17 ? 86  GLU A O     1 
ATOM   654  C CB    . GLU A 1 86  ? -10.687 -8.674  6.092   1.00 0.21 ? 86  GLU A CB    1 
ATOM   655  C CG    . GLU A 1 86  ? -12.153 -8.864  6.302   1.00 0.21 ? 86  GLU A CG    1 
ATOM   656  C CD    . GLU A 1 86  ? -12.860 -9.072  4.929   1.00 0.12 ? 86  GLU A CD    1 
ATOM   657  O OE1   . GLU A 1 86  ? -12.175 -9.693  4.063   1.00 0.19 ? 86  GLU A OE1   1 
ATOM   658  O OE2   . GLU A 1 86  ? -13.991 -8.623  4.824   1.00 0.15 ? 86  GLU A OE2   1 
ATOM   659  N N     . THR A 1 87  ? -10.912 -8.694  9.399   1.00 0.15 ? 87  THR A N     1 
ATOM   660  C CA    . THR A 1 87  ? -11.156 -9.598  10.561  1.00 0.16 ? 87  THR A CA    1 
ATOM   661  C C     . THR A 1 87  ? -12.376 -10.502 10.412  1.00 0.15 ? 87  THR A C     1 
ATOM   662  O O     . THR A 1 87  ? -13.040 -10.250 9.427   1.00 0.16 ? 87  THR A O     1 
ATOM   663  C CB    . THR A 1 87  ? -11.402 -8.760  11.820  1.00 0.13 ? 87  THR A CB    1 
ATOM   664  O OG1   . THR A 1 87  ? -12.645 -8.094  11.783  1.00 0.21 ? 87  THR A OG1   1 
ATOM   665  C CG2   . THR A 1 87  ? -10.304 -7.706  11.912  1.00 0.24 ? 87  THR A CG2   1 
ATOM   666  N N     . GLY A 1 88  ? -12.455 -11.438 11.431  1.00 0.15 ? 88  GLY A N     1 
ATOM   667  C CA    . GLY A 1 88  ? -13.509 -12.452 11.318  1.00 0.13 ? 88  GLY A CA    1 
ATOM   668  C C     . GLY A 1 88  ? -14.834 -11.740 11.373  1.00 0.09 ? 88  GLY A C     1 
ATOM   669  O O     . GLY A 1 88  ? -15.786 -12.384 10.945  1.00 0.23 ? 88  GLY A O     1 
ATOM   670  N N     . SER A 1 89  ? -15.047 -10.540 11.941  1.00 0.08 ? 89  SER A N     1 
ATOM   671  C CA    . SER A 1 89  ? -16.241 -9.803  12.019  1.00 0.12 ? 89  SER A CA    1 
ATOM   672  C C     . SER A 1 89  ? -16.736 -8.991  10.831  1.00 0.18 ? 89  SER A C     1 
ATOM   673  O O     . SER A 1 89  ? -17.823 -8.423  10.837  1.00 0.29 ? 89  SER A O     1 
ATOM   674  C CB    . SER A 1 89  ? -16.442 -9.020  13.302  1.00 0.27 ? 89  SER A CB    1 
ATOM   675  O OG    . SER A 1 89  ? -15.970 -9.817  14.398  1.00 0.20 ? 89  SER A OG    1 
ATOM   676  N N     . SER A 1 90  ? -15.831 -8.937  9.910   1.00 0.15 ? 90  SER A N     1 
ATOM   677  C CA    . SER A 1 90  ? -16.034 -8.133  8.671   1.00 0.14 ? 90  SER A CA    1 
ATOM   678  C C     . SER A 1 90  ? -17.201 -8.717  7.878   1.00 0.18 ? 90  SER A C     1 
ATOM   679  O O     . SER A 1 90  ? -17.157 -9.904  7.706   1.00 0.22 ? 90  SER A O     1 
ATOM   680  C CB    . SER A 1 90  ? -14.748 -8.069  7.923   1.00 0.13 ? 90  SER A CB    1 
ATOM   681  O OG    . SER A 1 90  ? -14.854 -7.199  6.758   1.00 0.13 ? 90  SER A OG    1 
ATOM   682  N N     . LYS A 1 91  ? -18.096 -7.842  7.573   1.00 0.21 ? 91  LYS A N     1 
ATOM   683  C CA    . LYS A 1 91  ? -19.258 -8.288  6.743   1.00 0.16 ? 91  LYS A CA    1 
ATOM   684  C C     . LYS A 1 91  ? -19.758 -7.112  5.935   1.00 0.16 ? 91  LYS A C     1 
ATOM   685  O O     . LYS A 1 91  ? -20.294 -6.169  6.404   1.00 0.20 ? 91  LYS A O     1 
ATOM   686  C CB    . LYS A 1 91  ? -20.251 -8.974  7.673   1.00 0.16 ? 91  LYS A CB    1 
ATOM   687  C CG    . LYS A 1 91  ? -21.289 -9.788  6.888   1.00 0.35 ? 91  LYS A CG    1 
ATOM   688  C CD    . LYS A 1 91  ? -22.422 -10.251 7.810   1.00 0.42 ? 91  LYS A CD    1 
ATOM   689  C CE    . LYS A 1 91  ? -23.370 -11.167 7.034   1.00 0.49 ? 91  LYS A CE    1 
ATOM   690  N NZ    . LYS A 1 91  ? -24.591 -11.468 7.801   1.00 0.57 ? 91  LYS A NZ    1 
ATOM   691  N N     . TYR A 1 92  ? -19.555 -7.182  4.604   1.00 0.16 ? 92  TYR A N     1 
ATOM   692  C CA    . TYR A 1 92  ? -20.037 -6.130  3.636   1.00 0.14 ? 92  TYR A CA    1 
ATOM   693  C C     . TYR A 1 92  ? -21.442 -5.619  3.873   1.00 0.11 ? 92  TYR A C     1 
ATOM   694  O O     . TYR A 1 92  ? -22.246 -6.520  3.997   1.00 0.17 ? 92  TYR A O     1 
ATOM   695  C CB    . TYR A 1 92  ? -19.709 -6.648  2.241   1.00 0.11 ? 92  TYR A CB    1 
ATOM   696  C CG    . TYR A 1 92  ? -20.005 -5.546  1.220   1.00 0.13 ? 92  TYR A CG    1 
ATOM   697  C CD1   . TYR A 1 92  ? -21.308 -5.411  0.704   1.00 0.11 ? 92  TYR A CD1   1 
ATOM   698  C CD2   . TYR A 1 92  ? -19.008 -4.648  0.841   1.00 0.12 ? 92  TYR A CD2   1 
ATOM   699  C CE1   . TYR A 1 92  ? -21.524 -4.382  -0.169  1.00 0.18 ? 92  TYR A CE1   1 
ATOM   700  C CE2   . TYR A 1 92  ? -19.229 -3.642  -0.036  1.00 0.15 ? 92  TYR A CE2   1 
ATOM   701  C CZ    . TYR A 1 92  ? -20.519 -3.501  -0.539  1.00 0.19 ? 92  TYR A CZ    1 
ATOM   702  O OH    . TYR A 1 92  ? -20.830 -2.520  -1.456  1.00 0.22 ? 92  TYR A OH    1 
ATOM   703  N N     . PRO A 1 93  ? -21.701 -4.324  3.965   1.00 0.17 ? 93  PRO A N     1 
ATOM   704  C CA    . PRO A 1 93  ? -20.788 -3.251  3.681   1.00 0.22 ? 93  PRO A CA    1 
ATOM   705  C C     . PRO A 1 93  ? -20.016 -2.751  4.874   1.00 0.14 ? 93  PRO A C     1 
ATOM   706  O O     . PRO A 1 93  ? -19.240 -1.807  4.818   1.00 0.19 ? 93  PRO A O     1 
ATOM   707  C CB    . PRO A 1 93  ? -21.797 -2.304  3.018   1.00 0.27 ? 93  PRO A CB    1 
ATOM   708  C CG    . PRO A 1 93  ? -22.962 -2.391  4.014   1.00 0.28 ? 93  PRO A CG    1 
ATOM   709  C CD    . PRO A 1 93  ? -23.142 -3.890  4.100   1.00 0.20 ? 93  PRO A CD    1 
ATOM   710  N N     . ASN A 1 94  ? -20.180 -3.409  6.039   1.00 0.22 ? 94  ASN A N     1 
ATOM   711  C CA    . ASN A 1 94  ? -19.418 -3.011  7.240   1.00 0.29 ? 94  ASN A CA    1 
ATOM   712  C C     . ASN A 1 94  ? -18.138 -3.844  7.383   1.00 0.11 ? 94  ASN A C     1 
ATOM   713  O O     . ASN A 1 94  ? -17.976 -4.727  8.166   1.00 0.20 ? 94  ASN A O     1 
ATOM   714  C CB    . ASN A 1 94  ? -20.314 -3.341  8.455   1.00 0.24 ? 94  ASN A CB    1 
ATOM   715  C CG    . ASN A 1 94  ? -21.518 -2.389  8.231   1.00 0.36 ? 94  ASN A CG    1 
ATOM   716  O OD1   . ASN A 1 94  ? -21.170 -1.136  8.298   1.00 0.42 ? 94  ASN A OD1   1 
ATOM   717  N ND2   . ASN A 1 94  ? -22.755 -2.852  8.059   1.00 0.38 ? 94  ASN A ND2   1 
ATOM   718  N N     . CYS A 1 95  ? -17.199 -3.499  6.495   1.00 0.13 ? 95  CYS A N     1 
ATOM   719  C CA    . CYS A 1 95  ? -15.922 -4.139  6.384   1.00 0.13 ? 95  CYS A CA    1 
ATOM   720  C C     . CYS A 1 95  ? -15.160 -3.729  7.639   1.00 0.17 ? 95  CYS A C     1 
ATOM   721  O O     . CYS A 1 95  ? -15.271 -2.556  8.082   1.00 0.23 ? 95  CYS A O     1 
ATOM   722  C CB    . CYS A 1 95  ? -15.207 -3.591  5.136   1.00 0.07 ? 95  CYS A CB    1 
ATOM   723  S SG    . CYS A 1 95  ? -16.099 -4.024  3.626   1.00 0.12 ? 95  CYS A SG    1 
ATOM   724  N N     . ALA A 1 96  ? -14.440 -4.671  8.143   1.00 0.12 ? 96  ALA A N     1 
ATOM   725  C CA    . ALA A 1 96  ? -13.717 -4.523  9.413   1.00 0.08 ? 96  ALA A CA    1 
ATOM   726  C C     . ALA A 1 96  ? -12.283 -4.929  9.312   1.00 0.14 ? 96  ALA A C     1 
ATOM   727  O O     . ALA A 1 96  ? -12.078 -6.053  8.806   1.00 0.14 ? 96  ALA A O     1 
ATOM   728  C CB    . ALA A 1 96  ? -14.427 -5.331  10.513  1.00 0.19 ? 96  ALA A CB    1 
ATOM   729  N N     . TYR A 1 97  ? -11.258 -4.261  9.803   1.00 0.08 ? 97  TYR A N     1 
ATOM   730  C CA    . TYR A 1 97  ? -9.869  -4.498  9.643   1.00 0.09 ? 97  TYR A CA    1 
ATOM   731  C C     . TYR A 1 97  ? -8.998  -4.488  10.937  1.00 0.07 ? 97  TYR A C     1 
ATOM   732  O O     . TYR A 1 97  ? -9.498  -3.707  11.747  1.00 0.12 ? 97  TYR A O     1 
ATOM   733  C CB    . TYR A 1 97  ? -9.186  -3.413  8.709   1.00 0.11 ? 97  TYR A CB    1 
ATOM   734  C CG    . TYR A 1 97  ? -9.936  -3.493  7.289   1.00 0.06 ? 97  TYR A CG    1 
ATOM   735  C CD1   . TYR A 1 97  ? -11.079 -2.734  6.987   1.00 0.09 ? 97  TYR A CD1   1 
ATOM   736  C CD2   . TYR A 1 97  ? -9.273  -4.428  6.500   1.00 0.07 ? 97  TYR A CD2   1 
ATOM   737  C CE1   . TYR A 1 97  ? -11.551 -3.026  5.659   1.00 0.06 ? 97  TYR A CE1   1 
ATOM   738  C CE2   . TYR A 1 97  ? -9.795  -4.702  5.214   1.00 0.09 ? 97  TYR A CE2   1 
ATOM   739  C CZ    . TYR A 1 97  ? -10.931 -3.994  4.856   1.00 0.09 ? 97  TYR A CZ    1 
ATOM   740  O OH    . TYR A 1 97  ? -11.566 -4.065  3.592   1.00 0.13 ? 97  TYR A OH    1 
ATOM   741  N N     . LYS A 1 98  ? -8.059  -5.325  11.030  1.00 0.09 ? 98  LYS A N     1 
ATOM   742  C CA    . LYS A 1 98  ? -7.064  -5.145  12.116  1.00 0.10 ? 98  LYS A CA    1 
ATOM   743  C C     . LYS A 1 98  ? -5.904  -4.333  11.539  1.00 0.12 ? 98  LYS A C     1 
ATOM   744  O O     . LYS A 1 98  ? -5.379  -4.454  10.401  1.00 0.11 ? 98  LYS A O     1 
ATOM   745  C CB    . LYS A 1 98  ? -6.480  -6.565  12.285  1.00 0.21 ? 98  LYS A CB    1 
ATOM   746  C CG    . LYS A 1 98  ? -5.289  -6.465  13.234  1.00 0.35 ? 98  LYS A CG    1 
ATOM   747  C CD    . LYS A 1 98  ? -5.173  -7.771  14.010  1.00 0.45 ? 98  LYS A CD    1 
ATOM   748  C CE    . LYS A 1 98  ? -5.039  -8.883  12.984  1.00 0.39 ? 98  LYS A CE    1 
ATOM   749  N NZ    . LYS A 1 98  ? -3.604  -9.226  12.909  1.00 0.53 ? 98  LYS A NZ    1 
ATOM   750  N N     . THR A 1 99  ? -5.473  -3.347  12.371  1.00 0.10 ? 99  THR A N     1 
ATOM   751  C CA    . THR A 1 99  ? -4.366  -2.431  12.009  1.00 0.09 ? 99  THR A CA    1 
ATOM   752  C C     . THR A 1 99  ? -3.099  -2.959  12.622  1.00 0.13 ? 99  THR A C     1 
ATOM   753  O O     . THR A 1 99  ? -3.072  -3.186  13.877  1.00 0.15 ? 99  THR A O     1 
ATOM   754  C CB    . THR A 1 99  ? -4.753  -1.080  12.651  1.00 0.08 ? 99  THR A CB    1 
ATOM   755  O OG1   . THR A 1 99  ? -5.945  -0.620  12.001  1.00 0.12 ? 99  THR A OG1   1 
ATOM   756  C CG2   . THR A 1 99  ? -3.619  -0.092  12.378  1.00 0.10 ? 99  THR A CG2   1 
ATOM   757  N N     . THR A 1 100 ? -2.064  -3.103  11.845  1.00 0.09 ? 100 THR A N     1 
ATOM   758  C CA    . THR A 1 100 ? -0.704  -3.526  12.327  1.00 0.11 ? 100 THR A CA    1 
ATOM   759  C C     . THR A 1 100 ? 0.271   -2.518  11.704  1.00 0.14 ? 100 THR A C     1 
ATOM   760  O O     . THR A 1 100 ? 0.526   -2.295  10.532  1.00 0.17 ? 100 THR A O     1 
ATOM   761  C CB    . THR A 1 100 ? -0.291  -4.938  11.792  1.00 0.15 ? 100 THR A CB    1 
ATOM   762  O OG1   . THR A 1 100 ? -1.228  -5.913  12.322  1.00 0.18 ? 100 THR A OG1   1 
ATOM   763  C CG2   . THR A 1 100 ? 1.030   -5.252  12.520  1.00 0.17 ? 100 THR A CG2   1 
ATOM   764  N N     . GLN A 1 101 ? 0.994   -1.817  12.589  1.00 0.18 ? 101 GLN A N     1 
ATOM   765  C CA    . GLN A 1 101 ? 1.963   -0.790  12.219  1.00 0.08 ? 101 GLN A CA    1 
ATOM   766  C C     . GLN A 1 101 ? 3.317   -1.393  12.318  1.00 0.16 ? 101 GLN A C     1 
ATOM   767  O O     . GLN A 1 101 ? 3.625   -2.189  13.288  1.00 0.19 ? 101 GLN A O     1 
ATOM   768  C CB    . GLN A 1 101 ? 1.722   0.443   13.225  1.00 0.17 ? 101 GLN A CB    1 
ATOM   769  C CG    . GLN A 1 101 ? 2.908   1.426   13.130  1.00 0.26 ? 101 GLN A CG    1 
ATOM   770  C CD    . GLN A 1 101 ? 3.003   2.139   11.766  1.00 0.30 ? 101 GLN A CD    1 
ATOM   771  O OE1   . GLN A 1 101 ? 4.180   2.393   11.170  1.00 0.18 ? 101 GLN A OE1   1 
ATOM   772  N NE2   . GLN A 1 101 ? 1.782   2.411   11.275  1.00 0.09 ? 101 GLN A NE2   1 
ATOM   773  N N     . ALA A 1 102 ? 4.225   -1.109  11.360  1.00 0.10 ? 102 ALA A N     1 
ATOM   774  C CA    . ALA A 1 102 ? 5.479   -1.844  11.271  1.00 0.16 ? 102 ALA A CA    1 
ATOM   775  C C     . ALA A 1 102 ? 6.518   -1.075  10.435  1.00 0.14 ? 102 ALA A C     1 
ATOM   776  O O     . ALA A 1 102 ? 6.117   -0.100  9.821   1.00 0.14 ? 102 ALA A O     1 
ATOM   777  C CB    . ALA A 1 102 ? 5.350   -3.175  10.521  1.00 0.26 ? 102 ALA A CB    1 
ATOM   778  N N     . ASN A 1 103 ? 7.827   -1.428  10.469  1.00 0.14 ? 103 ASN A N     1 
ATOM   779  C CA    . ASN A 1 103 ? 8.788   -0.723  9.595   1.00 0.09 ? 103 ASN A CA    1 
ATOM   780  C C     . ASN A 1 103 ? 9.469   -1.830  8.832   1.00 0.11 ? 103 ASN A C     1 
ATOM   781  O O     . ASN A 1 103 ? 10.111  -2.735  9.414   1.00 0.17 ? 103 ASN A O     1 
ATOM   782  C CB    . ASN A 1 103 ? 9.863   -0.016  10.484  1.00 0.27 ? 103 ASN A CB    1 
ATOM   783  C CG    . ASN A 1 103 ? 9.379   1.395   10.822  1.00 0.40 ? 103 ASN A CG    1 
ATOM   784  O OD1   . ASN A 1 103 ? 8.343   1.677   11.591  1.00 0.54 ? 103 ASN A OD1   1 
ATOM   785  N ND2   . ASN A 1 103 ? 9.950   2.490   10.317  1.00 0.48 ? 103 ASN A ND2   1 
ATOM   786  N N     . LYS A 1 104 ? 9.222   -1.805  7.530   1.00 0.09 ? 104 LYS A N     1 
ATOM   787  C CA    . LYS A 1 104 ? 9.605   -2.910  6.646   1.00 0.12 ? 104 LYS A CA    1 
ATOM   788  C C     . LYS A 1 104 ? 10.181  -2.375  5.325   1.00 0.09 ? 104 LYS A C     1 
ATOM   789  O O     . LYS A 1 104 ? 9.782   -1.245  5.035   1.00 0.13 ? 104 LYS A O     1 
ATOM   790  C CB    . LYS A 1 104 ? 8.450   -3.844  6.378   1.00 0.13 ? 104 LYS A CB    1 
ATOM   791  C CG    . LYS A 1 104 ? 7.926   -4.580  7.644   1.00 0.20 ? 104 LYS A CG    1 
ATOM   792  C CD    . LYS A 1 104 ? 8.445   -6.035  7.657   1.00 0.29 ? 104 LYS A CD    1 
ATOM   793  C CE    . LYS A 1 104 ? 7.699   -6.799  8.779   1.00 0.50 ? 104 LYS A CE    1 
ATOM   794  N NZ    . LYS A 1 104 ? 7.920   -8.265  8.707   1.00 0.50 ? 104 LYS A NZ    1 
ATOM   795  N N     . HIS A 1 105 ? 10.942  -3.232  4.607   1.00 0.12 ? 105 HIS A N     1 
ATOM   796  C CA    . HIS A 1 105 ? 11.216  -2.804  3.220   1.00 0.14 ? 105 HIS A CA    1 
ATOM   797  C C     . HIS A 1 105 ? 9.920   -3.084  2.420   1.00 0.14 ? 105 HIS A C     1 
ATOM   798  O O     . HIS A 1 105 ? 9.117   -3.910  2.815   1.00 0.14 ? 105 HIS A O     1 
ATOM   799  C CB    . HIS A 1 105 ? 12.300  -3.702  2.622   1.00 0.11 ? 105 HIS A CB    1 
ATOM   800  C CG    . HIS A 1 105 ? 13.580  -3.589  3.477   1.00 0.16 ? 105 HIS A CG    1 
ATOM   801  N ND1   . HIS A 1 105 ? 14.558  -2.636  3.229   1.00 0.18 ? 105 HIS A ND1   1 
ATOM   802  C CD2   . HIS A 1 105 ? 13.935  -4.449  4.516   1.00 0.21 ? 105 HIS A CD2   1 
ATOM   803  C CE1   . HIS A 1 105 ? 15.580  -2.835  4.178   1.00 0.25 ? 105 HIS A CE1   1 
ATOM   804  N NE2   . HIS A 1 105 ? 15.152  -3.893  4.932   1.00 0.28 ? 105 HIS A NE2   1 
ATOM   805  N N     . ILE A 1 106 ? 9.697   -2.237  1.391   1.00 0.11 ? 106 ILE A N     1 
ATOM   806  C CA    . ILE A 1 106 ? 8.556   -2.402  0.487   1.00 0.08 ? 106 ILE A CA    1 
ATOM   807  C C     . ILE A 1 106 ? 8.980   -2.958  -0.835  1.00 0.12 ? 106 ILE A C     1 
ATOM   808  O O     . ILE A 1 106 ? 10.108  -2.637  -1.179  1.00 0.11 ? 106 ILE A O     1 
ATOM   809  C CB    . ILE A 1 106 ? 7.680   -1.174  0.347   1.00 0.08 ? 106 ILE A CB    1 
ATOM   810  C CG1   . ILE A 1 106 ? 8.389   0.008   -0.233  1.00 0.09 ? 106 ILE A CG1   1 
ATOM   811  C CG2   . ILE A 1 106 ? 7.138   -0.789  1.754   1.00 0.14 ? 106 ILE A CG2   1 
ATOM   812  C CD1   . ILE A 1 106 ? 7.337   1.077   -0.687  1.00 0.16 ? 106 ILE A CD1   1 
ATOM   813  N N     . ILE A 1 107 ? 8.142   -3.734  -1.459  1.00 0.07 ? 107 ILE A N     1 
ATOM   814  C CA    . ILE A 1 107 ? 8.467   -4.170  -2.856  1.00 0.06 ? 107 ILE A CA    1 
ATOM   815  C C     . ILE A 1 107 ? 7.244   -3.693  -3.697  1.00 0.05 ? 107 ILE A C     1 
ATOM   816  O O     . ILE A 1 107 ? 6.097   -3.960  -3.305  1.00 0.07 ? 107 ILE A O     1 
ATOM   817  C CB    . ILE A 1 107 ? 8.600   -5.696  -2.960  1.00 0.09 ? 107 ILE A CB    1 
ATOM   818  C CG1   . ILE A 1 107 ? 9.872   -6.108  -2.171  1.00 0.09 ? 107 ILE A CG1   1 
ATOM   819  C CG2   . ILE A 1 107 ? 8.802   -6.130  -4.394  1.00 0.09 ? 107 ILE A CG2   1 
ATOM   820  C CD1   . ILE A 1 107 ? 9.957   -7.581  -1.969  1.00 0.21 ? 107 ILE A CD1   1 
ATOM   821  N N     . VAL A 1 108 ? 7.561   -2.968  -4.741  1.00 0.07 ? 108 VAL A N     1 
ATOM   822  C CA    . VAL A 1 108 ? 6.476   -2.447  -5.600  1.00 0.06 ? 108 VAL A CA    1 
ATOM   823  C C     . VAL A 1 108 ? 6.839   -2.864  -7.047  1.00 0.06 ? 108 VAL A C     1 
ATOM   824  O O     . VAL A 1 108 ? 7.966   -3.060  -7.420  1.00 0.12 ? 108 VAL A O     1 
ATOM   825  C CB    . VAL A 1 108 ? 6.321   -0.893  -5.513  1.00 0.06 ? 108 VAL A CB    1 
ATOM   826  C CG1   . VAL A 1 108 ? 5.847   -0.504  -4.121  1.00 0.10 ? 108 VAL A CG1   1 
ATOM   827  C CG2   . VAL A 1 108 ? 7.645   -0.147  -5.814  1.00 0.13 ? 108 VAL A CG2   1 
ATOM   828  N N     . ALA A 1 109 ? 5.756   -2.815  -7.852  1.00 0.06 ? 109 ALA A N     1 
ATOM   829  C CA    . ALA A 1 109 ? 6.068   -2.958  -9.294  1.00 0.05 ? 109 ALA A CA    1 
ATOM   830  C C     . ALA A 1 109 ? 5.919   -1.586  -9.946  1.00 0.08 ? 109 ALA A C     1 
ATOM   831  O O     . ALA A 1 109 ? 5.073   -0.767  -9.525  1.00 0.09 ? 109 ALA A O     1 
ATOM   832  C CB    . ALA A 1 109 ? 4.909   -3.806  -9.852  1.00 0.08 ? 109 ALA A CB    1 
ATOM   833  N N     . CYS A 1 110 ? 6.781   -1.325  -10.921 1.00 0.08 ? 110 CYS A N     1 
ATOM   834  C CA    . CYS A 1 110 ? 6.812   -0.014  -11.602 1.00 0.05 ? 110 CYS A CA    1 
ATOM   835  C C     . CYS A 1 110 ? 6.493   -0.185  -13.077 1.00 0.14 ? 110 CYS A C     1 
ATOM   836  O O     . CYS A 1 110 ? 6.846   -1.157  -13.661 1.00 0.14 ? 110 CYS A O     1 
ATOM   837  C CB    . CYS A 1 110 ? 8.212   0.588   -11.481 1.00 0.14 ? 110 CYS A CB    1 
ATOM   838  S SG    . CYS A 1 110 ? 8.555   0.805   -9.651  1.00 0.14 ? 110 CYS A SG    1 
ATOM   839  N N     . GLU A 1 111 ? 5.896   0.870   -13.590 1.00 0.11 ? 111 GLU A N     1 
ATOM   840  C CA    . GLU A 1 111 ? 5.555   0.918   -15.035 1.00 0.12 ? 111 GLU A CA    1 
ATOM   841  C C     . GLU A 1 111 ? 5.633   2.419   -15.452 1.00 0.18 ? 111 GLU A C     1 
ATOM   842  O O     . GLU A 1 111 ? 5.352   3.302   -14.664 1.00 0.14 ? 111 GLU A O     1 
ATOM   843  C CB    . GLU A 1 111 ? 4.188   0.360   -15.383 1.00 0.15 ? 111 GLU A CB    1 
ATOM   844  C CG    . GLU A 1 111 ? 3.960   -1.115  -15.140 1.00 0.33 ? 111 GLU A CG    1 
ATOM   845  C CD    . GLU A 1 111 ? 2.513   -1.549  -15.388 1.00 0.44 ? 111 GLU A CD    1 
ATOM   846  O OE1   . GLU A 1 111 ? 1.655   -0.703  -15.734 1.00 0.44 ? 111 GLU A OE1   1 
ATOM   847  O OE2   . GLU A 1 111 ? 2.123   -2.732  -15.268 1.00 0.43 ? 111 GLU A OE2   1 
ATOM   848  N N     . GLY A 1 112 ? 5.910   2.715   -16.727 1.00 0.21 ? 112 GLY A N     1 
ATOM   849  C CA    . GLY A 1 112 ? 5.450   3.916   -17.496 1.00 0.19 ? 112 GLY A CA    1 
ATOM   850  C C     . GLY A 1 112 ? 6.603   4.894   -17.656 1.00 0.12 ? 112 GLY A C     1 
ATOM   851  O O     . GLY A 1 112 ? 7.720   4.560   -17.289 1.00 0.16 ? 112 GLY A O     1 
ATOM   852  N N     . ASN A 1 113 ? 6.285   6.088   -18.135 1.00 0.22 ? 113 ASN A N     1 
ATOM   853  C CA    . ASN A 1 113 ? 7.385   7.093   -18.156 1.00 0.31 ? 113 ASN A CA    1 
ATOM   854  C C     . ASN A 1 113 ? 6.593   8.370   -17.907 1.00 0.42 ? 113 ASN A C     1 
ATOM   855  O O     . ASN A 1 113 ? 5.705   8.782   -18.678 1.00 0.40 ? 113 ASN A O     1 
ATOM   856  C CB    . ASN A 1 113 ? 8.096   6.957   -19.511 1.00 0.38 ? 113 ASN A CB    1 
ATOM   857  C CG    . ASN A 1 113 ? 8.653   8.351   -19.857 1.00 0.44 ? 113 ASN A CG    1 
ATOM   858  O OD1   . ASN A 1 113 ? 8.144   8.860   -20.960 1.00 0.57 ? 113 ASN A OD1   1 
ATOM   859  N ND2   . ASN A 1 113 ? 9.553   8.788   -18.982 1.00 0.47 ? 113 ASN A ND2   1 
ATOM   860  N N     . PRO A 1 114 ? 6.847   8.940   -16.742 1.00 0.26 ? 114 PRO A N     1 
ATOM   861  C CA    . PRO A 1 114 ? 7.970   8.628   -15.846 1.00 0.19 ? 114 PRO A CA    1 
ATOM   862  C C     . PRO A 1 114 ? 7.606   7.268   -15.187 1.00 0.15 ? 114 PRO A C     1 
ATOM   863  O O     . PRO A 1 114 ? 6.472   6.892   -15.145 1.00 0.14 ? 114 PRO A O     1 
ATOM   864  C CB    . PRO A 1 114 ? 7.719   9.652   -14.709 1.00 0.27 ? 114 PRO A CB    1 
ATOM   865  C CG    . PRO A 1 114 ? 6.689   10.671  -15.182 1.00 0.26 ? 114 PRO A CG    1 
ATOM   866  C CD    . PRO A 1 114 ? 6.481   10.367  -16.671 1.00 0.29 ? 114 PRO A CD    1 
ATOM   867  N N     . TYR A 1 115 ? 8.589   6.595   -14.695 1.00 0.15 ? 115 TYR A N     1 
ATOM   868  C CA    . TYR A 1 115 ? 8.413   5.157   -14.371 1.00 0.16 ? 115 TYR A CA    1 
ATOM   869  C C     . TYR A 1 115 ? 8.101   5.219   -12.840 1.00 0.16 ? 115 TYR A C     1 
ATOM   870  O O     . TYR A 1 115 ? 8.953   5.616   -12.084 1.00 0.16 ? 115 TYR A O     1 
ATOM   871  C CB    . TYR A 1 115 ? 9.733   4.525   -14.620 1.00 0.22 ? 115 TYR A CB    1 
ATOM   872  C CG    . TYR A 1 115 ? 9.997   3.022   -14.451 1.00 0.12 ? 115 TYR A CG    1 
ATOM   873  C CD1   . TYR A 1 115 ? 9.183   2.144   -15.253 1.00 0.12 ? 115 TYR A CD1   1 
ATOM   874  C CD2   . TYR A 1 115 ? 10.947  2.460   -13.628 1.00 0.18 ? 115 TYR A CD2   1 
ATOM   875  C CE1   . TYR A 1 115 ? 9.342   0.797   -15.186 1.00 0.14 ? 115 TYR A CE1   1 
ATOM   876  C CE2   . TYR A 1 115 ? 11.165  1.084   -13.523 1.00 0.17 ? 115 TYR A CE2   1 
ATOM   877  C CZ    . TYR A 1 115 ? 10.322  0.285   -14.336 1.00 0.25 ? 115 TYR A CZ    1 
ATOM   878  O OH    . TYR A 1 115 ? 10.399  -1.079  -14.377 1.00 0.21 ? 115 TYR A OH    1 
ATOM   879  N N     . VAL A 1 116 ? 6.890   4.814   -12.537 1.00 0.11 ? 116 VAL A N     1 
ATOM   880  C CA    . VAL A 1 116 ? 6.483   5.066   -11.099 1.00 0.11 ? 116 VAL A CA    1 
ATOM   881  C C     . VAL A 1 116 ? 5.756   3.800   -10.652 1.00 0.14 ? 116 VAL A C     1 
ATOM   882  O O     . VAL A 1 116 ? 5.379   2.861   -11.355 1.00 0.08 ? 116 VAL A O     1 
ATOM   883  C CB    . VAL A 1 116 ? 5.384   6.133   -11.085 1.00 0.14 ? 116 VAL A CB    1 
ATOM   884  C CG1   . VAL A 1 116 ? 6.042   7.501   -11.483 1.00 0.20 ? 116 VAL A CG1   1 
ATOM   885  C CG2   . VAL A 1 116 ? 4.234   5.901   -12.039 1.00 0.17 ? 116 VAL A CG2   1 
ATOM   886  N N     . PRO A 1 117 ? 5.506   3.695   -9.369  1.00 0.09 ? 117 PRO A N     1 
ATOM   887  C CA    . PRO A 1 117 ? 4.902   2.471   -8.798  1.00 0.04 ? 117 PRO A CA    1 
ATOM   888  C C     . PRO A 1 117 ? 3.424   2.438   -9.132  1.00 0.09 ? 117 PRO A C     1 
ATOM   889  O O     . PRO A 1 117 ? 2.596   3.337   -9.030  1.00 0.12 ? 117 PRO A O     1 
ATOM   890  C CB    . PRO A 1 117 ? 4.965   2.611   -7.291  1.00 0.10 ? 117 PRO A CB    1 
ATOM   891  C CG    . PRO A 1 117 ? 6.123   3.583   -7.053  1.00 0.13 ? 117 PRO A CG    1 
ATOM   892  C CD    . PRO A 1 117 ? 5.943   4.597   -8.236  1.00 0.14 ? 117 PRO A CD    1 
ATOM   893  N N     . VAL A 1 118 ? 3.053   1.196   -9.501  1.00 0.09 ? 118 VAL A N     1 
ATOM   894  C CA    . VAL A 1 118 ? 1.609   0.970   -9.793  1.00 0.11 ? 118 VAL A CA    1 
ATOM   895  C C     . VAL A 1 118 ? 1.006   -0.239  -9.067  1.00 0.06 ? 118 VAL A C     1 
ATOM   896  O O     . VAL A 1 118 ? -0.105  -0.675  -9.255  1.00 0.11 ? 118 VAL A O     1 
ATOM   897  C CB    . VAL A 1 118 ? 1.508   0.702   -11.312 1.00 0.12 ? 118 VAL A CB    1 
ATOM   898  C CG1   . VAL A 1 118 ? 1.906   1.905   -12.229 1.00 0.16 ? 118 VAL A CG1   1 
ATOM   899  C CG2   . VAL A 1 118 ? 2.297   -0.602  -11.628 1.00 0.10 ? 118 VAL A CG2   1 
ATOM   900  N N     . HIS A 1 119 ? 1.703   -0.925  -8.232  1.00 0.04 ? 119 HIS A N     1 
ATOM   901  C CA    . HIS A 1 119 ? 1.131   -2.076  -7.523  1.00 0.10 ? 119 HIS A CA    1 
ATOM   902  C C     . HIS A 1 119 ? 2.055   -2.322  -6.295  1.00 0.10 ? 119 HIS A C     1 
ATOM   903  O O     . HIS A 1 119 ? 3.261   -2.190  -6.416  1.00 0.11 ? 119 HIS A O     1 
ATOM   904  C CB    . HIS A 1 119 ? 1.182   -3.315  -8.395  1.00 0.14 ? 119 HIS A CB    1 
ATOM   905  C CG    . HIS A 1 119 ? 1.189   -4.624  -7.651  1.00 0.10 ? 119 HIS A CG    1 
ATOM   906  N ND1   . HIS A 1 119 ? 0.186   -5.161  -6.860  1.00 0.15 ? 119 HIS A ND1   1 
ATOM   907  C CD2   . HIS A 1 119 ? 2.353   -5.443  -7.661  1.00 0.14 ? 119 HIS A CD2   1 
ATOM   908  C CE1   . HIS A 1 119 ? 0.717   -6.387  -6.453  1.00 0.13 ? 119 HIS A CE1   1 
ATOM   909  N NE2   . HIS A 1 119 ? 2.021   -6.516  -6.904  1.00 0.13 ? 119 HIS A NE2   1 
ATOM   910  N N     . PHE A 1 120 ? 1.496   -2.549  -5.148  1.00 0.07 ? 120 PHE A N     1 
ATOM   911  C CA    . PHE A 1 120 ? 2.148   -2.916  -3.907  1.00 0.10 ? 120 PHE A CA    1 
ATOM   912  C C     . PHE A 1 120 ? 2.262   -4.446  -3.829  1.00 0.10 ? 120 PHE A C     1 
ATOM   913  O O     . PHE A 1 120 ? 1.222   -5.104  -3.728  1.00 0.10 ? 120 PHE A O     1 
ATOM   914  C CB    . PHE A 1 120 ? 1.347   -2.355  -2.700  1.00 0.10 ? 120 PHE A CB    1 
ATOM   915  C CG    . PHE A 1 120 ? 2.257   -2.508  -1.454  1.00 0.09 ? 120 PHE A CG    1 
ATOM   916  C CD1   . PHE A 1 120 ? 2.310   -3.714  -0.742  1.00 0.12 ? 120 PHE A CD1   1 
ATOM   917  C CD2   . PHE A 1 120 ? 2.935   -1.335  -1.114  1.00 0.10 ? 120 PHE A CD2   1 
ATOM   918  C CE1   . PHE A 1 120 ? 3.139   -3.811  0.395   1.00 0.15 ? 120 PHE A CE1   1 
ATOM   919  C CE2   . PHE A 1 120 ? 3.752   -1.435  0.034   1.00 0.09 ? 120 PHE A CE2   1 
ATOM   920  C CZ    . PHE A 1 120 ? 3.838   -2.608  0.731   1.00 0.10 ? 120 PHE A CZ    1 
ATOM   921  N N     . ASP A 1 121 ? 3.494   -4.949  -3.877  1.00 0.08 ? 121 ASP A N     1 
ATOM   922  C CA    . ASP A 1 121 ? 3.684   -6.392  -3.896  1.00 0.06 ? 121 ASP A CA    1 
ATOM   923  C C     . ASP A 1 121 ? 3.741   -7.053  -2.540  1.00 0.15 ? 121 ASP A C     1 
ATOM   924  O O     . ASP A 1 121 ? 3.150   -8.130  -2.306  1.00 0.18 ? 121 ASP A O     1 
ATOM   925  C CB    . ASP A 1 121 ? 4.934   -6.783  -4.694  1.00 0.11 ? 121 ASP A CB    1 
ATOM   926  C CG    . ASP A 1 121 ? 4.718   -8.172  -5.412  1.00 0.14 ? 121 ASP A CG    1 
ATOM   927  O OD1   . ASP A 1 121 ? 3.687   -8.331  -6.085  1.00 0.15 ? 121 ASP A OD1   1 
ATOM   928  O OD2   . ASP A 1 121 ? 5.674   -8.977  -5.266  1.00 0.16 ? 121 ASP A OD2   1 
ATOM   929  N N     . ALA A 1 122 ? 4.580   -6.502  -1.673  1.00 0.10 ? 122 ALA A N     1 
ATOM   930  C CA    . ALA A 1 122 ? 4.839   -7.198  -0.363  1.00 0.09 ? 122 ALA A CA    1 
ATOM   931  C C     . ALA A 1 122 ? 5.713   -6.235  0.493   1.00 0.12 ? 122 ALA A C     1 
ATOM   932  O O     . ALA A 1 122 ? 6.258   -5.263  -0.058  1.00 0.12 ? 122 ALA A O     1 
ATOM   933  C CB    . ALA A 1 122 ? 5.800   -8.358  -0.607  1.00 0.13 ? 122 ALA A CB    1 
ATOM   934  N N     . SER A 1 123 ? 5.690   -6.617  1.803   1.00 0.17 ? 123 SER A N     1 
ATOM   935  C CA    . SER A 1 123 ? 6.596   -5.911  2.730   1.00 0.11 ? 123 SER A CA    1 
ATOM   936  C C     . SER A 1 123 ? 7.469   -7.032  3.348   1.00 0.21 ? 123 SER A C     1 
ATOM   937  O O     . SER A 1 123 ? 6.918   -8.101  3.665   1.00 0.22 ? 123 SER A O     1 
ATOM   938  C CB    . SER A 1 123 ? 5.919   -5.181  3.882   1.00 0.18 ? 123 SER A CB    1 
ATOM   939  O OG    . SER A 1 123 ? 5.066   -6.033  4.583   1.00 0.28 ? 123 SER A OG    1 
ATOM   940  N N     . VAL A 1 124 ? 8.734   -6.668  3.480   1.00 0.11 ? 124 VAL A N     1 
ATOM   941  C CA    . VAL A 1 124 ? 9.678   -7.763  3.915   1.00 0.16 ? 124 VAL A CA    1 
ATOM   942  C C     . VAL A 1 124 ? 10.617  -7.153  4.954   1.00 0.29 ? 124 VAL A C     1 
ATOM   943  O O     . VAL A 1 124 ? 10.850  -5.955  5.042   1.00 0.17 ? 124 VAL A O     1 
ATOM   944  C CB    . VAL A 1 124 ? 10.452  -8.243  2.713   1.00 0.29 ? 124 VAL A CB    1 
ATOM   945  C CG1   . VAL A 1 124 ? 9.551   -9.110  1.811   1.00 0.18 ? 124 VAL A CG1   1 
ATOM   946  C CG2   . VAL A 1 124 ? 11.478  -7.384  1.993   1.00 0.18 ? 124 VAL A CG2   1 
ATOM   947  O OXT   . VAL A 1 124 ? 11.293  -8.096  5.624   1.00 0.21 ? 124 VAL A OXT   1 
HETATM 948  S S     . SO4 B 2 .   ? -2.583  -3.418  -5.237  0.90 0.13 ? 151 SO4 A S     1 
HETATM 949  O O1    . SO4 B 2 .   ? -2.997  -3.523  -3.725  0.90 0.13 ? 151 SO4 A O1    1 
HETATM 950  O O2    . SO4 B 2 .   ? -3.842  -2.966  -5.988  0.90 0.18 ? 151 SO4 A O2    1 
HETATM 951  O O3    . SO4 B 2 .   ? -1.500  -2.435  -5.438  0.90 0.12 ? 151 SO4 A O3    1 
HETATM 952  O O4    . SO4 B 2 .   ? -2.128  -4.779  -5.838  0.90 0.23 ? 151 SO4 A O4    1 
HETATM 953  P P     . 5GP C 3 .   ? -2.203  -13.576 1.649   0.25 0.44 ? 161 5GP A P     1 
HETATM 954  O O1P   . 5GP C 3 .   ? -1.001  -14.107 2.431   0.25 0.50 ? 161 5GP A O1P   1 
HETATM 955  O O2P   . 5GP C 3 .   ? -2.961  -13.727 0.335   0.25 0.48 ? 161 5GP A O2P   1 
HETATM 956  O O3P   . 5GP C 3 .   ? -3.451  -13.678 2.701   0.25 0.41 ? 161 5GP A O3P   1 
HETATM 957  O "O5'" . 5GP C 3 .   ? -1.979  -11.988 1.771   0.54 0.45 ? 161 5GP A "O5'" 1 
HETATM 958  C "C5'" . 5GP C 3 .   ? -0.887  -11.515 2.568   0.54 0.31 ? 161 5GP A "C5'" 1 
HETATM 959  C "C4'" . 5GP C 3 .   ? 0.018   -10.998 1.501   0.54 0.43 ? 161 5GP A "C4'" 1 
HETATM 960  O "O4'" . 5GP C 3 .   ? -0.604  -9.838  0.833   0.54 0.19 ? 161 5GP A "O4'" 1 
HETATM 961  C "C3'" . 5GP C 3 .   ? 1.445   -10.660 1.876   0.54 0.26 ? 161 5GP A "C3'" 1 
HETATM 962  O "O3'" . 5GP C 3 .   ? 2.219   -11.844 1.615   0.54 0.61 ? 161 5GP A "O3'" 1 
HETATM 963  C "C2'" . 5GP C 3 .   ? 1.808   -9.673  0.729   0.54 0.50 ? 161 5GP A "C2'" 1 
HETATM 964  O "O2'" . 5GP C 3 .   ? 2.433   -10.487 -0.260  0.54 0.37 ? 161 5GP A "O2'" 1 
HETATM 965  C "C1'" . 5GP C 3 .   ? 0.449   -9.187  0.291   0.54 0.15 ? 161 5GP A "C1'" 1 
HETATM 966  N N9    . 5GP C 3 .   ? 0.091   -7.752  0.482   0.99 0.20 ? 161 5GP A N9    1 
HETATM 967  C C8    . 5GP C 3 .   ? 0.302   -6.924  1.535   0.99 0.30 ? 161 5GP A C8    1 
HETATM 968  N N7    . 5GP C 3 .   ? -0.129  -5.706  1.351   0.99 0.20 ? 161 5GP A N7    1 
HETATM 969  C C5    . 5GP C 3 .   ? -0.675  -5.744  0.102   0.99 0.14 ? 161 5GP A C5    1 
HETATM 970  C C6    . 5GP C 3 .   ? -1.280  -4.736  -0.631  0.99 0.12 ? 161 5GP A C6    1 
HETATM 971  O O6    . 5GP C 3 .   ? -1.469  -3.558  -0.358  0.99 0.11 ? 161 5GP A O6    1 
HETATM 972  N N1    . 5GP C 3 .   ? -1.746  -5.119  -1.925  0.99 0.20 ? 161 5GP A N1    1 
HETATM 973  C C2    . 5GP C 3 .   ? -1.530  -6.419  -2.326  0.99 0.25 ? 161 5GP A C2    1 
HETATM 974  N N2    . 5GP C 3 .   ? -1.969  -6.787  -3.566  0.99 0.25 ? 161 5GP A N2    1 
HETATM 975  N N3    . 5GP C 3 .   ? -0.957  -7.375  -1.649  0.99 0.22 ? 161 5GP A N3    1 
HETATM 976  C C4    . 5GP C 3 .   ? -0.534  -7.021  -0.434  0.99 0.20 ? 161 5GP A C4    1 
HETATM 977  O O     . HOH D 4 .   ? -2.109  0.134   -6.480  1.00 0.30 ? 162 HOH A O     1 
HETATM 978  O O     . HOH D 4 .   ? -2.555  0.856   -9.431  1.00 0.40 ? 163 HOH A O     1 
HETATM 979  O O     . HOH D 4 .   ? -13.974 -0.277  6.642   1.00 0.46 ? 164 HOH A O     1 
HETATM 980  O O     . HOH D 4 .   ? 9.700   9.953   3.382   1.00 0.33 ? 165 HOH A O     1 
HETATM 981  O O     . HOH D 4 .   ? 4.664   10.800  6.827   1.00 0.42 ? 166 HOH A O     1 
HETATM 982  O O     . HOH D 4 .   ? 6.899   14.084  -2.162  1.00 0.34 ? 167 HOH A O     1 
HETATM 983  O O     . HOH D 4 .   ? 13.454  5.947   -1.187  1.00 0.39 ? 168 HOH A O     1 
HETATM 984  O O     . HOH D 4 .   ? 2.344   6.136   -8.185  1.00 0.37 ? 169 HOH A O     1 
HETATM 985  O O     . HOH D 4 .   ? 10.514  -14.850 -13.744 1.00 0.49 ? 170 HOH A O     1 
HETATM 986  O O     . HOH D 4 .   ? 8.402   -9.985  -4.211  1.00 0.43 ? 171 HOH A O     1 
HETATM 987  O O     . HOH D 4 .   ? 3.225   -10.078 -8.011  1.00 0.44 ? 172 HOH A O     1 
HETATM 988  O O     . HOH D 4 .   ? -6.251  9.547   -12.660 1.00 0.44 ? 173 HOH A O     1 
HETATM 989  O O     . HOH D 4 .   ? -7.402  8.977   -7.037  1.00 0.44 ? 174 HOH A O     1 
HETATM 990  O O     . HOH D 4 .   ? -4.783  9.494   -6.417  1.00 0.44 ? 175 HOH A O     1 
HETATM 991  O O     . HOH D 4 .   ? -7.506  10.709  -10.708 1.00 0.55 ? 176 HOH A O     1 
HETATM 992  O O     . HOH D 4 .   ? 2.704   13.789  -19.036 1.00 0.53 ? 177 HOH A O     1 
HETATM 993  O O     . HOH D 4 .   ? -9.047  -0.729  11.996  1.00 0.31 ? 178 HOH A O     1 
HETATM 994  O O     . HOH D 4 .   ? -6.933  -3.187  14.708  1.00 0.40 ? 179 HOH A O     1 
HETATM 995  O O     . HOH D 4 .   ? -12.032 -3.518  13.538  1.00 0.45 ? 180 HOH A O     1 
HETATM 996  O O     . HOH D 4 .   ? -10.306 -3.202  18.229  1.00 0.37 ? 181 HOH A O     1 
HETATM 997  O O     . HOH D 4 .   ? 2.170   4.157   -15.128 1.00 0.45 ? 182 HOH A O     1 
HETATM 998  O O     . HOH D 4 .   ? 1.923   -9.686  -16.225 1.00 0.18 ? 183 HOH A O     1 
HETATM 999  O O     . HOH D 4 .   ? 2.189   -5.375  4.447   1.00 0.24 ? 184 HOH A O     1 
HETATM 1000 O O     . HOH D 4 .   ? -18.711 -0.377  2.136   1.00 0.34 ? 185 HOH A O     1 
HETATM 1001 O O     . HOH D 4 .   ? 17.241  6.090   -4.943  1.00 0.45 ? 186 HOH A O     1 
HETATM 1002 O O     . HOH D 4 .   ? -7.017  10.831  -15.022 1.00 0.44 ? 187 HOH A O     1 
HETATM 1003 O O     . HOH D 4 .   ? -9.927  9.593   -16.651 1.00 0.36 ? 188 HOH A O     1 
HETATM 1004 O O     . HOH D 4 .   ? -3.024  -6.075  10.172  1.00 0.18 ? 189 HOH A O     1 
HETATM 1005 O O     . HOH D 4 .   ? 3.701   7.345   -16.112 1.00 0.43 ? 190 HOH A O     1 
HETATM 1006 O O     . HOH D 4 .   ? 14.611  3.182   0.075   1.00 0.28 ? 191 HOH A O     1 
# 
